data_4GTZ
#
_entry.id   4GTZ
#
_cell.length_a   105.210
_cell.length_b   105.210
_cell.length_c   174.668
_cell.angle_alpha   90.000
_cell.angle_beta   90.000
_cell.angle_gamma   120.000
#
_symmetry.space_group_name_H-M   'P 31'
#
loop_
_entity.id
_entity.type
_entity.pdbx_description
1 polymer 'Ectonucleotide pyrophosphatase/phosphodiesterase family member 2, Alkaline phosphodiesterase I'
2 branched alpha-D-mannopyranose-(1-3)-alpha-D-mannopyranose-(1-6)-[alpha-D-mannopyranose-(1-3)]beta-D-mannopyranose-(1-4)-2-acetamido-2-deoxy-beta-D-glucopyranose-(1-4)-2-acetamido-2-deoxy-beta-D-glucopyranose
3 branched 2-acetamido-2-deoxy-beta-D-glucopyranose-(1-4)-2-acetamido-2-deoxy-beta-D-glucopyranose
4 non-polymer 2-acetamido-2-deoxy-beta-D-glucopyranose
5 non-polymer "CYTIDINE-5'-MONOPHOSPHATE"
6 non-polymer 'ZINC ION'
7 non-polymer 'CALCIUM ION'
#
_entity_poly.entity_id   1
_entity_poly.type   'polypeptide(L)'
_entity_poly.pdbx_seq_one_letter_code
;WTNTSGSCRGRCFERTFSNCRCDAACVSLGNCCLDFQETCVEPTHIWTCNKFRCGEKRLSRFVCSCADDCKTHNDCCINY
SSVCQDKKSWVEETCESIDTPECPAEFESPPTLLFSLDGFRAEYLHTWGGLLPVISKLKNCGTYTKNMRPMYPTKTFPNH
YSIVTGLYPESHGIIDNKMYDPKMNASFSLKSKEKFNPLWYKGQPIWVTANHQEVKSGTYFWPGSDVEIDGILPDIYKVY
NGSVPFEERILAVLEWLQLPSHERPHFYTLYLEEPDSSGHSHGPVSSEVIKALQKVDRLVGMLMDGLKDLGLDKCLNLIL
ISDHGMEQGSCKKYVYLNKYLGDVNNVKVVYGPAARLRPTDVPETYYSFNYEALAKNLSCREPNQHFRPYLKPFLPKRLH
FAKSDRIEPLTFYLDPQWQLALNPSERKYCGSGFHGSDNLFSNMQALFIGYGPAFKHGAEVDSFENIEVYNLMCDLLGLI
PAPNNGSHGSLNHLLKKPIYNPSHPKEEGFLSQCPIKSTSNDLGCTCDPWIVPIKDFEKQLNLTTEDDDIYHMTVPYGRP
RILLKQHRVCLLQQQQFLTGYSLDLLMPLWASYTFLSNDQFSRDDFSNCLYQDLRIPLSPVHKCSYYKSNSKLSYGFLTP
PRLNRVSNHIYSEALLTSNIVPMYQSFQVIWHYLHDTLLQRYAHERNGINVVSGPVFDFDYDGRYDSLEILKQNSRVIRS
QEILIPTHFFIVLTSCKQLSETPLECSALESSAYILPHRPDNIESCTHGKRESSWVEELLTLHRARVTDVELITGLSFYQ
DRQESVSELLRLKTHLPIFSQED
;
_entity_poly.pdbx_strand_id   A,B
#
loop_
_chem_comp.id
_chem_comp.type
_chem_comp.name
_chem_comp.formula
BMA D-saccharide, beta linking beta-D-mannopyranose 'C6 H12 O6'
C5P non-polymer CYTIDINE-5'-MONOPHOSPHATE 'C9 H14 N3 O8 P'
CA non-polymer 'CALCIUM ION' 'Ca 2'
MAN D-saccharide, alpha linking alpha-D-mannopyranose 'C6 H12 O6'
NAG D-saccharide, beta linking 2-acetamido-2-deoxy-beta-D-glucopyranose 'C8 H15 N O6'
ZN non-polymer 'ZINC ION' 'Zn 2'
#
# COMPACT_ATOMS: atom_id res chain seq x y z
N LYS A 88 -5.79 -16.94 -35.94
CA LYS A 88 -6.52 -16.83 -34.68
C LYS A 88 -6.85 -15.38 -34.36
N SER A 89 -8.12 -15.12 -34.04
CA SER A 89 -8.57 -13.78 -33.69
C SER A 89 -8.02 -13.39 -32.32
N TRP A 90 -8.10 -12.10 -32.00
CA TRP A 90 -7.58 -11.59 -30.75
C TRP A 90 -8.26 -12.20 -29.53
N VAL A 91 -9.57 -12.41 -29.62
CA VAL A 91 -10.32 -12.98 -28.52
C VAL A 91 -9.95 -14.45 -28.27
N GLU A 92 -9.51 -15.13 -29.32
CA GLU A 92 -9.14 -16.54 -29.24
C GLU A 92 -7.77 -16.80 -28.62
N GLU A 93 -6.90 -15.80 -28.66
CA GLU A 93 -5.56 -15.89 -28.08
C GLU A 93 -5.56 -15.71 -26.56
N THR A 94 -4.57 -16.27 -25.89
CA THR A 94 -4.48 -16.16 -24.44
C THR A 94 -3.84 -14.82 -24.07
N CYS A 95 -3.65 -14.61 -22.78
CA CYS A 95 -3.05 -13.36 -22.27
C CYS A 95 -1.56 -13.25 -22.56
N GLU A 96 -1.12 -12.04 -22.92
CA GLU A 96 0.29 -11.78 -23.14
C GLU A 96 0.71 -10.53 -22.38
N SER A 97 1.76 -10.66 -21.58
CA SER A 97 2.24 -9.55 -20.78
C SER A 97 2.91 -8.51 -21.66
N ILE A 98 2.39 -7.29 -21.63
CA ILE A 98 2.97 -6.21 -22.40
C ILE A 98 3.73 -5.28 -21.46
N ASP A 99 4.86 -5.78 -20.94
CA ASP A 99 5.69 -5.04 -20.01
C ASP A 99 6.34 -3.85 -20.71
N THR A 100 6.77 -4.08 -21.95
CA THR A 100 7.35 -3.04 -22.77
C THR A 100 6.54 -2.90 -24.06
N PRO A 101 6.12 -1.67 -24.39
CA PRO A 101 5.31 -1.42 -25.58
C PRO A 101 6.01 -1.82 -26.87
N GLU A 102 5.37 -2.70 -27.64
CA GLU A 102 5.88 -3.13 -28.94
C GLU A 102 5.24 -2.33 -30.07
N CYS A 103 5.81 -1.17 -30.41
CA CYS A 103 5.19 -0.33 -31.44
C CYS A 103 5.88 -0.44 -32.79
N PRO A 104 5.08 -0.48 -33.87
CA PRO A 104 5.53 -0.44 -35.26
C PRO A 104 6.26 0.86 -35.56
N ALA A 105 6.97 0.93 -36.68
CA ALA A 105 7.66 2.16 -37.04
C ALA A 105 6.65 3.28 -37.25
N GLU A 106 7.13 4.53 -37.21
CA GLU A 106 6.30 5.73 -37.32
C GLU A 106 5.54 6.01 -36.01
N PHE A 107 5.65 5.09 -35.06
CA PHE A 107 5.04 5.27 -33.74
C PHE A 107 6.14 5.48 -32.71
N GLU A 108 6.03 6.57 -31.97
CA GLU A 108 7.03 6.89 -30.94
C GLU A 108 6.55 6.43 -29.56
N SER A 109 5.25 6.48 -29.33
CA SER A 109 4.64 6.08 -28.08
C SER A 109 3.22 5.58 -28.34
N PRO A 110 2.77 4.57 -27.59
CA PRO A 110 1.43 4.00 -27.75
C PRO A 110 0.34 5.04 -27.55
N PRO A 111 -0.58 5.16 -28.53
CA PRO A 111 -1.73 6.07 -28.44
C PRO A 111 -2.74 5.61 -27.40
N THR A 112 -3.73 6.46 -27.10
CA THR A 112 -4.74 6.13 -26.11
C THR A 112 -6.17 6.26 -26.64
N LEU A 113 -6.90 5.15 -26.68
CA LEU A 113 -8.28 5.16 -27.15
C LEU A 113 -9.28 5.05 -25.99
N LEU A 114 -10.25 5.96 -25.96
CA LEU A 114 -11.31 5.94 -24.96
C LEU A 114 -12.62 5.42 -25.56
N PHE A 115 -12.91 4.15 -25.28
CA PHE A 115 -14.09 3.48 -25.82
C PHE A 115 -15.24 3.49 -24.80
N SER A 116 -16.35 4.13 -25.17
CA SER A 116 -17.49 4.23 -24.26
C SER A 116 -18.68 3.40 -24.72
N LEU A 117 -19.32 2.73 -23.76
CA LEU A 117 -20.53 1.96 -24.02
C LEU A 117 -21.63 2.50 -23.13
N ASP A 118 -22.46 3.38 -23.67
CA ASP A 118 -23.47 4.07 -22.87
C ASP A 118 -24.43 3.10 -22.20
N GLY A 119 -24.69 3.33 -20.91
CA GLY A 119 -25.65 2.54 -20.18
C GLY A 119 -25.18 1.16 -19.80
N PHE A 120 -23.86 0.97 -19.78
CA PHE A 120 -23.28 -0.32 -19.41
C PHE A 120 -23.18 -0.38 -17.90
N ARG A 121 -24.23 -0.88 -17.27
CA ARG A 121 -24.27 -1.01 -15.83
C ARG A 121 -23.21 -2.01 -15.38
N ALA A 122 -22.60 -1.75 -14.23
CA ALA A 122 -21.50 -2.57 -13.75
C ALA A 122 -21.92 -4.01 -13.48
N GLU A 123 -23.18 -4.20 -13.11
CA GLU A 123 -23.71 -5.52 -12.81
C GLU A 123 -23.75 -6.42 -14.04
N TYR A 124 -23.78 -5.82 -15.22
CA TYR A 124 -23.81 -6.58 -16.47
C TYR A 124 -22.64 -7.54 -16.62
N LEU A 125 -21.43 -7.03 -16.44
CA LEU A 125 -20.23 -7.87 -16.58
C LEU A 125 -20.08 -8.84 -15.42
N HIS A 126 -20.58 -8.46 -14.25
CA HIS A 126 -20.54 -9.34 -13.09
C HIS A 126 -21.34 -10.60 -13.37
N THR A 127 -22.52 -10.41 -13.93
CA THR A 127 -23.44 -11.53 -14.13
C THR A 127 -23.27 -12.21 -15.49
N TRP A 128 -23.19 -11.41 -16.55
CA TRP A 128 -23.14 -11.92 -17.92
C TRP A 128 -21.74 -11.98 -18.51
N GLY A 129 -20.76 -12.35 -17.68
CA GLY A 129 -19.38 -12.46 -18.13
C GLY A 129 -19.19 -13.58 -19.12
N GLY A 130 -19.92 -14.67 -18.94
CA GLY A 130 -19.81 -15.83 -19.81
C GLY A 130 -20.39 -15.61 -21.19
N LEU A 131 -21.16 -14.54 -21.34
CA LEU A 131 -21.77 -14.21 -22.62
C LEU A 131 -20.96 -13.15 -23.35
N LEU A 132 -19.96 -12.59 -22.67
CA LEU A 132 -19.14 -11.54 -23.27
C LEU A 132 -17.67 -11.97 -23.25
N PRO A 133 -17.27 -12.79 -24.24
CA PRO A 133 -15.92 -13.36 -24.30
C PRO A 133 -14.84 -12.30 -24.57
N VAL A 134 -15.16 -11.30 -25.38
CA VAL A 134 -14.19 -10.26 -25.71
C VAL A 134 -13.94 -9.37 -24.51
N ILE A 135 -15.01 -8.89 -23.89
CA ILE A 135 -14.91 -8.01 -22.74
C ILE A 135 -14.24 -8.72 -21.57
N SER A 136 -14.54 -10.01 -21.41
CA SER A 136 -13.95 -10.80 -20.33
C SER A 136 -12.44 -10.93 -20.48
N LYS A 137 -11.95 -11.04 -21.71
CA LYS A 137 -10.51 -11.16 -21.91
C LYS A 137 -9.80 -9.84 -21.58
N LEU A 138 -10.42 -8.73 -21.95
CA LEU A 138 -9.91 -7.40 -21.60
C LEU A 138 -9.89 -7.20 -20.09
N LYS A 139 -10.86 -7.80 -19.41
CA LYS A 139 -10.94 -7.74 -17.96
C LYS A 139 -9.81 -8.55 -17.33
N ASN A 140 -9.64 -9.77 -17.83
CA ASN A 140 -8.68 -10.72 -17.28
C ASN A 140 -7.20 -10.39 -17.58
N CYS A 141 -6.96 -9.60 -18.62
CA CYS A 141 -5.60 -9.25 -19.01
C CYS A 141 -5.28 -7.79 -18.77
N GLY A 142 -6.21 -7.09 -18.14
CA GLY A 142 -6.03 -5.67 -17.89
C GLY A 142 -6.36 -5.32 -16.46
N THR A 143 -6.56 -4.04 -16.21
CA THR A 143 -6.94 -3.58 -14.88
C THR A 143 -8.43 -3.32 -14.81
N TYR A 144 -9.10 -4.04 -13.93
CA TYR A 144 -10.56 -3.98 -13.84
C TYR A 144 -11.01 -3.54 -12.45
N THR A 145 -12.19 -2.95 -12.38
CA THR A 145 -12.78 -2.57 -11.11
C THR A 145 -14.26 -2.96 -11.10
N LYS A 146 -14.66 -3.69 -10.06
CA LYS A 146 -16.04 -4.14 -9.90
C LYS A 146 -17.07 -3.05 -10.14
N ASN A 147 -16.82 -1.88 -9.57
CA ASN A 147 -17.73 -0.75 -9.70
C ASN A 147 -17.00 0.56 -9.91
N MET A 148 -17.39 1.30 -10.93
CA MET A 148 -16.86 2.65 -11.12
C MET A 148 -17.93 3.68 -10.80
N ARG A 149 -17.65 4.55 -9.84
CA ARG A 149 -18.64 5.51 -9.41
C ARG A 149 -18.70 6.71 -10.34
N PRO A 150 -19.89 6.96 -10.91
CA PRO A 150 -20.13 8.08 -11.84
C PRO A 150 -20.53 9.34 -11.09
N MET A 151 -20.76 10.43 -11.81
CA MET A 151 -21.13 11.68 -11.16
C MET A 151 -22.65 11.81 -11.03
N TYR A 152 -23.09 12.84 -10.32
CA TYR A 152 -24.52 13.07 -10.10
C TYR A 152 -24.99 14.31 -10.86
N PRO A 153 -26.15 14.21 -11.54
CA PRO A 153 -26.99 13.01 -11.72
C PRO A 153 -26.39 12.02 -12.71
N THR A 154 -26.86 10.78 -12.68
CA THR A 154 -26.30 9.74 -13.52
C THR A 154 -26.87 9.80 -14.94
N LYS A 155 -26.41 10.78 -15.71
CA LYS A 155 -26.87 11.01 -17.08
C LYS A 155 -25.68 10.96 -18.03
N THR A 156 -25.94 10.77 -19.32
CA THR A 156 -24.88 10.63 -20.31
C THR A 156 -23.96 11.84 -20.39
N PHE A 157 -24.52 12.98 -20.78
CA PHE A 157 -23.74 14.21 -20.98
C PHE A 157 -22.94 14.70 -19.77
N PRO A 158 -23.55 14.76 -18.57
CA PRO A 158 -22.74 15.22 -17.43
C PRO A 158 -21.56 14.31 -17.16
N ASN A 159 -21.79 13.01 -17.18
CA ASN A 159 -20.74 12.02 -16.91
C ASN A 159 -19.69 11.92 -18.01
N HIS A 160 -20.13 11.84 -19.26
CA HIS A 160 -19.21 11.78 -20.40
C HIS A 160 -18.28 12.98 -20.45
N TYR A 161 -18.79 14.13 -20.02
CA TYR A 161 -18.01 15.36 -20.01
C TYR A 161 -17.15 15.47 -18.75
N SER A 162 -17.60 14.85 -17.66
CA SER A 162 -16.82 14.84 -16.42
C SER A 162 -15.61 13.94 -16.56
N ILE A 163 -15.73 12.90 -17.38
CA ILE A 163 -14.62 12.00 -17.65
C ILE A 163 -13.46 12.74 -18.31
N VAL A 164 -13.76 13.51 -19.35
CA VAL A 164 -12.74 14.18 -20.13
C VAL A 164 -12.31 15.54 -19.57
N THR A 165 -12.94 15.97 -18.48
CA THR A 165 -12.57 17.24 -17.86
C THR A 165 -12.06 17.04 -16.44
N GLY A 166 -12.45 15.92 -15.82
CA GLY A 166 -12.09 15.62 -14.46
C GLY A 166 -12.73 16.55 -13.46
N LEU A 167 -13.82 17.19 -13.89
CA LEU A 167 -14.51 18.16 -13.05
C LEU A 167 -15.87 17.66 -12.61
N TYR A 168 -16.33 18.16 -11.48
CA TYR A 168 -17.69 17.91 -11.01
C TYR A 168 -18.67 18.60 -11.96
N PRO A 169 -19.84 17.99 -12.17
CA PRO A 169 -20.86 18.58 -13.04
C PRO A 169 -21.25 20.00 -12.65
N GLU A 170 -21.18 20.30 -11.35
CA GLU A 170 -21.52 21.63 -10.87
C GLU A 170 -20.50 22.67 -11.33
N SER A 171 -19.37 22.20 -11.85
CA SER A 171 -18.28 23.09 -12.22
C SER A 171 -18.00 23.12 -13.73
N HIS A 172 -18.33 22.05 -14.45
CA HIS A 172 -18.05 22.03 -15.89
C HIS A 172 -19.23 22.45 -16.75
N GLY A 173 -20.35 22.76 -16.09
CA GLY A 173 -21.49 23.35 -16.77
C GLY A 173 -22.59 22.42 -17.24
N ILE A 174 -22.21 21.19 -17.60
CA ILE A 174 -23.20 20.23 -18.09
C ILE A 174 -23.84 19.49 -16.93
N ILE A 175 -24.89 20.08 -16.37
CA ILE A 175 -25.54 19.54 -15.19
C ILE A 175 -26.42 18.33 -15.49
N ASP A 176 -27.18 18.41 -16.58
CA ASP A 176 -28.09 17.33 -16.96
C ASP A 176 -28.23 17.30 -18.49
N ASN A 177 -28.86 16.25 -19.01
CA ASN A 177 -29.17 16.21 -20.45
C ASN A 177 -30.10 17.35 -20.83
N LYS A 178 -31.08 17.61 -19.96
CA LYS A 178 -31.98 18.73 -20.15
C LYS A 178 -31.88 19.65 -18.94
N MET A 179 -31.56 20.91 -19.19
CA MET A 179 -31.38 21.89 -18.12
C MET A 179 -31.70 23.29 -18.61
N TYR A 180 -31.47 24.28 -17.75
CA TYR A 180 -31.75 25.66 -18.11
C TYR A 180 -30.84 26.64 -17.35
N ASP A 181 -30.35 27.63 -18.09
CA ASP A 181 -29.52 28.69 -17.52
C ASP A 181 -30.29 30.00 -17.44
N PRO A 182 -30.50 30.50 -16.22
CA PRO A 182 -31.23 31.76 -15.99
C PRO A 182 -30.51 32.98 -16.56
N LYS A 183 -29.19 33.03 -16.39
CA LYS A 183 -28.40 34.17 -16.83
C LYS A 183 -28.34 34.28 -18.36
N MET A 184 -28.71 33.21 -19.05
CA MET A 184 -28.74 33.20 -20.51
C MET A 184 -30.17 33.20 -21.05
N ASN A 185 -31.12 32.83 -20.20
CA ASN A 185 -32.52 32.68 -20.58
C ASN A 185 -32.63 31.71 -21.75
N ALA A 186 -31.97 30.56 -21.61
CA ALA A 186 -31.97 29.55 -22.66
C ALA A 186 -31.97 28.15 -22.07
N SER A 187 -32.64 27.23 -22.74
CA SER A 187 -32.71 25.86 -22.29
C SER A 187 -31.67 25.02 -23.01
N PHE A 188 -31.42 23.83 -22.50
CA PHE A 188 -30.42 22.94 -23.09
C PHE A 188 -31.05 21.58 -23.34
N SER A 189 -30.71 20.99 -24.49
CA SER A 189 -31.21 19.67 -24.85
C SER A 189 -30.28 18.98 -25.84
N LEU A 190 -30.36 17.65 -25.88
CA LEU A 190 -29.54 16.86 -26.78
C LEU A 190 -29.97 17.12 -28.21
N LYS A 191 -31.28 17.18 -28.42
CA LYS A 191 -31.84 17.52 -29.73
C LYS A 191 -32.22 19.00 -29.78
N SER A 192 -31.22 19.87 -29.82
CA SER A 192 -31.45 21.31 -29.81
C SER A 192 -30.27 22.08 -30.39
N LYS A 193 -30.54 23.31 -30.84
CA LYS A 193 -29.49 24.15 -31.43
C LYS A 193 -28.59 24.73 -30.34
N GLU A 194 -29.12 24.81 -29.12
CA GLU A 194 -28.36 25.34 -28.00
C GLU A 194 -27.26 24.38 -27.55
N LYS A 195 -27.38 23.13 -27.96
CA LYS A 195 -26.38 22.12 -27.63
C LYS A 195 -24.99 22.46 -28.17
N PHE A 196 -24.93 23.02 -29.37
CA PHE A 196 -23.65 23.33 -30.00
C PHE A 196 -23.12 24.69 -29.57
N ASN A 197 -23.74 25.26 -28.54
CA ASN A 197 -23.32 26.54 -28.00
C ASN A 197 -22.22 26.43 -26.95
N PRO A 198 -21.05 27.01 -27.27
CA PRO A 198 -19.85 26.94 -26.43
C PRO A 198 -20.03 27.64 -25.08
N LEU A 199 -21.14 28.36 -24.90
CA LEU A 199 -21.36 29.05 -23.64
C LEU A 199 -21.81 28.10 -22.54
N TRP A 200 -22.16 26.88 -22.91
CA TRP A 200 -22.61 25.88 -21.95
C TRP A 200 -21.42 25.12 -21.36
N TYR A 201 -20.47 24.78 -22.22
CA TYR A 201 -19.35 23.96 -21.82
C TYR A 201 -18.26 24.75 -21.13
N LYS A 202 -18.10 24.53 -19.83
CA LYS A 202 -17.04 25.19 -19.07
C LYS A 202 -15.90 24.20 -18.88
N GLY A 203 -14.88 24.61 -18.13
CA GLY A 203 -13.74 23.74 -17.88
C GLY A 203 -12.87 23.52 -19.11
N GLN A 204 -12.11 22.44 -19.11
CA GLN A 204 -11.22 22.13 -20.22
C GLN A 204 -11.10 20.63 -20.52
N PRO A 205 -11.73 20.17 -21.60
CA PRO A 205 -11.66 18.76 -21.97
C PRO A 205 -10.25 18.35 -22.42
N ILE A 206 -10.00 17.05 -22.45
CA ILE A 206 -8.67 16.49 -22.71
C ILE A 206 -8.11 16.85 -24.10
N TRP A 207 -8.97 16.89 -25.11
CA TRP A 207 -8.53 17.21 -26.47
C TRP A 207 -8.07 18.66 -26.61
N VAL A 208 -8.65 19.53 -25.79
CA VAL A 208 -8.24 20.93 -25.72
C VAL A 208 -6.89 20.99 -25.00
N THR A 209 -6.77 20.19 -23.95
CA THR A 209 -5.53 20.11 -23.20
C THR A 209 -4.42 19.59 -24.10
N ALA A 210 -4.73 18.56 -24.89
CA ALA A 210 -3.76 17.99 -25.81
C ALA A 210 -3.32 18.98 -26.89
N ASN A 211 -4.26 19.81 -27.34
CA ASN A 211 -3.98 20.79 -28.38
C ASN A 211 -3.00 21.88 -27.93
N HIS A 212 -3.12 22.32 -26.69
CA HIS A 212 -2.25 23.35 -26.16
C HIS A 212 -0.83 22.85 -25.98
N GLN A 213 -0.68 21.54 -25.88
CA GLN A 213 0.64 20.93 -25.69
C GLN A 213 1.07 20.14 -26.93
N GLU A 214 0.54 20.53 -28.07
CA GLU A 214 0.94 19.98 -29.37
C GLU A 214 0.74 18.47 -29.49
N VAL A 215 -0.46 18.02 -29.14
CA VAL A 215 -0.81 16.61 -29.28
C VAL A 215 -2.12 16.46 -30.06
N LYS A 216 -2.05 15.79 -31.20
CA LYS A 216 -3.22 15.62 -32.05
C LYS A 216 -4.22 14.65 -31.42
N SER A 217 -5.50 14.87 -31.69
CA SER A 217 -6.55 14.05 -31.12
C SER A 217 -7.67 13.83 -32.14
N GLY A 218 -8.09 12.57 -32.27
CA GLY A 218 -9.15 12.21 -33.19
C GLY A 218 -10.30 11.57 -32.45
N THR A 219 -11.39 12.30 -32.35
CA THR A 219 -12.54 11.86 -31.57
C THR A 219 -13.70 11.40 -32.46
N TYR A 220 -14.61 10.62 -31.88
CA TYR A 220 -15.77 10.16 -32.62
C TYR A 220 -17.02 10.09 -31.75
N PHE A 221 -17.89 11.09 -31.89
CA PHE A 221 -19.18 11.14 -31.19
C PHE A 221 -19.03 11.19 -29.68
N TRP A 222 -18.13 12.03 -29.19
CA TRP A 222 -18.03 12.24 -27.74
C TRP A 222 -18.62 13.60 -27.39
N PRO A 223 -19.44 13.63 -26.33
CA PRO A 223 -20.08 14.87 -25.87
C PRO A 223 -19.05 15.97 -25.64
N GLY A 224 -19.18 17.02 -26.44
CA GLY A 224 -18.27 18.15 -26.36
C GLY A 224 -17.28 18.17 -27.51
N SER A 225 -17.31 17.14 -28.35
CA SER A 225 -16.42 17.08 -29.51
C SER A 225 -16.98 17.89 -30.67
N ASP A 226 -18.30 17.93 -30.76
CA ASP A 226 -18.98 18.70 -31.79
C ASP A 226 -18.81 20.20 -31.59
N VAL A 227 -18.90 20.63 -30.35
CA VAL A 227 -18.75 22.04 -30.00
C VAL A 227 -17.31 22.47 -29.83
N GLU A 228 -16.99 23.71 -30.22
CA GLU A 228 -15.64 24.20 -30.02
C GLU A 228 -15.57 24.91 -28.68
N ILE A 229 -14.68 24.43 -27.81
CA ILE A 229 -14.47 25.04 -26.50
C ILE A 229 -13.15 25.81 -26.50
N ASP A 230 -13.20 27.06 -26.04
CA ASP A 230 -12.03 27.95 -26.05
C ASP A 230 -11.45 28.10 -27.46
N GLY A 231 -12.32 28.04 -28.45
CA GLY A 231 -11.95 28.18 -29.85
C GLY A 231 -11.12 27.04 -30.40
N ILE A 232 -11.16 25.89 -29.74
CA ILE A 232 -10.39 24.73 -30.15
C ILE A 232 -11.28 23.56 -30.52
N LEU A 233 -10.96 22.90 -31.62
CA LEU A 233 -11.68 21.71 -32.04
C LEU A 233 -10.64 20.62 -32.24
N PRO A 234 -11.01 19.35 -31.94
CA PRO A 234 -10.15 18.20 -32.16
C PRO A 234 -9.75 18.07 -33.63
N ASP A 235 -8.51 17.63 -33.86
CA ASP A 235 -7.96 17.56 -35.21
C ASP A 235 -8.82 16.72 -36.14
N ILE A 236 -9.47 15.71 -35.59
CA ILE A 236 -10.45 14.94 -36.35
C ILE A 236 -11.72 14.75 -35.54
N TYR A 237 -12.83 15.34 -35.99
CA TYR A 237 -14.07 15.21 -35.26
C TYR A 237 -15.23 14.86 -36.19
N LYS A 238 -16.36 14.49 -35.59
CA LYS A 238 -17.57 14.17 -36.35
C LYS A 238 -18.80 14.60 -35.55
N VAL A 239 -19.60 15.51 -36.11
CA VAL A 239 -20.84 15.94 -35.48
C VAL A 239 -21.78 14.76 -35.28
N TYR A 240 -22.38 14.68 -34.09
CA TYR A 240 -23.14 13.50 -33.70
C TYR A 240 -24.31 13.16 -34.63
N ASN A 241 -24.31 11.91 -35.09
CA ASN A 241 -25.37 11.37 -35.93
C ASN A 241 -25.61 9.93 -35.51
N GLY A 242 -26.66 9.72 -34.71
CA GLY A 242 -26.94 8.41 -34.16
C GLY A 242 -27.35 7.36 -35.19
N SER A 243 -27.54 7.78 -36.44
CA SER A 243 -27.94 6.86 -37.49
C SER A 243 -26.73 6.13 -38.04
N VAL A 244 -25.54 6.66 -37.77
CA VAL A 244 -24.31 6.05 -38.26
C VAL A 244 -24.10 4.70 -37.59
N PRO A 245 -23.98 3.64 -38.41
CA PRO A 245 -23.79 2.27 -37.91
C PRO A 245 -22.50 2.12 -37.10
N PHE A 246 -22.55 1.28 -36.07
CA PHE A 246 -21.45 1.11 -35.14
C PHE A 246 -20.18 0.62 -35.83
N GLU A 247 -20.36 -0.35 -36.74
CA GLU A 247 -19.25 -0.95 -37.46
C GLU A 247 -18.44 0.09 -38.24
N GLU A 248 -19.11 1.15 -38.70
CA GLU A 248 -18.45 2.20 -39.46
C GLU A 248 -17.63 3.10 -38.53
N ARG A 249 -18.06 3.20 -37.29
CA ARG A 249 -17.37 4.02 -36.29
C ARG A 249 -16.03 3.38 -35.94
N ILE A 250 -16.02 2.06 -35.81
CA ILE A 250 -14.80 1.34 -35.47
C ILE A 250 -13.81 1.48 -36.62
N LEU A 251 -14.29 1.26 -37.84
CA LEU A 251 -13.45 1.34 -39.03
C LEU A 251 -12.92 2.76 -39.22
N ALA A 252 -13.71 3.75 -38.83
CA ALA A 252 -13.32 5.14 -38.94
C ALA A 252 -12.08 5.43 -38.11
N VAL A 253 -12.06 4.88 -36.89
CA VAL A 253 -10.92 5.06 -36.00
C VAL A 253 -9.74 4.26 -36.52
N LEU A 254 -10.01 3.06 -37.02
CA LEU A 254 -8.98 2.22 -37.60
C LEU A 254 -8.30 2.86 -38.81
N GLU A 255 -9.06 3.65 -39.56
CA GLU A 255 -8.52 4.34 -40.73
C GLU A 255 -7.61 5.50 -40.30
N TRP A 256 -7.95 6.15 -39.19
CA TRP A 256 -7.18 7.26 -38.67
C TRP A 256 -5.83 6.81 -38.12
N LEU A 257 -5.79 5.59 -37.60
CA LEU A 257 -4.57 4.99 -37.05
C LEU A 257 -3.49 4.77 -38.13
N GLN A 258 -3.87 4.89 -39.40
CA GLN A 258 -2.96 4.63 -40.50
C GLN A 258 -2.40 5.92 -41.11
N LEU A 259 -2.85 7.05 -40.57
CA LEU A 259 -2.41 8.39 -40.99
C LEU A 259 -0.92 8.62 -40.72
N PRO A 260 -0.26 9.49 -41.50
CA PRO A 260 1.16 9.82 -41.31
C PRO A 260 1.48 10.27 -39.88
N SER A 261 2.70 10.04 -39.43
CA SER A 261 3.09 10.31 -38.04
C SER A 261 2.84 11.75 -37.58
N HIS A 262 2.82 12.68 -38.53
CA HIS A 262 2.61 14.08 -38.19
C HIS A 262 1.14 14.46 -38.20
N GLU A 263 0.33 13.67 -38.89
CA GLU A 263 -1.08 13.98 -39.00
C GLU A 263 -1.91 12.89 -38.33
N ARG A 264 -1.24 12.03 -37.57
CA ARG A 264 -1.91 10.95 -36.87
C ARG A 264 -2.14 11.35 -35.42
N PRO A 265 -3.39 11.26 -34.95
CA PRO A 265 -3.74 11.59 -33.56
C PRO A 265 -3.09 10.64 -32.56
N HIS A 266 -2.91 11.12 -31.33
CA HIS A 266 -2.28 10.33 -30.29
C HIS A 266 -3.35 9.94 -29.27
N PHE A 267 -4.47 10.67 -29.32
CA PHE A 267 -5.62 10.39 -28.46
C PHE A 267 -6.89 10.17 -29.28
N TYR A 268 -7.65 9.13 -28.93
CA TYR A 268 -8.84 8.76 -29.68
C TYR A 268 -10.05 8.49 -28.78
N THR A 269 -11.26 8.76 -29.27
CA THR A 269 -12.48 8.43 -28.54
C THR A 269 -13.44 7.63 -29.40
N LEU A 270 -14.27 6.82 -28.74
CA LEU A 270 -15.31 6.04 -29.40
C LEU A 270 -16.58 5.96 -28.56
N TYR A 271 -17.74 6.14 -29.19
CA TYR A 271 -19.00 6.10 -28.45
C TYR A 271 -20.06 5.25 -29.13
N LEU A 272 -20.73 4.42 -28.34
CA LEU A 272 -21.83 3.58 -28.81
C LEU A 272 -23.04 3.81 -27.89
N GLU A 273 -24.23 3.87 -28.46
CA GLU A 273 -25.44 4.11 -27.67
C GLU A 273 -25.94 2.89 -26.90
N GLU A 274 -25.35 1.73 -27.17
CA GLU A 274 -25.74 0.50 -26.48
C GLU A 274 -24.79 0.21 -25.31
N PRO A 275 -25.31 -0.46 -24.26
CA PRO A 275 -26.69 -0.95 -24.11
C PRO A 275 -27.65 0.02 -23.41
N ASP A 276 -27.43 1.32 -23.52
CA ASP A 276 -28.34 2.28 -22.91
C ASP A 276 -29.69 2.24 -23.61
N SER A 277 -29.66 2.21 -24.94
CA SER A 277 -30.87 2.20 -25.75
C SER A 277 -31.74 0.98 -25.46
N SER A 278 -31.13 -0.20 -25.47
CA SER A 278 -31.86 -1.42 -25.19
C SER A 278 -32.26 -1.47 -23.72
N GLY A 279 -31.49 -0.79 -22.88
CA GLY A 279 -31.76 -0.74 -21.46
C GLY A 279 -33.01 0.04 -21.12
N HIS A 280 -33.22 1.14 -21.83
CA HIS A 280 -34.38 1.97 -21.59
C HIS A 280 -35.65 1.25 -22.04
N SER A 281 -35.63 0.71 -23.25
CA SER A 281 -36.84 0.19 -23.88
C SER A 281 -37.31 -1.17 -23.33
N HIS A 282 -36.41 -1.93 -22.72
CA HIS A 282 -36.78 -3.28 -22.28
C HIS A 282 -36.39 -3.63 -20.84
N GLY A 283 -35.52 -2.81 -20.25
CA GLY A 283 -35.10 -3.03 -18.87
C GLY A 283 -33.75 -3.69 -18.76
N PRO A 284 -33.09 -3.51 -17.61
CA PRO A 284 -31.76 -4.08 -17.37
C PRO A 284 -31.74 -5.61 -17.48
N VAL A 285 -32.81 -6.26 -17.06
CA VAL A 285 -32.92 -7.71 -17.16
C VAL A 285 -33.89 -8.08 -18.29
N SER A 286 -33.36 -8.23 -19.50
CA SER A 286 -34.18 -8.54 -20.66
C SER A 286 -33.39 -9.32 -21.71
N SER A 287 -34.08 -9.79 -22.74
CA SER A 287 -33.40 -10.49 -23.81
C SER A 287 -32.75 -9.48 -24.73
N GLU A 288 -33.28 -8.26 -24.73
CA GLU A 288 -32.77 -7.23 -25.64
C GLU A 288 -31.43 -6.68 -25.16
N VAL A 289 -31.22 -6.62 -23.86
CA VAL A 289 -29.93 -6.16 -23.33
C VAL A 289 -28.84 -7.21 -23.50
N ILE A 290 -29.22 -8.48 -23.37
CA ILE A 290 -28.29 -9.59 -23.60
C ILE A 290 -27.84 -9.59 -25.05
N LYS A 291 -28.79 -9.40 -25.96
CA LYS A 291 -28.48 -9.29 -27.38
C LYS A 291 -27.64 -8.04 -27.65
N ALA A 292 -27.91 -6.99 -26.88
CA ALA A 292 -27.17 -5.75 -27.00
C ALA A 292 -25.76 -5.87 -26.43
N LEU A 293 -25.64 -6.54 -25.29
CA LEU A 293 -24.35 -6.75 -24.67
C LEU A 293 -23.47 -7.60 -25.58
N GLN A 294 -24.07 -8.62 -26.16
CA GLN A 294 -23.37 -9.49 -27.10
C GLN A 294 -23.02 -8.74 -28.36
N LYS A 295 -23.89 -7.84 -28.77
CA LYS A 295 -23.65 -7.02 -29.97
C LYS A 295 -22.48 -6.09 -29.71
N VAL A 296 -22.45 -5.47 -28.55
CA VAL A 296 -21.37 -4.57 -28.18
C VAL A 296 -20.07 -5.34 -27.96
N ASP A 297 -20.20 -6.57 -27.46
CA ASP A 297 -19.05 -7.41 -27.19
C ASP A 297 -18.32 -7.83 -28.46
N ARG A 298 -19.09 -8.18 -29.50
CA ARG A 298 -18.48 -8.60 -30.75
C ARG A 298 -17.84 -7.40 -31.45
N LEU A 299 -18.43 -6.22 -31.25
CA LEU A 299 -17.94 -4.99 -31.86
C LEU A 299 -16.58 -4.57 -31.29
N VAL A 300 -16.37 -4.81 -30.01
CA VAL A 300 -15.08 -4.55 -29.39
C VAL A 300 -14.11 -5.58 -29.93
N GLY A 301 -14.59 -6.80 -30.12
CA GLY A 301 -13.80 -7.87 -30.70
C GLY A 301 -13.39 -7.50 -32.12
N MET A 302 -14.25 -6.76 -32.81
CA MET A 302 -13.92 -6.29 -34.15
C MET A 302 -12.79 -5.27 -34.09
N LEU A 303 -12.83 -4.42 -33.07
CA LEU A 303 -11.78 -3.43 -32.86
C LEU A 303 -10.43 -4.07 -32.55
N MET A 304 -10.45 -5.06 -31.66
CA MET A 304 -9.23 -5.75 -31.25
C MET A 304 -8.59 -6.57 -32.36
N ASP A 305 -9.44 -7.17 -33.20
CA ASP A 305 -8.96 -7.88 -34.38
C ASP A 305 -8.39 -6.90 -35.40
N GLY A 306 -9.00 -5.71 -35.46
CA GLY A 306 -8.54 -4.66 -36.35
C GLY A 306 -7.20 -4.10 -35.92
N LEU A 307 -7.00 -4.01 -34.60
CA LEU A 307 -5.72 -3.55 -34.04
C LEU A 307 -4.63 -4.58 -34.29
N LYS A 308 -4.99 -5.85 -34.28
CA LYS A 308 -4.03 -6.93 -34.50
C LYS A 308 -3.54 -6.97 -35.94
N ASP A 309 -4.45 -6.73 -36.88
CA ASP A 309 -4.09 -6.72 -38.30
C ASP A 309 -3.24 -5.51 -38.66
N LEU A 310 -3.24 -4.50 -37.78
CA LEU A 310 -2.42 -3.32 -37.97
C LEU A 310 -1.14 -3.43 -37.15
N GLY A 311 -1.02 -4.52 -36.40
CA GLY A 311 0.15 -4.76 -35.57
C GLY A 311 0.24 -3.79 -34.40
N LEU A 312 -0.91 -3.47 -33.82
CA LEU A 312 -0.98 -2.49 -32.74
C LEU A 312 -1.66 -3.06 -31.50
N ASP A 313 -1.92 -4.37 -31.51
CA ASP A 313 -2.60 -5.03 -30.41
C ASP A 313 -1.77 -5.00 -29.12
N LYS A 314 -0.47 -4.79 -29.27
CA LYS A 314 0.42 -4.61 -28.13
C LYS A 314 1.06 -3.21 -28.16
N CYS A 315 0.36 -2.24 -28.74
CA CYS A 315 0.90 -0.89 -28.84
C CYS A 315 -0.17 0.19 -28.62
N LEU A 316 -1.28 -0.19 -27.98
CA LEU A 316 -2.36 0.75 -27.73
C LEU A 316 -2.88 0.67 -26.30
N ASN A 317 -3.11 1.84 -25.70
CA ASN A 317 -3.75 1.90 -24.39
C ASN A 317 -5.25 2.05 -24.57
N LEU A 318 -5.98 1.03 -24.15
CA LEU A 318 -7.43 1.03 -24.28
C LEU A 318 -8.12 1.25 -22.93
N ILE A 319 -9.06 2.19 -22.91
CA ILE A 319 -9.89 2.42 -21.72
C ILE A 319 -11.35 2.20 -22.06
N LEU A 320 -11.85 1.02 -21.75
CA LEU A 320 -13.24 0.67 -22.00
C LEU A 320 -14.11 1.14 -20.82
N ILE A 321 -14.87 2.20 -21.05
CA ILE A 321 -15.58 2.88 -19.96
C ILE A 321 -17.07 3.04 -20.26
N SER A 322 -17.85 3.43 -19.26
CA SER A 322 -19.26 3.78 -19.48
C SER A 322 -19.62 5.00 -18.62
N ASP A 323 -20.75 5.62 -18.95
CA ASP A 323 -21.18 6.86 -18.29
C ASP A 323 -21.96 6.63 -17.01
N HIS A 324 -22.81 5.61 -17.00
CA HIS A 324 -23.68 5.34 -15.87
C HIS A 324 -24.24 3.93 -15.94
N GLY A 325 -25.17 3.62 -15.04
CA GLY A 325 -25.80 2.32 -15.00
C GLY A 325 -27.21 2.36 -15.55
N MET A 326 -28.04 1.42 -15.10
CA MET A 326 -29.41 1.32 -15.57
C MET A 326 -30.29 0.69 -14.49
N GLU A 327 -31.44 1.29 -14.25
CA GLU A 327 -32.38 0.80 -13.24
C GLU A 327 -33.77 0.55 -13.82
N GLN A 328 -34.45 -0.48 -13.33
CA GLN A 328 -35.78 -0.81 -13.81
C GLN A 328 -36.85 0.09 -13.18
N GLY A 329 -37.48 0.92 -14.00
CA GLY A 329 -38.54 1.80 -13.56
C GLY A 329 -39.88 1.10 -13.46
N SER A 330 -40.80 1.68 -12.70
CA SER A 330 -42.13 1.08 -12.53
C SER A 330 -43.19 2.16 -12.49
N CYS A 331 -44.39 1.83 -12.97
CA CYS A 331 -45.53 2.75 -12.93
C CYS A 331 -46.03 2.96 -11.51
N LYS A 332 -45.95 1.90 -10.71
CA LYS A 332 -46.41 1.95 -9.34
C LYS A 332 -45.42 2.76 -8.49
N LYS A 333 -44.16 2.81 -8.93
CA LYS A 333 -43.11 3.54 -8.21
C LYS A 333 -42.74 4.84 -8.91
N TYR A 334 -43.72 5.75 -9.00
CA TYR A 334 -43.51 7.06 -9.61
C TYR A 334 -44.21 8.14 -8.79
N VAL A 335 -43.58 9.30 -8.68
CA VAL A 335 -44.13 10.39 -7.88
C VAL A 335 -44.62 11.56 -8.74
N TYR A 336 -45.87 11.97 -8.55
CA TYR A 336 -46.43 13.09 -9.30
C TYR A 336 -46.74 14.25 -8.35
N LEU A 337 -46.10 15.39 -8.61
CA LEU A 337 -46.20 16.55 -7.74
C LEU A 337 -47.61 17.16 -7.66
N ASN A 338 -48.42 16.95 -8.70
CA ASN A 338 -49.76 17.53 -8.75
C ASN A 338 -50.63 17.05 -7.60
N LYS A 339 -50.35 15.85 -7.10
CA LYS A 339 -51.12 15.26 -6.01
C LYS A 339 -51.02 16.08 -4.73
N TYR A 340 -49.97 16.88 -4.59
CA TYR A 340 -49.77 17.71 -3.41
C TYR A 340 -49.99 19.19 -3.74
N LEU A 341 -49.86 19.53 -5.03
CA LEU A 341 -49.95 20.92 -5.47
C LEU A 341 -51.20 21.23 -6.31
N GLY A 342 -51.62 20.26 -7.12
CA GLY A 342 -52.74 20.46 -8.02
C GLY A 342 -52.25 20.76 -9.43
N ASP A 343 -53.16 20.77 -10.40
CA ASP A 343 -52.80 21.06 -11.79
C ASP A 343 -52.38 22.51 -11.95
N VAL A 344 -51.25 22.85 -11.34
CA VAL A 344 -50.71 24.21 -11.36
C VAL A 344 -49.81 24.43 -12.58
N ASN A 345 -49.68 25.69 -12.98
CA ASN A 345 -48.87 26.02 -14.15
C ASN A 345 -47.79 27.07 -13.83
N ASN A 346 -47.61 27.35 -12.55
CA ASN A 346 -46.61 28.32 -12.12
C ASN A 346 -45.23 27.70 -11.92
N VAL A 347 -45.16 26.36 -11.99
CA VAL A 347 -43.89 25.65 -11.79
C VAL A 347 -43.56 24.67 -12.92
N LYS A 348 -42.26 24.54 -13.18
CA LYS A 348 -41.74 23.60 -14.19
C LYS A 348 -40.89 22.52 -13.53
N VAL A 349 -41.12 21.26 -13.89
CA VAL A 349 -40.41 20.15 -13.28
C VAL A 349 -39.61 19.33 -14.30
N VAL A 350 -38.30 19.28 -14.11
CA VAL A 350 -37.46 18.42 -14.96
C VAL A 350 -37.54 16.99 -14.44
N TYR A 351 -38.37 16.18 -15.09
CA TYR A 351 -38.69 14.84 -14.59
C TYR A 351 -37.47 13.90 -14.57
N GLY A 352 -37.59 12.82 -13.79
CA GLY A 352 -36.53 11.84 -13.60
C GLY A 352 -36.31 11.50 -12.14
N PRO A 353 -35.36 10.61 -11.85
CA PRO A 353 -35.03 10.26 -10.46
C PRO A 353 -34.24 11.35 -9.75
N ALA A 354 -33.74 12.31 -10.52
CA ALA A 354 -33.05 13.47 -9.95
C ALA A 354 -33.77 14.73 -10.41
N ALA A 355 -34.97 14.94 -9.88
CA ALA A 355 -35.84 16.02 -10.32
C ALA A 355 -35.43 17.39 -9.79
N ARG A 356 -35.64 18.41 -10.61
CA ARG A 356 -35.41 19.79 -10.20
C ARG A 356 -36.61 20.64 -10.58
N LEU A 357 -36.80 21.73 -9.85
CA LEU A 357 -37.99 22.57 -10.03
C LEU A 357 -37.65 24.06 -10.16
N ARG A 358 -38.22 24.70 -11.19
CA ARG A 358 -38.07 26.13 -11.38
C ARG A 358 -39.42 26.73 -11.72
N PRO A 359 -39.64 28.01 -11.36
CA PRO A 359 -40.91 28.66 -11.67
C PRO A 359 -41.10 28.92 -13.16
N THR A 360 -42.36 29.05 -13.57
CA THR A 360 -42.70 29.32 -14.96
C THR A 360 -42.30 30.72 -15.40
N ASP A 361 -42.56 31.72 -14.55
CA ASP A 361 -42.17 33.09 -14.86
C ASP A 361 -40.68 33.21 -14.64
N VAL A 362 -39.93 32.95 -15.71
CA VAL A 362 -38.47 32.86 -15.64
C VAL A 362 -37.83 33.70 -16.75
N PRO A 363 -36.76 34.44 -16.44
CA PRO A 363 -36.07 34.56 -15.15
C PRO A 363 -36.62 35.69 -14.27
N GLU A 364 -37.87 36.06 -14.48
CA GLU A 364 -38.49 37.12 -13.69
C GLU A 364 -38.61 36.73 -12.22
N THR A 365 -38.99 35.48 -11.96
CA THR A 365 -39.17 35.00 -10.60
C THR A 365 -38.28 33.80 -10.27
N TYR A 366 -37.14 33.69 -10.97
CA TYR A 366 -36.22 32.58 -10.77
C TYR A 366 -35.64 32.63 -9.36
N TYR A 367 -35.44 33.86 -8.87
CA TYR A 367 -34.90 34.07 -7.54
C TYR A 367 -35.98 34.62 -6.61
N SER A 368 -36.94 35.32 -7.21
CA SER A 368 -38.04 35.93 -6.47
C SER A 368 -38.94 34.86 -5.85
N PHE A 369 -39.06 33.73 -6.53
CA PHE A 369 -39.85 32.62 -6.03
C PHE A 369 -39.17 32.10 -4.78
N ASN A 370 -39.91 32.02 -3.68
CA ASN A 370 -39.35 31.44 -2.47
C ASN A 370 -39.55 29.93 -2.48
N TYR A 371 -38.44 29.23 -2.68
CA TYR A 371 -38.46 27.78 -2.78
C TYR A 371 -38.59 27.13 -1.40
N GLU A 372 -38.16 27.86 -0.38
CA GLU A 372 -38.16 27.33 0.99
C GLU A 372 -39.56 26.90 1.42
N ALA A 373 -40.55 27.70 1.06
CA ALA A 373 -41.94 27.40 1.40
C ALA A 373 -42.48 26.16 0.68
N LEU A 374 -42.18 26.05 -0.61
CA LEU A 374 -42.64 24.91 -1.40
C LEU A 374 -41.99 23.62 -0.92
N ALA A 375 -40.71 23.72 -0.56
CA ALA A 375 -39.95 22.57 -0.07
C ALA A 375 -40.49 22.07 1.26
N LYS A 376 -40.83 23.01 2.15
CA LYS A 376 -41.37 22.64 3.46
C LYS A 376 -42.78 22.08 3.33
N ASN A 377 -43.48 22.51 2.29
CA ASN A 377 -44.85 22.08 2.04
C ASN A 377 -44.93 20.71 1.36
N LEU A 378 -43.79 20.21 0.90
CA LEU A 378 -43.72 18.94 0.21
C LEU A 378 -43.05 17.85 1.03
N SER A 379 -42.51 18.22 2.18
CA SER A 379 -41.78 17.28 3.03
C SER A 379 -42.73 16.57 4.00
N CYS A 380 -42.50 15.26 4.16
CA CYS A 380 -43.25 14.44 5.10
C CYS A 380 -44.77 14.44 4.86
N ARG A 381 -45.17 14.13 3.63
CA ARG A 381 -46.58 14.09 3.29
C ARG A 381 -47.06 12.64 3.29
N GLU A 382 -46.11 11.73 3.18
CA GLU A 382 -46.40 10.30 3.15
C GLU A 382 -45.71 9.59 4.33
N PRO A 383 -46.29 8.45 4.77
CA PRO A 383 -45.69 7.70 5.88
C PRO A 383 -44.27 7.19 5.57
N ASN A 384 -44.10 6.65 4.37
CA ASN A 384 -42.78 6.22 3.89
C ASN A 384 -42.50 6.85 2.53
N GLN A 385 -42.34 8.17 2.54
CA GLN A 385 -42.18 8.95 1.32
C GLN A 385 -40.93 8.52 0.57
N HIS A 386 -41.07 8.34 -0.74
CA HIS A 386 -39.96 7.85 -1.57
C HIS A 386 -39.23 8.97 -2.29
N PHE A 387 -39.58 10.21 -1.95
CA PHE A 387 -38.88 11.38 -2.46
C PHE A 387 -38.68 12.36 -1.32
N ARG A 388 -37.77 13.33 -1.52
CA ARG A 388 -37.49 14.28 -0.45
C ARG A 388 -37.08 15.62 -1.04
N PRO A 389 -37.78 16.69 -0.64
CA PRO A 389 -37.46 18.05 -1.08
C PRO A 389 -36.15 18.51 -0.48
N TYR A 390 -35.24 18.97 -1.34
CA TYR A 390 -33.94 19.47 -0.90
C TYR A 390 -33.63 20.83 -1.51
N LEU A 391 -33.39 21.81 -0.65
CA LEU A 391 -32.79 23.06 -1.10
C LEU A 391 -31.40 22.71 -1.59
N LYS A 392 -30.95 23.44 -2.60
CA LYS A 392 -29.71 23.11 -3.29
C LYS A 392 -28.46 22.98 -2.40
N PRO A 393 -28.32 23.83 -1.37
CA PRO A 393 -27.18 23.64 -0.46
C PRO A 393 -27.41 22.54 0.58
N PHE A 394 -28.66 22.10 0.74
CA PHE A 394 -29.00 21.11 1.77
C PHE A 394 -28.82 19.67 1.30
N LEU A 395 -28.46 19.49 0.04
CA LEU A 395 -28.14 18.17 -0.49
C LEU A 395 -26.87 17.65 0.20
N PRO A 396 -26.75 16.31 0.31
CA PRO A 396 -25.53 15.69 0.84
C PRO A 396 -24.31 16.19 0.07
N LYS A 397 -23.27 16.59 0.81
CA LYS A 397 -22.09 17.21 0.21
C LYS A 397 -21.35 16.30 -0.75
N ARG A 398 -21.50 14.99 -0.56
CA ARG A 398 -20.82 13.99 -1.38
C ARG A 398 -21.23 14.11 -2.85
N LEU A 399 -22.43 14.65 -3.09
CA LEU A 399 -22.95 14.81 -4.44
C LEU A 399 -22.30 15.96 -5.22
N HIS A 400 -21.86 16.99 -4.50
CA HIS A 400 -21.24 18.16 -5.13
C HIS A 400 -22.13 18.79 -6.20
N PHE A 401 -23.35 19.16 -5.81
CA PHE A 401 -24.38 19.51 -6.78
C PHE A 401 -25.12 20.78 -6.36
N ALA A 402 -24.35 21.85 -6.18
CA ALA A 402 -24.92 23.11 -5.71
C ALA A 402 -24.38 24.34 -6.44
N LYS A 403 -23.06 24.44 -6.57
CA LYS A 403 -22.47 25.68 -7.04
C LYS A 403 -22.47 25.81 -8.55
N SER A 404 -23.68 25.87 -9.11
CA SER A 404 -23.86 26.19 -10.52
C SER A 404 -25.15 26.99 -10.68
N ASP A 405 -25.15 27.89 -11.65
CA ASP A 405 -26.33 28.70 -11.95
C ASP A 405 -27.44 27.84 -12.54
N ARG A 406 -27.04 26.82 -13.29
CA ARG A 406 -27.99 25.98 -14.00
C ARG A 406 -28.75 25.01 -13.09
N ILE A 407 -28.19 24.68 -11.94
CA ILE A 407 -28.88 23.80 -10.99
C ILE A 407 -30.00 24.57 -10.30
N GLU A 408 -31.21 24.02 -10.32
CA GLU A 408 -32.35 24.66 -9.66
C GLU A 408 -32.18 24.68 -8.14
N PRO A 409 -32.61 25.78 -7.50
CA PRO A 409 -32.54 25.95 -6.04
C PRO A 409 -33.39 24.93 -5.29
N LEU A 410 -34.26 24.22 -6.00
CA LEU A 410 -35.04 23.14 -5.39
C LEU A 410 -34.81 21.82 -6.14
N THR A 411 -34.26 20.84 -5.43
CA THR A 411 -34.00 19.52 -6.01
C THR A 411 -34.76 18.42 -5.27
N PHE A 412 -34.73 17.22 -5.82
CA PHE A 412 -35.42 16.09 -5.20
C PHE A 412 -34.55 14.83 -5.12
N TYR A 413 -34.43 14.28 -3.93
CA TYR A 413 -33.72 13.01 -3.76
C TYR A 413 -34.72 11.87 -3.66
N LEU A 414 -34.55 10.85 -4.50
CA LEU A 414 -35.51 9.74 -4.52
C LEU A 414 -34.89 8.41 -4.13
N ASP A 415 -35.72 7.54 -3.56
CA ASP A 415 -35.32 6.18 -3.22
C ASP A 415 -35.02 5.43 -4.52
N PRO A 416 -34.24 4.33 -4.43
CA PRO A 416 -33.95 3.55 -5.64
C PRO A 416 -35.23 3.05 -6.31
N GLN A 417 -35.20 2.98 -7.65
CA GLN A 417 -36.32 2.55 -8.50
C GLN A 417 -37.50 3.53 -8.52
N TRP A 418 -37.27 4.78 -8.14
CA TRP A 418 -38.32 5.80 -8.10
C TRP A 418 -37.96 7.06 -8.89
N GLN A 419 -38.94 7.58 -9.63
CA GLN A 419 -38.79 8.83 -10.38
C GLN A 419 -39.85 9.84 -9.97
N LEU A 420 -39.60 11.11 -10.25
CA LEU A 420 -40.54 12.17 -9.90
C LEU A 420 -40.88 13.08 -11.09
N ALA A 421 -42.14 13.49 -11.18
CA ALA A 421 -42.61 14.38 -12.24
C ALA A 421 -43.79 15.22 -11.76
N LEU A 422 -44.11 16.29 -12.47
CA LEU A 422 -45.26 17.13 -12.12
C LEU A 422 -46.57 16.44 -12.48
N ASN A 423 -46.74 16.16 -13.76
CA ASN A 423 -47.94 15.49 -14.28
C ASN A 423 -47.57 14.25 -15.09
N PRO A 424 -48.45 13.24 -15.09
CA PRO A 424 -48.24 11.97 -15.83
C PRO A 424 -48.07 12.17 -17.33
N SER A 425 -48.30 13.38 -17.83
CA SER A 425 -48.17 13.67 -19.25
C SER A 425 -46.76 14.10 -19.67
N GLU A 426 -46.04 14.77 -18.79
CA GLU A 426 -44.70 15.28 -19.11
C GLU A 426 -43.68 14.16 -19.32
N ARG A 427 -43.75 13.13 -18.48
CA ARG A 427 -42.82 12.01 -18.53
C ARG A 427 -42.93 11.24 -19.85
N LYS A 428 -41.82 10.64 -20.28
CA LYS A 428 -41.79 9.84 -21.49
C LYS A 428 -42.56 8.55 -21.24
N TYR A 429 -42.10 7.77 -20.28
CA TYR A 429 -42.79 6.55 -19.86
C TYR A 429 -42.39 6.22 -18.44
N CYS A 430 -43.27 5.51 -17.72
CA CYS A 430 -43.05 5.24 -16.30
C CYS A 430 -42.41 3.88 -16.04
N GLY A 431 -42.73 2.90 -16.89
CA GLY A 431 -42.25 1.55 -16.69
C GLY A 431 -41.14 1.19 -17.63
N SER A 432 -40.29 2.16 -17.95
CA SER A 432 -39.15 1.92 -18.82
C SER A 432 -37.85 1.95 -18.01
N GLY A 433 -36.80 1.40 -18.60
CA GLY A 433 -35.49 1.43 -17.98
C GLY A 433 -35.00 2.86 -17.89
N PHE A 434 -34.55 3.25 -16.70
CA PHE A 434 -34.08 4.61 -16.48
C PHE A 434 -32.75 4.66 -15.75
N HIS A 435 -32.23 5.88 -15.62
CA HIS A 435 -31.01 6.13 -14.86
C HIS A 435 -31.04 7.60 -14.45
N GLY A 436 -30.15 7.99 -13.53
CA GLY A 436 -30.14 9.35 -13.03
C GLY A 436 -30.24 9.36 -11.52
N SER A 437 -30.39 8.18 -10.93
CA SER A 437 -30.46 8.02 -9.48
C SER A 437 -29.13 8.37 -8.82
N ASP A 438 -29.11 8.28 -7.50
CA ASP A 438 -27.92 8.56 -6.70
C ASP A 438 -26.72 7.76 -7.19
N ASN A 439 -25.57 8.41 -7.32
CA ASN A 439 -24.39 7.77 -7.89
C ASN A 439 -23.73 6.72 -6.98
N LEU A 440 -24.28 6.55 -5.78
CA LEU A 440 -23.78 5.51 -4.89
C LEU A 440 -24.67 4.27 -4.93
N PHE A 441 -25.73 4.34 -5.72
CA PHE A 441 -26.62 3.19 -5.84
C PHE A 441 -25.93 2.09 -6.64
N SER A 442 -26.26 0.86 -6.30
CA SER A 442 -25.62 -0.33 -6.87
C SER A 442 -25.77 -0.42 -8.39
N ASN A 443 -26.96 -0.15 -8.89
CA ASN A 443 -27.18 -0.29 -10.33
C ASN A 443 -26.81 0.96 -11.11
N MET A 444 -26.40 2.02 -10.42
CA MET A 444 -25.96 3.22 -11.12
C MET A 444 -24.47 3.14 -11.45
N GLN A 445 -23.83 2.08 -10.94
CA GLN A 445 -22.38 1.92 -11.09
C GLN A 445 -21.97 1.63 -12.54
N ALA A 446 -20.82 2.16 -12.93
CA ALA A 446 -20.37 2.04 -14.31
C ALA A 446 -19.23 1.06 -14.50
N LEU A 447 -18.79 0.93 -15.75
CA LEU A 447 -17.76 -0.02 -16.14
C LEU A 447 -16.44 0.72 -16.35
N PHE A 448 -15.34 0.07 -16.00
CA PHE A 448 -14.01 0.57 -16.31
C PHE A 448 -13.03 -0.58 -16.49
N ILE A 449 -12.43 -0.65 -17.67
CA ILE A 449 -11.37 -1.60 -17.93
C ILE A 449 -10.22 -0.94 -18.66
N GLY A 450 -9.04 -0.97 -18.05
CA GLY A 450 -7.85 -0.42 -18.67
C GLY A 450 -6.96 -1.52 -19.19
N TYR A 451 -6.75 -1.52 -20.51
CA TYR A 451 -5.90 -2.52 -21.15
C TYR A 451 -4.84 -1.88 -22.03
N GLY A 452 -3.68 -2.51 -22.09
CA GLY A 452 -2.58 -2.01 -22.90
C GLY A 452 -1.23 -2.19 -22.22
N PRO A 453 -0.16 -1.69 -22.86
CA PRO A 453 1.18 -1.80 -22.29
C PRO A 453 1.32 -1.01 -21.00
N ALA A 454 0.53 0.05 -20.84
CA ALA A 454 0.64 0.91 -19.67
C ALA A 454 -0.11 0.35 -18.46
N PHE A 455 -1.06 -0.54 -18.69
CA PHE A 455 -1.87 -1.09 -17.60
C PHE A 455 -1.39 -2.48 -17.20
N LYS A 456 -1.51 -2.79 -15.91
CA LYS A 456 -1.14 -4.11 -15.39
C LYS A 456 -2.07 -5.20 -15.91
N HIS A 457 -1.65 -6.45 -15.79
CA HIS A 457 -2.40 -7.56 -16.34
C HIS A 457 -3.09 -8.45 -15.31
N GLY A 458 -4.43 -8.44 -15.30
CA GLY A 458 -5.18 -9.26 -14.37
C GLY A 458 -5.23 -8.69 -12.97
N ALA A 459 -5.15 -7.37 -12.88
CA ALA A 459 -5.18 -6.66 -11.62
C ALA A 459 -6.58 -6.11 -11.37
N GLU A 460 -7.18 -6.46 -10.24
CA GLU A 460 -8.50 -5.94 -9.90
C GLU A 460 -8.39 -4.92 -8.77
N VAL A 461 -8.77 -3.68 -9.05
CA VAL A 461 -8.66 -2.62 -8.07
C VAL A 461 -9.99 -2.20 -7.47
N ASP A 462 -9.92 -1.37 -6.43
CA ASP A 462 -11.11 -0.88 -5.75
C ASP A 462 -11.81 0.22 -6.55
N SER A 463 -13.03 0.55 -6.14
CA SER A 463 -13.87 1.51 -6.86
C SER A 463 -13.27 2.90 -6.86
N PHE A 464 -13.51 3.65 -7.93
CA PHE A 464 -13.06 5.04 -7.99
C PHE A 464 -14.00 5.88 -8.84
N GLU A 465 -13.98 7.19 -8.62
CA GLU A 465 -14.84 8.11 -9.34
C GLU A 465 -14.31 8.37 -10.75
N ASN A 466 -15.18 8.81 -11.65
CA ASN A 466 -14.80 9.01 -13.05
C ASN A 466 -13.98 10.28 -13.27
N ILE A 467 -13.96 11.16 -12.28
CA ILE A 467 -13.19 12.38 -12.40
C ILE A 467 -11.69 12.11 -12.22
N GLU A 468 -11.36 10.89 -11.78
CA GLU A 468 -9.97 10.52 -11.59
C GLU A 468 -9.34 10.10 -12.91
N VAL A 469 -10.18 9.72 -13.86
CA VAL A 469 -9.70 9.23 -15.15
C VAL A 469 -9.02 10.31 -15.99
N TYR A 470 -9.49 11.55 -15.86
CA TYR A 470 -8.91 12.68 -16.59
C TYR A 470 -7.40 12.79 -16.40
N ASN A 471 -6.97 12.78 -15.15
CA ASN A 471 -5.55 12.84 -14.81
C ASN A 471 -4.82 11.61 -15.31
N LEU A 472 -5.51 10.48 -15.31
CA LEU A 472 -4.96 9.21 -15.77
C LEU A 472 -4.58 9.30 -17.24
N MET A 473 -5.43 9.93 -18.04
CA MET A 473 -5.19 10.09 -19.47
C MET A 473 -4.04 11.06 -19.76
N CYS A 474 -3.90 12.08 -18.93
CA CYS A 474 -2.80 13.03 -19.08
C CYS A 474 -1.46 12.31 -18.92
N ASP A 475 -1.40 11.36 -18.01
CA ASP A 475 -0.19 10.59 -17.80
C ASP A 475 0.05 9.64 -18.96
N LEU A 476 -1.03 9.19 -19.60
CA LEU A 476 -0.92 8.29 -20.74
C LEU A 476 -0.57 9.03 -22.03
N LEU A 477 -0.85 10.33 -22.05
CA LEU A 477 -0.58 11.16 -23.22
C LEU A 477 0.59 12.10 -22.97
N GLY A 478 1.15 12.04 -21.77
CA GLY A 478 2.26 12.90 -21.40
C GLY A 478 1.87 14.37 -21.36
N LEU A 479 0.74 14.65 -20.71
CA LEU A 479 0.22 16.01 -20.66
C LEU A 479 0.17 16.57 -19.25
N ILE A 480 0.41 17.86 -19.11
CA ILE A 480 0.19 18.54 -17.83
C ILE A 480 -1.30 18.82 -17.71
N PRO A 481 -1.95 18.17 -16.73
CA PRO A 481 -3.41 18.23 -16.55
C PRO A 481 -3.91 19.61 -16.14
N ALA A 482 -5.08 20.00 -16.64
CA ALA A 482 -5.73 21.22 -16.21
C ALA A 482 -6.21 21.02 -14.78
N PRO A 483 -6.40 22.12 -14.02
CA PRO A 483 -6.90 22.05 -12.64
C PRO A 483 -8.24 21.33 -12.57
N ASN A 484 -8.24 20.11 -12.03
CA ASN A 484 -9.48 19.36 -11.90
C ASN A 484 -9.82 18.96 -10.47
N ASN A 485 -10.85 18.12 -10.34
CA ASN A 485 -11.33 17.72 -9.03
C ASN A 485 -10.81 16.35 -8.60
N GLY A 486 -10.04 15.71 -9.47
CA GLY A 486 -9.48 14.41 -9.16
C GLY A 486 -8.18 14.53 -8.41
N SER A 487 -7.97 13.65 -7.42
CA SER A 487 -6.72 13.63 -6.67
C SER A 487 -5.64 13.03 -7.54
N HIS A 488 -4.76 13.87 -8.08
CA HIS A 488 -3.76 13.43 -9.04
C HIS A 488 -2.79 12.44 -8.41
N GLY A 489 -2.76 11.23 -8.97
CA GLY A 489 -1.87 10.20 -8.49
C GLY A 489 -2.57 9.09 -7.72
N SER A 490 -3.87 9.26 -7.50
CA SER A 490 -4.65 8.29 -6.72
C SER A 490 -4.89 7.01 -7.51
N LEU A 491 -4.67 7.07 -8.82
CA LEU A 491 -4.86 5.90 -9.67
C LEU A 491 -3.53 5.29 -10.12
N ASN A 492 -2.46 5.60 -9.40
CA ASN A 492 -1.12 5.08 -9.72
C ASN A 492 -0.99 3.55 -9.71
N HIS A 493 -1.84 2.89 -8.93
CA HIS A 493 -1.80 1.43 -8.78
C HIS A 493 -2.28 0.63 -10.00
N LEU A 494 -2.84 1.33 -10.98
CA LEU A 494 -3.31 0.68 -12.20
C LEU A 494 -2.19 0.51 -13.22
N LEU A 495 -1.22 1.41 -13.15
CA LEU A 495 -0.15 1.48 -14.14
C LEU A 495 1.06 0.64 -13.73
N LYS A 496 1.76 0.10 -14.72
CA LYS A 496 3.01 -0.61 -14.46
C LYS A 496 4.06 0.35 -13.93
N LYS A 497 4.32 1.41 -14.70
CA LYS A 497 5.28 2.43 -14.30
C LYS A 497 4.58 3.77 -14.21
N PRO A 498 4.18 4.15 -12.99
CA PRO A 498 3.50 5.43 -12.74
C PRO A 498 4.35 6.60 -13.20
N ILE A 499 3.72 7.58 -13.82
CA ILE A 499 4.40 8.75 -14.36
C ILE A 499 4.52 9.84 -13.29
N TYR A 500 3.42 10.09 -12.58
CA TYR A 500 3.40 11.14 -11.57
C TYR A 500 3.43 10.58 -10.15
N ASN A 501 4.40 11.09 -9.37
CA ASN A 501 4.55 10.72 -7.97
C ASN A 501 4.09 11.85 -7.05
N PRO A 502 2.89 11.69 -6.45
CA PRO A 502 2.25 12.73 -5.64
C PRO A 502 2.96 13.02 -4.33
N SER A 503 2.72 14.20 -3.76
CA SER A 503 3.28 14.55 -2.47
C SER A 503 2.19 15.12 -1.59
N HIS A 504 2.42 15.14 -0.28
CA HIS A 504 1.49 15.72 0.66
C HIS A 504 1.49 17.25 0.62
N PRO A 505 0.31 17.86 0.83
CA PRO A 505 0.14 19.31 0.84
C PRO A 505 0.85 19.95 2.03
N LYS A 506 1.63 21.00 1.73
CA LYS A 506 2.37 21.73 2.76
C LYS A 506 1.41 22.43 3.72
N GLU A 507 1.84 22.62 4.96
CA GLU A 507 0.99 23.26 5.96
C GLU A 507 1.05 24.77 5.83
N GLU A 508 -0.07 25.38 5.46
CA GLU A 508 -0.13 26.83 5.24
C GLU A 508 -0.55 27.58 6.51
N GLY A 509 -1.03 26.86 7.51
CA GLY A 509 -1.49 27.48 8.73
C GLY A 509 -0.38 28.07 9.58
N PHE A 510 -0.66 29.20 10.20
CA PHE A 510 0.31 29.84 11.10
C PHE A 510 0.19 29.23 12.49
N LEU A 511 0.96 28.17 12.74
CA LEU A 511 0.86 27.43 13.99
C LEU A 511 1.53 28.14 15.16
N SER A 512 0.74 28.52 16.16
CA SER A 512 1.26 29.19 17.35
C SER A 512 0.91 28.41 18.62
N GLN A 513 1.42 28.86 19.77
CA GLN A 513 1.17 28.16 21.03
C GLN A 513 0.39 29.00 22.05
N CYS A 514 -0.44 28.31 22.84
CA CYS A 514 -1.31 28.95 23.81
C CYS A 514 -1.00 28.56 25.27
N PRO A 515 -0.24 29.40 25.98
CA PRO A 515 0.08 29.16 27.40
C PRO A 515 -1.02 29.73 28.30
N ILE A 516 -0.90 29.54 29.61
CA ILE A 516 -1.86 30.11 30.55
C ILE A 516 -1.63 31.61 30.70
N LYS A 517 -2.60 32.43 30.28
CA LYS A 517 -2.40 33.87 30.31
C LYS A 517 -3.53 34.69 30.92
N SER A 518 -4.75 34.17 30.93
CA SER A 518 -5.90 34.95 31.44
C SER A 518 -6.70 34.24 32.54
N THR A 519 -6.34 34.51 33.78
CA THR A 519 -7.02 33.93 34.93
C THR A 519 -7.65 34.98 35.84
N SER A 520 -8.91 34.78 36.27
CA SER A 520 -9.77 33.68 35.85
C SER A 520 -11.23 34.13 35.95
N ASN A 521 -11.95 34.14 34.84
CA ASN A 521 -13.33 34.63 34.85
C ASN A 521 -14.32 33.61 35.44
N ASP A 522 -15.47 34.11 35.87
CA ASP A 522 -16.56 33.27 36.37
C ASP A 522 -17.49 32.87 35.22
N LEU A 523 -17.72 31.58 35.02
CA LEU A 523 -18.58 31.13 33.94
C LEU A 523 -20.06 31.10 34.33
N GLY A 524 -20.33 31.08 35.64
CA GLY A 524 -21.70 31.06 36.10
C GLY A 524 -22.38 29.76 35.76
N CYS A 525 -21.75 28.66 36.16
CA CYS A 525 -22.26 27.32 35.88
C CYS A 525 -22.44 26.51 37.16
N THR A 526 -23.48 25.68 37.18
CA THR A 526 -23.76 24.81 38.31
C THR A 526 -23.25 23.41 38.07
N CYS A 527 -22.35 22.93 38.93
CA CYS A 527 -21.76 21.61 38.76
C CYS A 527 -22.12 20.67 39.90
N ASP A 528 -22.85 19.60 39.58
CA ASP A 528 -23.22 18.61 40.58
C ASP A 528 -22.04 17.68 40.81
N PRO A 529 -21.73 17.39 42.09
CA PRO A 529 -20.63 16.48 42.42
C PRO A 529 -20.81 15.09 41.82
N GLU A 546 6.26 11.41 28.55
CA GLU A 546 5.15 12.06 29.24
C GLU A 546 4.08 12.59 28.28
N ASP A 547 4.25 13.84 27.85
CA ASP A 547 3.37 14.48 26.89
C ASP A 547 3.47 13.84 25.51
N ASP A 548 4.67 13.37 25.15
CA ASP A 548 4.85 12.75 23.85
C ASP A 548 4.17 11.38 23.80
N ASP A 549 4.03 10.74 24.96
CA ASP A 549 3.36 9.45 25.00
C ASP A 549 1.86 9.62 24.81
N ILE A 550 1.30 10.69 25.39
CA ILE A 550 -0.13 10.98 25.31
C ILE A 550 -0.53 11.62 23.97
N TYR A 551 0.44 12.20 23.28
CA TYR A 551 0.20 12.81 21.97
C TYR A 551 -0.04 11.74 20.93
N HIS A 552 0.91 10.83 20.79
CA HIS A 552 0.85 9.73 19.83
C HIS A 552 -0.38 8.84 20.07
N MET A 553 -0.93 8.92 21.28
CA MET A 553 -2.08 8.12 21.65
C MET A 553 -3.39 8.73 21.13
N THR A 554 -3.41 10.05 21.00
CA THR A 554 -4.61 10.78 20.56
C THR A 554 -4.63 10.98 19.04
N VAL A 555 -3.46 11.16 18.44
CA VAL A 555 -3.33 11.26 16.99
C VAL A 555 -2.30 10.26 16.46
N PRO A 556 -2.68 8.97 16.45
CA PRO A 556 -1.78 7.87 16.10
C PRO A 556 -1.41 7.80 14.62
N TYR A 557 -2.13 8.54 13.78
CA TYR A 557 -1.85 8.51 12.36
C TYR A 557 -1.23 9.84 11.93
N GLY A 558 -0.99 10.70 12.91
CA GLY A 558 -0.47 12.03 12.68
C GLY A 558 -1.54 13.08 12.84
N ARG A 559 -1.17 14.22 13.40
CA ARG A 559 -2.10 15.34 13.56
C ARG A 559 -2.54 15.84 12.20
N PRO A 560 -3.79 16.33 12.12
CA PRO A 560 -4.28 16.97 10.91
C PRO A 560 -3.45 18.21 10.57
N ARG A 561 -3.04 18.35 9.31
CA ARG A 561 -2.26 19.52 8.91
C ARG A 561 -3.20 20.63 8.48
N ILE A 562 -2.83 21.86 8.81
CA ILE A 562 -3.65 23.02 8.52
C ILE A 562 -3.35 23.58 7.15
N LEU A 563 -4.27 23.37 6.22
CA LEU A 563 -4.09 23.84 4.85
C LEU A 563 -4.63 25.25 4.68
N LEU A 564 -5.17 25.81 5.76
CA LEU A 564 -5.73 27.16 5.76
C LEU A 564 -4.59 28.19 5.67
N LYS A 565 -4.75 29.18 4.81
CA LYS A 565 -3.72 30.21 4.63
C LYS A 565 -4.29 31.61 4.83
N GLN A 566 -3.83 32.30 5.86
CA GLN A 566 -2.87 31.78 6.82
C GLN A 566 -3.47 31.83 8.22
N HIS A 567 -4.31 30.84 8.51
CA HIS A 567 -5.06 30.78 9.76
C HIS A 567 -4.17 30.59 10.98
N ARG A 568 -4.56 31.19 12.11
CA ARG A 568 -3.82 31.02 13.36
C ARG A 568 -4.42 29.89 14.19
N VAL A 569 -3.65 28.83 14.39
CA VAL A 569 -4.14 27.65 15.09
C VAL A 569 -3.24 27.25 16.25
N CYS A 570 -3.84 26.95 17.40
CA CYS A 570 -3.10 26.44 18.55
C CYS A 570 -3.41 24.97 18.80
N LEU A 571 -2.41 24.24 19.30
CA LEU A 571 -2.56 22.83 19.63
C LEU A 571 -2.73 22.66 21.14
N LEU A 572 -3.94 22.34 21.56
CA LEU A 572 -4.24 22.17 22.98
C LEU A 572 -4.26 20.69 23.37
N GLN A 573 -3.29 20.29 24.19
CA GLN A 573 -3.15 18.88 24.54
C GLN A 573 -3.91 18.54 25.83
N GLN A 574 -4.67 17.46 25.80
CA GLN A 574 -5.35 16.96 26.98
C GLN A 574 -4.95 15.51 27.25
N GLN A 575 -5.56 14.89 28.25
CA GLN A 575 -5.18 13.55 28.65
C GLN A 575 -5.96 12.49 27.85
N GLN A 576 -7.03 12.90 27.17
CA GLN A 576 -7.81 11.96 26.40
C GLN A 576 -7.89 12.36 24.92
N PHE A 577 -7.68 13.64 24.65
CA PHE A 577 -7.78 14.12 23.28
C PHE A 577 -6.84 15.28 22.97
N LEU A 578 -6.60 15.50 21.69
CA LEU A 578 -5.82 16.64 21.23
C LEU A 578 -6.68 17.48 20.31
N THR A 579 -6.73 18.79 20.56
CA THR A 579 -7.61 19.67 19.80
C THR A 579 -6.84 20.82 19.14
N GLY A 580 -7.10 21.03 17.86
CA GLY A 580 -6.54 22.16 17.14
C GLY A 580 -7.48 23.34 17.26
N TYR A 581 -7.09 24.33 18.05
CA TYR A 581 -7.95 25.47 18.34
C TYR A 581 -7.64 26.66 17.44
N SER A 582 -8.68 27.35 17.01
CA SER A 582 -8.53 28.51 16.14
C SER A 582 -8.59 29.79 16.95
N LEU A 583 -7.58 30.64 16.75
CA LEU A 583 -7.51 31.93 17.42
C LEU A 583 -8.29 33.00 16.67
N ASP A 584 -8.45 32.81 15.36
CA ASP A 584 -9.16 33.76 14.53
C ASP A 584 -10.66 33.59 14.65
N LEU A 585 -11.10 32.38 15.01
CA LEU A 585 -12.52 32.11 15.14
C LEU A 585 -12.91 31.88 16.60
N LEU A 586 -11.91 31.69 17.45
CA LEU A 586 -12.12 31.40 18.86
C LEU A 586 -13.03 30.19 19.07
N MET A 587 -12.69 29.10 18.41
CA MET A 587 -13.39 27.83 18.54
C MET A 587 -12.54 26.71 17.95
N PRO A 588 -12.75 25.46 18.41
CA PRO A 588 -11.93 24.35 17.91
C PRO A 588 -12.19 24.03 16.45
N LEU A 589 -11.12 23.86 15.68
CA LEU A 589 -11.25 23.46 14.28
C LEU A 589 -11.45 21.96 14.22
N TRP A 590 -10.71 21.23 15.05
CA TRP A 590 -10.81 19.78 15.11
C TRP A 590 -10.43 19.23 16.49
N ALA A 591 -10.93 18.04 16.81
CA ALA A 591 -10.59 17.37 18.05
C ALA A 591 -10.42 15.87 17.79
N SER A 592 -9.22 15.34 18.03
CA SER A 592 -8.95 13.93 17.78
C SER A 592 -8.77 13.14 19.08
N TYR A 593 -9.38 11.97 19.14
CA TYR A 593 -9.27 11.10 20.30
C TYR A 593 -9.48 9.65 19.92
N THR A 594 -9.00 8.73 20.76
CA THR A 594 -9.15 7.30 20.49
C THR A 594 -10.11 6.65 21.48
N PHE A 595 -11.12 5.97 20.94
CA PHE A 595 -12.12 5.29 21.76
C PHE A 595 -11.96 3.79 21.57
N LEU A 596 -11.54 3.10 22.63
CA LEU A 596 -11.25 1.67 22.54
C LEU A 596 -12.47 0.77 22.67
N SER A 597 -12.23 -0.54 22.61
CA SER A 597 -13.29 -1.54 22.62
C SER A 597 -14.05 -1.50 23.94
N ASN A 598 -13.32 -1.41 25.05
CA ASN A 598 -13.93 -1.35 26.36
C ASN A 598 -13.17 -0.47 27.35
N ASP A 599 -13.60 0.79 27.47
CA ASP A 599 -12.99 1.74 28.40
C ASP A 599 -13.93 2.89 28.73
N SER A 607 -23.78 18.47 32.58
CA SER A 607 -25.02 19.12 32.17
C SER A 607 -25.11 20.50 32.82
N ASN A 608 -24.91 21.53 32.01
CA ASN A 608 -24.96 22.94 32.43
C ASN A 608 -23.69 23.33 33.20
N CYS A 609 -22.73 22.42 33.25
CA CYS A 609 -21.46 22.69 33.91
C CYS A 609 -20.33 22.77 32.89
N LEU A 610 -19.39 23.69 33.14
CA LEU A 610 -18.23 23.86 32.28
C LEU A 610 -17.04 24.45 33.02
N TYR A 611 -15.83 24.18 32.51
CA TYR A 611 -14.60 24.71 33.09
C TYR A 611 -13.89 25.60 32.09
N GLN A 612 -13.39 26.75 32.56
CA GLN A 612 -12.73 27.70 31.67
C GLN A 612 -11.33 27.25 31.28
N ASP A 613 -11.08 27.16 29.98
CA ASP A 613 -9.75 26.82 29.48
C ASP A 613 -8.90 28.09 29.51
N LEU A 614 -7.98 28.14 30.45
CA LEU A 614 -7.16 29.33 30.68
C LEU A 614 -6.14 29.56 29.56
N ARG A 615 -6.06 28.62 28.63
CA ARG A 615 -5.14 28.71 27.50
C ARG A 615 -5.73 29.50 26.34
N ILE A 616 -7.05 29.63 26.33
CA ILE A 616 -7.71 30.37 25.26
C ILE A 616 -8.35 31.65 25.81
N PRO A 617 -8.42 32.70 24.96
CA PRO A 617 -9.07 33.94 25.36
C PRO A 617 -10.55 33.74 25.62
N LEU A 618 -11.07 34.42 26.63
CA LEU A 618 -12.47 34.27 27.02
C LEU A 618 -13.41 34.96 26.06
N SER A 619 -14.51 34.29 25.72
CA SER A 619 -15.55 34.85 24.88
C SER A 619 -16.86 34.78 25.66
N PRO A 620 -17.74 35.77 25.47
CA PRO A 620 -19.04 35.82 26.14
C PRO A 620 -19.91 34.58 25.87
N VAL A 621 -19.61 33.87 24.79
CA VAL A 621 -20.36 32.68 24.42
C VAL A 621 -19.81 31.41 25.10
N HIS A 622 -18.80 31.57 25.95
CA HIS A 622 -18.23 30.44 26.68
C HIS A 622 -18.93 30.25 28.03
N LYS A 623 -19.55 31.32 28.53
CA LYS A 623 -20.25 31.28 29.81
C LYS A 623 -21.60 30.58 29.71
N CYS A 624 -21.94 29.78 30.73
CA CYS A 624 -23.20 29.05 30.72
C CYS A 624 -24.39 30.00 30.88
N SER A 625 -24.15 31.18 31.43
CA SER A 625 -25.19 32.18 31.62
C SER A 625 -25.71 32.66 30.27
N TYR A 626 -24.90 32.49 29.23
CA TYR A 626 -25.26 32.85 27.87
C TYR A 626 -26.35 31.94 27.31
N TYR A 627 -26.39 30.69 27.78
CA TYR A 627 -27.32 29.73 27.23
C TYR A 627 -28.55 29.54 28.12
N LYS A 628 -29.70 29.84 27.54
CA LYS A 628 -30.99 29.69 28.21
C LYS A 628 -31.66 28.42 27.71
N SER A 629 -32.68 27.98 28.45
CA SER A 629 -33.41 26.77 28.09
C SER A 629 -34.50 27.05 27.06
N ASN A 630 -34.67 28.31 26.70
CA ASN A 630 -35.70 28.70 25.75
C ASN A 630 -35.19 28.73 24.32
N SER A 631 -33.97 29.20 24.13
CA SER A 631 -33.36 29.31 22.80
C SER A 631 -32.97 27.93 22.28
N LYS A 632 -33.24 27.70 20.99
CA LYS A 632 -32.97 26.42 20.35
C LYS A 632 -31.47 26.16 20.18
N LEU A 633 -30.69 27.24 20.19
CA LEU A 633 -29.24 27.20 20.08
C LEU A 633 -28.56 26.92 21.42
N SER A 634 -27.67 25.93 21.43
CA SER A 634 -26.91 25.58 22.62
C SER A 634 -25.48 25.22 22.25
N TYR A 635 -24.79 24.55 23.16
CA TYR A 635 -23.44 24.10 22.88
C TYR A 635 -23.32 22.57 22.88
N GLY A 636 -22.48 22.06 22.01
CA GLY A 636 -22.20 20.63 21.98
C GLY A 636 -20.72 20.42 22.14
N PHE A 637 -20.35 19.19 22.49
CA PHE A 637 -18.95 18.81 22.64
C PHE A 637 -18.44 18.10 21.40
N LEU A 638 -17.21 18.40 21.00
CA LEU A 638 -16.61 17.64 19.89
C LEU A 638 -16.19 16.28 20.42
N THR A 639 -15.66 16.28 21.64
CA THR A 639 -15.27 15.06 22.33
C THR A 639 -16.26 14.77 23.45
N PRO A 640 -16.87 13.57 23.45
CA PRO A 640 -17.85 13.15 24.45
C PRO A 640 -17.28 13.15 25.87
N PRO A 641 -17.99 13.76 26.82
CA PRO A 641 -17.58 13.89 28.22
C PRO A 641 -17.72 12.59 29.02
N ARG A 642 -18.45 11.63 28.47
CA ARG A 642 -18.69 10.37 29.16
C ARG A 642 -17.52 9.39 28.99
N LEU A 643 -16.38 9.91 28.56
CA LEU A 643 -15.18 9.10 28.37
C LEU A 643 -14.55 8.72 29.72
N ASN A 644 -14.07 7.48 29.78
CA ASN A 644 -13.44 6.89 30.98
C ASN A 644 -14.26 7.09 32.26
N HIS A 649 -16.58 7.32 37.41
CA HIS A 649 -16.08 8.68 37.30
C HIS A 649 -16.34 9.27 35.91
N ILE A 650 -16.00 10.54 35.74
CA ILE A 650 -16.27 11.24 34.47
C ILE A 650 -15.14 12.20 34.10
N TYR A 651 -14.71 12.12 32.85
CA TYR A 651 -13.64 12.97 32.33
C TYR A 651 -14.03 14.45 32.34
N SER A 652 -13.25 15.26 33.06
CA SER A 652 -13.60 16.66 33.26
C SER A 652 -13.02 17.59 32.19
N GLU A 653 -11.93 17.19 31.55
CA GLU A 653 -11.29 18.02 30.53
C GLU A 653 -12.10 18.15 29.25
N ALA A 654 -13.11 17.28 29.11
CA ALA A 654 -14.03 17.36 27.99
C ALA A 654 -15.04 18.48 28.23
N LEU A 655 -15.05 18.96 29.47
CA LEU A 655 -15.91 20.07 29.85
C LEU A 655 -15.15 21.39 29.78
N LEU A 656 -14.00 21.39 29.10
CA LEU A 656 -13.23 22.61 28.89
C LEU A 656 -13.98 23.50 27.90
N THR A 657 -13.81 24.81 28.03
CA THR A 657 -14.47 25.76 27.15
C THR A 657 -14.03 25.59 25.70
N SER A 658 -12.81 25.06 25.51
CA SER A 658 -12.22 24.93 24.19
C SER A 658 -12.71 23.65 23.48
N ASN A 659 -13.67 22.97 24.08
CA ASN A 659 -14.19 21.74 23.50
C ASN A 659 -15.68 21.84 23.15
N ILE A 660 -16.21 23.06 23.18
CA ILE A 660 -17.62 23.30 22.86
C ILE A 660 -17.81 24.05 21.55
N VAL A 661 -18.90 23.75 20.85
CA VAL A 661 -19.24 24.43 19.60
C VAL A 661 -20.72 24.76 19.57
N PRO A 662 -21.11 25.89 18.94
CA PRO A 662 -22.51 26.27 18.84
C PRO A 662 -23.31 25.20 18.10
N MET A 663 -24.38 24.72 18.72
CA MET A 663 -25.14 23.59 18.20
C MET A 663 -26.64 23.70 18.52
N TYR A 664 -27.47 23.55 17.49
CA TYR A 664 -28.91 23.53 17.66
C TYR A 664 -29.35 22.38 18.57
N GLN A 665 -30.46 22.56 19.27
CA GLN A 665 -30.99 21.54 20.17
C GLN A 665 -31.47 20.33 19.38
N SER A 666 -31.96 20.58 18.17
CA SER A 666 -32.45 19.52 17.30
C SER A 666 -31.32 18.62 16.79
N PHE A 667 -30.14 19.21 16.60
CA PHE A 667 -28.98 18.47 16.14
C PHE A 667 -28.34 17.67 17.26
N GLN A 668 -28.52 18.13 18.49
CA GLN A 668 -28.01 17.45 19.67
C GLN A 668 -28.67 16.09 19.84
N VAL A 669 -29.87 15.94 19.27
CA VAL A 669 -30.58 14.67 19.28
C VAL A 669 -29.80 13.64 18.46
N ILE A 670 -29.22 14.11 17.36
CA ILE A 670 -28.45 13.26 16.47
C ILE A 670 -27.05 13.06 17.02
N TRP A 671 -26.51 14.12 17.59
CA TRP A 671 -25.13 14.15 18.06
C TRP A 671 -24.92 13.28 19.28
N HIS A 672 -25.91 13.25 20.17
CA HIS A 672 -25.83 12.45 21.39
C HIS A 672 -26.01 10.98 21.07
N TYR A 673 -26.98 10.66 20.21
CA TYR A 673 -27.24 9.29 19.80
C TYR A 673 -26.06 8.72 19.01
N LEU A 674 -25.34 9.61 18.32
CA LEU A 674 -24.18 9.23 17.53
C LEU A 674 -23.04 8.75 18.42
N HIS A 675 -22.96 9.32 19.62
CA HIS A 675 -21.86 9.02 20.54
C HIS A 675 -22.25 8.03 21.63
N ASP A 676 -23.50 8.09 22.08
CA ASP A 676 -23.95 7.22 23.17
C ASP A 676 -24.28 5.81 22.71
N THR A 677 -24.71 5.67 21.46
CA THR A 677 -25.13 4.37 20.95
C THR A 677 -24.25 3.85 19.82
N LEU A 678 -24.21 4.60 18.72
CA LEU A 678 -23.50 4.15 17.52
C LEU A 678 -21.99 4.04 17.74
N LEU A 679 -21.40 5.05 18.35
CA LEU A 679 -19.95 5.08 18.52
C LEU A 679 -19.48 3.90 19.36
N GLN A 680 -20.26 3.52 20.36
CA GLN A 680 -19.89 2.40 21.22
C GLN A 680 -20.05 1.08 20.48
N ARG A 681 -21.07 0.99 19.63
CA ARG A 681 -21.29 -0.21 18.86
C ARG A 681 -20.17 -0.41 17.84
N TYR A 682 -19.73 0.69 17.23
CA TYR A 682 -18.68 0.62 16.23
C TYR A 682 -17.33 0.24 16.85
N ALA A 683 -17.15 0.57 18.12
CA ALA A 683 -15.92 0.24 18.84
C ALA A 683 -15.83 -1.26 19.12
N HIS A 684 -16.97 -1.93 19.23
CA HIS A 684 -17.00 -3.36 19.46
C HIS A 684 -16.85 -4.10 18.14
N GLU A 685 -17.50 -3.60 17.10
CA GLU A 685 -17.46 -4.24 15.79
C GLU A 685 -16.08 -4.09 15.14
N ARG A 686 -15.45 -2.95 15.35
CA ARG A 686 -14.16 -2.65 14.72
C ARG A 686 -12.97 -2.65 15.69
N ASN A 687 -13.19 -3.18 16.89
CA ASN A 687 -12.16 -3.25 17.96
C ASN A 687 -11.54 -1.89 18.30
N GLY A 688 -12.39 -0.91 18.56
CA GLY A 688 -11.94 0.44 18.86
C GLY A 688 -11.95 1.31 17.62
N ILE A 689 -12.15 2.61 17.79
CA ILE A 689 -12.15 3.56 16.69
C ILE A 689 -11.42 4.85 17.04
N ASN A 690 -10.70 5.42 16.08
CA ASN A 690 -10.13 6.75 16.26
C ASN A 690 -11.04 7.81 15.65
N VAL A 691 -11.42 8.80 16.44
CA VAL A 691 -12.39 9.80 16.01
C VAL A 691 -11.78 11.20 15.89
N VAL A 692 -12.06 11.85 14.76
CA VAL A 692 -11.72 13.26 14.56
C VAL A 692 -12.99 14.00 14.17
N SER A 693 -13.34 15.02 14.96
CA SER A 693 -14.57 15.78 14.72
C SER A 693 -14.31 17.27 14.69
N GLY A 694 -15.22 18.02 14.10
CA GLY A 694 -15.13 19.47 14.05
C GLY A 694 -16.25 20.13 13.28
N PRO A 695 -16.35 21.47 13.41
CA PRO A 695 -17.37 22.27 12.74
C PRO A 695 -17.04 22.51 11.28
N VAL A 696 -18.06 22.73 10.45
CA VAL A 696 -17.85 23.00 9.04
C VAL A 696 -18.54 24.31 8.64
N PHE A 697 -17.80 25.19 7.98
CA PHE A 697 -18.34 26.48 7.56
C PHE A 697 -18.21 26.64 6.05
N ASP A 698 -19.29 26.32 5.34
CA ASP A 698 -19.34 26.51 3.90
C ASP A 698 -20.65 27.16 3.52
N PHE A 699 -20.70 28.48 3.69
CA PHE A 699 -21.92 29.22 3.43
C PHE A 699 -22.19 29.45 1.95
N ASP A 700 -21.12 29.43 1.15
CA ASP A 700 -21.27 29.64 -0.29
C ASP A 700 -21.47 28.31 -1.01
N TYR A 701 -21.65 27.24 -0.22
CA TYR A 701 -21.91 25.89 -0.71
C TYR A 701 -21.13 25.47 -1.95
N ASP A 702 -19.83 25.74 -1.95
CA ASP A 702 -18.99 25.37 -3.08
C ASP A 702 -18.20 24.10 -2.79
N GLY A 703 -18.29 23.63 -1.55
CA GLY A 703 -17.59 22.41 -1.15
C GLY A 703 -16.20 22.63 -0.60
N ARG A 704 -15.78 23.89 -0.55
CA ARG A 704 -14.46 24.24 -0.03
C ARG A 704 -14.60 25.19 1.16
N TYR A 705 -13.56 25.27 1.97
CA TYR A 705 -13.62 26.11 3.16
C TYR A 705 -13.73 27.60 2.81
N ASP A 706 -14.44 28.34 3.64
CA ASP A 706 -14.69 29.75 3.37
C ASP A 706 -13.52 30.60 3.83
N SER A 707 -13.30 31.71 3.13
CA SER A 707 -12.26 32.66 3.50
C SER A 707 -12.74 33.50 4.67
N LEU A 708 -11.82 34.25 5.28
CA LEU A 708 -12.15 35.08 6.44
C LEU A 708 -13.18 36.15 6.07
N GLU A 709 -13.13 36.58 4.82
CA GLU A 709 -14.01 37.63 4.31
C GLU A 709 -15.48 37.20 4.30
N ILE A 710 -15.76 36.04 3.73
CA ILE A 710 -17.12 35.53 3.64
C ILE A 710 -17.60 34.97 4.99
N LEU A 711 -16.65 34.59 5.83
CA LEU A 711 -16.98 34.13 7.17
C LEU A 711 -17.60 35.24 8.03
N LYS A 712 -17.09 36.45 7.88
CA LYS A 712 -17.60 37.58 8.66
C LYS A 712 -18.97 38.02 8.15
N GLN A 713 -19.26 37.71 6.89
CA GLN A 713 -20.54 38.10 6.31
C GLN A 713 -21.66 37.19 6.79
N ASN A 714 -21.32 35.97 7.16
CA ASN A 714 -22.31 35.00 7.60
C ASN A 714 -22.36 34.79 9.10
N SER A 715 -21.72 35.67 9.85
CA SER A 715 -21.72 35.57 11.30
C SER A 715 -22.96 36.21 11.89
N ARG A 716 -23.93 35.39 12.26
CA ARG A 716 -25.16 35.89 12.87
C ARG A 716 -24.93 36.40 14.29
N VAL A 717 -25.89 37.18 14.78
CA VAL A 717 -25.89 37.66 16.16
C VAL A 717 -27.12 37.11 16.87
N ILE A 718 -26.92 36.44 17.98
CA ILE A 718 -28.02 35.85 18.73
C ILE A 718 -27.81 36.00 20.23
N ARG A 719 -28.89 36.33 20.94
CA ARG A 719 -28.85 36.50 22.39
C ARG A 719 -27.87 37.60 22.75
N SER A 720 -27.84 38.63 21.91
CA SER A 720 -27.02 39.83 22.09
C SER A 720 -25.52 39.61 21.90
N GLN A 721 -25.14 38.48 21.31
CA GLN A 721 -23.74 38.20 21.05
C GLN A 721 -23.51 37.69 19.62
N GLU A 722 -22.34 38.00 19.08
CA GLU A 722 -22.00 37.58 17.72
C GLU A 722 -21.49 36.14 17.71
N ILE A 723 -22.11 35.32 16.87
CA ILE A 723 -21.78 33.91 16.77
C ILE A 723 -21.63 33.44 15.33
N LEU A 724 -20.54 32.74 15.05
CA LEU A 724 -20.39 32.11 13.75
C LEU A 724 -20.86 30.67 13.91
N ILE A 725 -22.03 30.37 13.36
CA ILE A 725 -22.62 29.05 13.51
C ILE A 725 -22.33 28.13 12.33
N PRO A 726 -21.89 26.89 12.61
CA PRO A 726 -21.51 25.91 11.58
C PRO A 726 -22.64 25.44 10.68
N THR A 727 -22.35 25.31 9.40
CA THR A 727 -23.32 24.78 8.44
C THR A 727 -23.37 23.27 8.54
N HIS A 728 -22.23 22.66 8.82
CA HIS A 728 -22.15 21.21 9.00
C HIS A 728 -21.19 20.84 10.12
N PHE A 729 -21.15 19.55 10.44
CA PHE A 729 -20.18 18.98 11.36
C PHE A 729 -19.55 17.73 10.75
N PHE A 730 -18.22 17.69 10.68
CA PHE A 730 -17.56 16.51 10.12
C PHE A 730 -17.12 15.54 11.20
N ILE A 731 -17.08 14.27 10.85
CA ILE A 731 -16.59 13.22 11.75
C ILE A 731 -15.94 12.08 10.96
N VAL A 732 -14.68 11.79 11.26
CA VAL A 732 -13.96 10.73 10.57
C VAL A 732 -13.65 9.56 11.49
N LEU A 733 -14.16 8.38 11.13
CA LEU A 733 -13.94 7.19 11.93
C LEU A 733 -12.85 6.31 11.29
N THR A 734 -11.80 6.05 12.05
CA THR A 734 -10.68 5.24 11.54
C THR A 734 -10.44 3.99 12.40
N SER A 735 -10.31 2.85 11.74
CA SER A 735 -10.04 1.59 12.42
C SER A 735 -9.02 0.75 11.65
N CYS A 736 -8.72 -0.43 12.18
CA CYS A 736 -7.79 -1.34 11.53
C CYS A 736 -8.54 -2.26 10.60
N LYS A 737 -7.89 -2.62 9.49
CA LYS A 737 -8.48 -3.54 8.54
C LYS A 737 -8.46 -4.94 9.13
N GLN A 738 -7.58 -5.16 10.09
CA GLN A 738 -7.48 -6.42 10.81
C GLN A 738 -8.09 -6.25 12.20
N LEU A 739 -9.18 -6.96 12.48
CA LEU A 739 -9.91 -6.77 13.72
C LEU A 739 -9.13 -7.16 14.97
N SER A 740 -7.99 -7.83 14.78
CA SER A 740 -7.15 -8.22 15.90
C SER A 740 -6.34 -7.05 16.44
N GLU A 741 -6.29 -5.95 15.70
CA GLU A 741 -5.48 -4.80 16.07
C GLU A 741 -6.33 -3.64 16.58
N THR A 742 -5.80 -2.90 17.53
CA THR A 742 -6.44 -1.69 18.05
C THR A 742 -6.01 -0.50 17.18
N PRO A 743 -6.79 0.58 17.18
CA PRO A 743 -6.49 1.78 16.40
C PRO A 743 -5.08 2.36 16.59
N LEU A 744 -4.36 1.87 17.59
CA LEU A 744 -3.02 2.36 17.85
C LEU A 744 -1.94 1.50 17.18
N GLU A 745 -2.36 0.42 16.53
CA GLU A 745 -1.42 -0.53 15.93
C GLU A 745 -1.90 -1.09 14.59
N CYS A 746 -2.58 -0.25 13.82
CA CYS A 746 -3.10 -0.65 12.52
C CYS A 746 -1.99 -0.89 11.50
N SER A 747 -2.10 -1.97 10.74
CA SER A 747 -1.19 -2.20 9.63
C SER A 747 -1.75 -1.49 8.41
N ALA A 748 -3.07 -1.56 8.26
CA ALA A 748 -3.75 -0.81 7.21
C ALA A 748 -4.97 -0.15 7.83
N LEU A 749 -5.42 0.93 7.22
CA LEU A 749 -6.51 1.71 7.81
C LEU A 749 -7.88 1.35 7.25
N GLU A 750 -8.91 1.71 8.01
CA GLU A 750 -10.30 1.52 7.62
C GLU A 750 -11.08 2.78 7.94
N SER A 751 -11.17 3.68 6.96
CA SER A 751 -11.79 4.98 7.16
C SER A 751 -13.24 5.05 6.71
N SER A 752 -14.01 5.91 7.37
CA SER A 752 -15.37 6.21 6.97
C SER A 752 -15.70 7.60 7.51
N ALA A 753 -15.95 8.53 6.61
CA ALA A 753 -16.22 9.91 6.99
C ALA A 753 -17.68 10.28 6.80
N TYR A 754 -18.12 11.29 7.55
CA TYR A 754 -19.47 11.80 7.45
C TYR A 754 -19.44 13.33 7.52
N ILE A 755 -20.28 13.98 6.71
CA ILE A 755 -20.45 15.42 6.81
C ILE A 755 -21.93 15.70 7.10
N LEU A 756 -22.24 15.84 8.38
CA LEU A 756 -23.62 15.98 8.83
C LEU A 756 -24.09 17.43 8.79
N PRO A 757 -25.25 17.67 8.14
CA PRO A 757 -25.84 19.01 8.05
C PRO A 757 -26.31 19.53 9.40
N HIS A 758 -25.94 20.76 9.73
CA HIS A 758 -26.35 21.39 10.97
C HIS A 758 -27.64 22.18 10.76
N ARG A 759 -28.77 21.53 11.04
CA ARG A 759 -30.08 22.12 10.79
C ARG A 759 -30.81 22.46 12.09
N PRO A 760 -31.58 23.55 12.11
CA PRO A 760 -32.38 23.95 13.28
C PRO A 760 -33.51 22.99 13.56
N ASP A 761 -33.90 22.19 12.57
CA ASP A 761 -34.97 21.21 12.75
C ASP A 761 -34.64 19.89 12.05
N ASN A 762 -35.48 18.89 12.28
CA ASN A 762 -35.29 17.58 11.66
C ASN A 762 -36.40 17.26 10.66
N ILE A 763 -36.68 18.22 9.78
CA ILE A 763 -37.71 18.03 8.78
C ILE A 763 -37.22 17.04 7.73
N GLU A 764 -35.92 17.03 7.49
CA GLU A 764 -35.31 16.14 6.52
C GLU A 764 -35.49 14.68 6.92
N SER A 765 -35.52 14.43 8.22
CA SER A 765 -35.54 13.07 8.75
C SER A 765 -36.94 12.51 8.96
N CYS A 766 -37.93 13.40 9.03
CA CYS A 766 -39.31 13.01 9.35
C CYS A 766 -39.37 12.24 10.66
N THR A 767 -38.98 12.91 11.74
CA THR A 767 -38.88 12.35 13.08
C THR A 767 -40.25 11.87 13.56
N HIS A 768 -41.29 12.50 13.02
CA HIS A 768 -42.68 12.24 13.35
C HIS A 768 -43.02 10.76 13.26
N GLY A 769 -43.36 10.20 14.42
CA GLY A 769 -43.59 8.78 14.62
C GLY A 769 -42.65 8.37 15.74
N LYS A 770 -41.69 9.25 16.02
CA LYS A 770 -40.72 9.11 17.11
C LYS A 770 -39.87 7.84 17.16
N ARG A 771 -39.44 7.32 16.02
CA ARG A 771 -38.56 6.16 16.05
C ARG A 771 -37.11 6.65 15.95
N GLU A 772 -36.55 7.07 17.08
CA GLU A 772 -35.23 7.70 17.10
C GLU A 772 -34.05 6.85 16.62
N SER A 773 -34.01 5.57 16.97
CA SER A 773 -32.89 4.72 16.60
C SER A 773 -32.82 4.41 15.10
N SER A 774 -33.91 4.71 14.39
CA SER A 774 -34.02 4.42 12.97
C SER A 774 -33.57 5.58 12.09
N TRP A 775 -34.20 6.74 12.27
CA TRP A 775 -33.99 7.89 11.39
C TRP A 775 -32.59 8.52 11.50
N VAL A 776 -31.96 8.37 12.65
CA VAL A 776 -30.62 8.94 12.85
C VAL A 776 -29.59 8.20 11.99
N GLU A 777 -29.57 6.88 12.08
CA GLU A 777 -28.66 6.06 11.30
C GLU A 777 -28.87 6.25 9.80
N GLU A 778 -30.13 6.49 9.41
CA GLU A 778 -30.46 6.72 8.01
C GLU A 778 -29.90 8.06 7.54
N LEU A 779 -29.77 8.99 8.48
CA LEU A 779 -29.21 10.30 8.17
C LEU A 779 -27.69 10.19 8.05
N LEU A 780 -27.10 9.38 8.93
CA LEU A 780 -25.67 9.14 8.90
C LEU A 780 -25.25 8.49 7.59
N THR A 781 -25.94 7.43 7.21
CA THR A 781 -25.58 6.69 6.00
C THR A 781 -25.75 7.58 4.77
N LEU A 782 -26.76 8.43 4.77
CA LEU A 782 -27.05 9.31 3.64
C LEU A 782 -26.00 10.40 3.46
N HIS A 783 -25.47 10.92 4.55
CA HIS A 783 -24.50 12.01 4.48
C HIS A 783 -23.06 11.54 4.69
N ARG A 784 -22.81 10.28 4.36
CA ARG A 784 -21.46 9.74 4.35
C ARG A 784 -20.70 10.49 3.26
N ALA A 785 -19.39 10.65 3.42
CA ALA A 785 -18.59 11.40 2.46
C ALA A 785 -17.17 10.88 2.37
N ARG A 786 -16.46 11.22 1.30
CA ARG A 786 -15.05 10.88 1.19
C ARG A 786 -14.28 11.65 2.25
N VAL A 787 -13.15 11.09 2.69
CA VAL A 787 -12.29 11.81 3.61
C VAL A 787 -11.70 13.04 2.90
N THR A 788 -11.51 12.91 1.59
CA THR A 788 -11.06 14.01 0.75
C THR A 788 -12.07 15.15 0.76
N ASP A 789 -13.35 14.80 0.75
CA ASP A 789 -14.43 15.78 0.82
C ASP A 789 -14.33 16.61 2.09
N VAL A 790 -14.04 15.94 3.21
CA VAL A 790 -13.86 16.60 4.49
C VAL A 790 -12.62 17.50 4.44
N GLU A 791 -11.56 17.01 3.80
CA GLU A 791 -10.33 17.77 3.65
C GLU A 791 -10.61 19.05 2.89
N LEU A 792 -11.37 18.92 1.80
CA LEU A 792 -11.66 20.04 0.92
C LEU A 792 -12.52 21.10 1.59
N ILE A 793 -13.41 20.66 2.48
CA ILE A 793 -14.39 21.55 3.10
C ILE A 793 -13.92 22.13 4.45
N THR A 794 -12.86 21.56 5.01
CA THR A 794 -12.35 22.04 6.30
C THR A 794 -10.96 22.63 6.19
N GLY A 795 -10.27 22.32 5.09
CA GLY A 795 -8.92 22.79 4.86
C GLY A 795 -7.93 22.08 5.77
N LEU A 796 -8.19 20.79 6.00
CA LEU A 796 -7.33 19.96 6.84
C LEU A 796 -6.81 18.80 6.01
N SER A 797 -5.69 18.23 6.42
CA SER A 797 -5.12 17.09 5.72
C SER A 797 -4.86 15.96 6.72
N PHE A 798 -5.43 14.79 6.46
CA PHE A 798 -5.33 13.69 7.41
C PHE A 798 -4.31 12.62 7.01
N TYR A 799 -3.89 11.84 8.01
CA TYR A 799 -3.05 10.65 7.81
C TYR A 799 -1.69 10.93 7.19
N GLN A 800 -1.12 12.11 7.44
CA GLN A 800 0.15 12.47 6.80
C GLN A 800 1.37 11.71 7.34
N ASP A 801 1.31 11.29 8.60
CA ASP A 801 2.41 10.54 9.22
C ASP A 801 2.21 9.03 9.12
N ARG A 802 1.17 8.63 8.40
CA ARG A 802 0.85 7.23 8.22
C ARG A 802 1.90 6.54 7.34
N GLN A 803 2.16 5.26 7.60
CA GLN A 803 3.24 4.53 6.95
C GLN A 803 3.04 4.30 5.45
N GLU A 804 1.80 4.17 5.01
CA GLU A 804 1.49 3.94 3.58
C GLU A 804 1.91 5.13 2.73
N SER A 805 2.15 4.90 1.44
CA SER A 805 2.59 5.97 0.55
C SER A 805 1.49 6.99 0.25
N VAL A 806 1.88 8.12 -0.33
CA VAL A 806 0.93 9.18 -0.65
C VAL A 806 -0.17 8.69 -1.60
N SER A 807 0.21 7.96 -2.64
CA SER A 807 -0.73 7.42 -3.60
C SER A 807 -1.75 6.48 -2.96
N GLU A 808 -1.28 5.68 -2.00
CA GLU A 808 -2.15 4.78 -1.25
C GLU A 808 -3.11 5.59 -0.38
N LEU A 809 -2.62 6.64 0.25
CA LEU A 809 -3.45 7.45 1.12
C LEU A 809 -4.51 8.22 0.35
N LEU A 810 -4.19 8.59 -0.89
CA LEU A 810 -5.18 9.23 -1.76
C LEU A 810 -6.30 8.23 -2.09
N ARG A 811 -5.90 6.99 -2.35
CA ARG A 811 -6.86 5.92 -2.62
C ARG A 811 -7.80 5.73 -1.44
N LEU A 812 -7.25 5.79 -0.24
CA LEU A 812 -8.03 5.58 0.98
C LEU A 812 -9.00 6.72 1.22
N LYS A 813 -8.53 7.94 0.99
CA LYS A 813 -9.30 9.13 1.32
C LYS A 813 -10.38 9.47 0.29
N THR A 814 -10.24 8.93 -0.92
CA THR A 814 -11.22 9.18 -1.98
C THR A 814 -12.27 8.06 -2.07
N HIS A 815 -12.32 7.21 -1.06
CA HIS A 815 -13.20 6.04 -1.08
C HIS A 815 -14.61 6.31 -0.52
N LEU A 816 -15.61 5.71 -1.15
CA LEU A 816 -17.00 5.72 -0.65
C LEU A 816 -17.68 4.38 -0.84
N PRO A 817 -18.47 3.94 0.15
CA PRO A 817 -19.22 2.68 0.08
C PRO A 817 -20.45 2.76 -0.84
N ILE A 818 -20.75 1.67 -1.54
CA ILE A 818 -21.91 1.63 -2.43
C ILE A 818 -23.17 1.16 -1.70
N PHE A 819 -24.27 1.90 -1.85
CA PHE A 819 -25.55 1.50 -1.26
C PHE A 819 -26.12 0.29 -1.98
N SER A 820 -26.55 -0.72 -1.21
CA SER A 820 -27.13 -1.94 -1.75
C SER A 820 -26.18 -2.65 -2.72
N LYS B 88 13.24 24.15 29.46
CA LYS B 88 12.67 22.82 29.22
C LYS B 88 13.60 21.96 28.36
N SER B 89 13.85 20.74 28.82
CA SER B 89 14.70 19.81 28.08
C SER B 89 14.00 19.31 26.83
N TRP B 90 14.76 18.71 25.92
CA TRP B 90 14.20 18.21 24.68
C TRP B 90 13.19 17.10 24.95
N VAL B 91 13.50 16.27 25.93
CA VAL B 91 12.63 15.16 26.29
C VAL B 91 11.33 15.68 26.92
N GLU B 92 11.40 16.87 27.50
CA GLU B 92 10.24 17.48 28.16
C GLU B 92 9.25 18.09 27.17
N GLU B 93 9.73 18.40 25.96
CA GLU B 93 8.86 18.96 24.92
C GLU B 93 8.05 17.85 24.28
N THR B 94 6.88 18.18 23.74
CA THR B 94 6.05 17.16 23.12
C THR B 94 6.51 16.91 21.69
N CYS B 95 5.81 16.03 20.98
CA CYS B 95 6.16 15.74 19.60
C CYS B 95 5.78 16.92 18.72
N GLU B 96 6.65 17.25 17.78
CA GLU B 96 6.35 18.31 16.83
C GLU B 96 6.67 17.86 15.41
N SER B 97 5.69 17.99 14.53
CA SER B 97 5.83 17.56 13.14
C SER B 97 6.80 18.45 12.38
N ILE B 98 7.85 17.83 11.85
CA ILE B 98 8.85 18.53 11.07
C ILE B 98 8.67 18.21 9.59
N ASP B 99 7.61 18.77 9.01
CA ASP B 99 7.30 18.55 7.61
C ASP B 99 8.36 19.20 6.73
N THR B 100 8.80 20.38 7.14
CA THR B 100 9.87 21.10 6.45
C THR B 100 11.01 21.36 7.42
N PRO B 101 12.24 20.99 7.02
CA PRO B 101 13.42 21.15 7.88
C PRO B 101 13.69 22.61 8.24
N GLU B 102 13.77 22.88 9.55
CA GLU B 102 14.09 24.22 10.05
C GLU B 102 15.59 24.30 10.35
N CYS B 103 16.34 24.65 9.30
CA CYS B 103 17.79 24.71 9.37
C CYS B 103 18.34 26.11 9.53
N PRO B 104 19.41 26.25 10.35
CA PRO B 104 20.14 27.51 10.55
C PRO B 104 20.73 28.02 9.24
N ALA B 105 21.18 29.28 9.23
CA ALA B 105 21.75 29.87 8.02
C ALA B 105 22.99 29.15 7.52
N GLU B 106 23.74 28.50 8.42
CA GLU B 106 24.97 27.83 8.01
C GLU B 106 24.71 26.41 7.52
N PHE B 107 23.46 25.96 7.63
CA PHE B 107 23.06 24.64 7.16
C PHE B 107 22.16 24.71 5.93
N GLU B 108 22.54 23.97 4.89
CA GLU B 108 21.78 23.93 3.65
C GLU B 108 20.82 22.74 3.59
N SER B 109 21.21 21.64 4.22
CA SER B 109 20.39 20.44 4.26
C SER B 109 20.66 19.67 5.55
N PRO B 110 19.64 19.02 6.11
CA PRO B 110 19.81 18.29 7.36
C PRO B 110 20.86 17.17 7.26
N PRO B 111 21.85 17.17 8.15
CA PRO B 111 22.85 16.10 8.21
C PRO B 111 22.22 14.81 8.71
N THR B 112 22.96 13.71 8.62
CA THR B 112 22.44 12.43 9.07
C THR B 112 23.37 11.76 10.08
N LEU B 113 22.89 11.56 11.30
CA LEU B 113 23.69 10.92 12.33
C LEU B 113 23.24 9.48 12.56
N LEU B 114 24.20 8.56 12.51
CA LEU B 114 23.95 7.15 12.76
C LEU B 114 24.44 6.76 14.16
N PHE B 115 23.50 6.67 15.09
CA PHE B 115 23.80 6.38 16.49
C PHE B 115 23.61 4.89 16.79
N SER B 116 24.68 4.24 17.20
CA SER B 116 24.63 2.80 17.50
C SER B 116 24.79 2.52 19.00
N LEU B 117 23.97 1.61 19.51
CA LEU B 117 24.05 1.17 20.89
C LEU B 117 24.24 -0.34 20.88
N ASP B 118 25.49 -0.78 21.02
CA ASP B 118 25.81 -2.19 20.88
C ASP B 118 25.06 -3.06 21.87
N GLY B 119 24.51 -4.16 21.36
CA GLY B 119 23.84 -5.15 22.18
C GLY B 119 22.46 -4.72 22.66
N PHE B 120 21.87 -3.74 21.97
CA PHE B 120 20.53 -3.29 22.33
C PHE B 120 19.48 -4.16 21.66
N ARG B 121 19.12 -5.27 22.30
CA ARG B 121 18.11 -6.16 21.74
C ARG B 121 16.75 -5.46 21.71
N ALA B 122 15.95 -5.79 20.71
CA ALA B 122 14.67 -5.11 20.49
C ALA B 122 13.70 -5.27 21.65
N GLU B 123 13.81 -6.37 22.37
CA GLU B 123 12.92 -6.64 23.51
C GLU B 123 13.10 -5.61 24.63
N TYR B 124 14.27 -4.99 24.68
CA TYR B 124 14.59 -3.98 25.68
C TYR B 124 13.60 -2.82 25.66
N LEU B 125 13.38 -2.25 24.48
CA LEU B 125 12.46 -1.13 24.34
C LEU B 125 11.00 -1.57 24.51
N HIS B 126 10.71 -2.81 24.16
CA HIS B 126 9.37 -3.37 24.34
C HIS B 126 9.00 -3.38 25.82
N THR B 127 9.94 -3.85 26.65
CA THR B 127 9.67 -4.03 28.07
C THR B 127 10.02 -2.80 28.91
N TRP B 128 11.21 -2.26 28.71
CA TRP B 128 11.68 -1.15 29.54
C TRP B 128 11.53 0.21 28.86
N GLY B 129 10.44 0.38 28.12
CA GLY B 129 10.17 1.64 27.45
C GLY B 129 9.87 2.75 28.44
N GLY B 130 9.20 2.39 29.53
CA GLY B 130 8.82 3.35 30.54
C GLY B 130 9.98 3.83 31.37
N LEU B 131 11.11 3.12 31.26
CA LEU B 131 12.33 3.46 31.97
C LEU B 131 13.28 4.24 31.09
N LEU B 132 12.92 4.35 29.81
CA LEU B 132 13.73 5.06 28.83
C LEU B 132 12.89 6.18 28.22
N PRO B 133 12.81 7.32 28.92
CA PRO B 133 11.95 8.44 28.52
C PRO B 133 12.41 9.15 27.25
N VAL B 134 13.72 9.24 27.04
CA VAL B 134 14.24 9.93 25.85
C VAL B 134 13.98 9.11 24.59
N ILE B 135 14.38 7.84 24.62
CA ILE B 135 14.22 6.92 23.50
C ILE B 135 12.75 6.69 23.14
N SER B 136 11.88 6.63 24.14
CA SER B 136 10.46 6.43 23.88
C SER B 136 9.88 7.59 23.09
N LYS B 137 10.37 8.81 23.36
CA LYS B 137 9.90 9.97 22.61
C LYS B 137 10.37 9.92 21.17
N LEU B 138 11.60 9.46 20.96
CA LEU B 138 12.13 9.26 19.62
C LEU B 138 11.29 8.24 18.86
N LYS B 139 10.77 7.27 19.60
CA LYS B 139 9.88 6.25 19.03
C LYS B 139 8.56 6.89 18.63
N ASN B 140 8.00 7.66 19.54
CA ASN B 140 6.67 8.26 19.36
C ASN B 140 6.61 9.39 18.32
N CYS B 141 7.76 10.01 18.06
CA CYS B 141 7.80 11.13 17.11
C CYS B 141 8.56 10.74 15.86
N GLY B 142 8.95 9.47 15.76
CA GLY B 142 9.72 9.03 14.61
C GLY B 142 9.20 7.74 14.00
N THR B 143 10.04 7.12 13.19
CA THR B 143 9.73 5.84 12.56
C THR B 143 10.36 4.69 13.31
N TYR B 144 9.53 3.81 13.84
CA TYR B 144 10.00 2.72 14.69
C TYR B 144 9.61 1.36 14.12
N THR B 145 10.38 0.33 14.45
CA THR B 145 10.04 -1.04 14.05
C THR B 145 10.27 -1.97 15.24
N LYS B 146 9.25 -2.75 15.58
CA LYS B 146 9.32 -3.69 16.69
C LYS B 146 10.60 -4.52 16.67
N ASN B 147 10.95 -5.03 15.49
CA ASN B 147 12.14 -5.84 15.34
C ASN B 147 12.89 -5.52 14.06
N MET B 148 14.19 -5.29 14.19
CA MET B 148 15.03 -5.10 13.01
C MET B 148 15.94 -6.30 12.87
N ARG B 149 15.73 -7.07 11.80
CA ARG B 149 16.49 -8.30 11.60
C ARG B 149 17.92 -8.00 11.18
N PRO B 150 18.88 -8.49 11.97
CA PRO B 150 20.31 -8.29 11.72
C PRO B 150 20.85 -9.39 10.82
N MET B 151 22.16 -9.41 10.62
CA MET B 151 22.78 -10.42 9.78
C MET B 151 23.36 -11.59 10.58
N TYR B 152 23.75 -12.64 9.86
CA TYR B 152 24.32 -13.83 10.49
C TYR B 152 25.82 -13.89 10.23
N PRO B 153 26.61 -14.20 11.26
CA PRO B 153 26.19 -14.41 12.66
C PRO B 153 25.88 -13.10 13.37
N THR B 154 25.18 -13.16 14.48
CA THR B 154 24.77 -11.96 15.18
C THR B 154 25.91 -11.45 16.05
N LYS B 155 26.91 -10.88 15.38
CA LYS B 155 28.10 -10.35 16.04
C LYS B 155 28.28 -8.87 15.70
N THR B 156 29.07 -8.17 16.50
CA THR B 156 29.23 -6.73 16.33
C THR B 156 29.77 -6.30 14.98
N PHE B 157 31.01 -6.71 14.70
CA PHE B 157 31.68 -6.32 13.46
C PHE B 157 30.96 -6.69 12.15
N PRO B 158 30.48 -7.94 12.01
CA PRO B 158 29.80 -8.23 10.75
C PRO B 158 28.58 -7.35 10.55
N ASN B 159 27.77 -7.18 11.59
CA ASN B 159 26.56 -6.38 11.49
C ASN B 159 26.81 -4.89 11.33
N HIS B 160 27.71 -4.34 12.13
CA HIS B 160 28.07 -2.92 12.03
C HIS B 160 28.61 -2.58 10.65
N TYR B 161 29.31 -3.52 10.04
CA TYR B 161 29.88 -3.30 8.72
C TYR B 161 28.85 -3.57 7.63
N SER B 162 27.87 -4.43 7.91
CA SER B 162 26.80 -4.69 6.94
C SER B 162 25.84 -3.52 6.85
N ILE B 163 25.68 -2.79 7.95
CA ILE B 163 24.83 -1.61 7.96
C ILE B 163 25.35 -0.54 7.01
N VAL B 164 26.65 -0.25 7.10
CA VAL B 164 27.26 0.82 6.32
C VAL B 164 27.70 0.38 4.91
N THR B 165 27.54 -0.90 4.59
CA THR B 165 27.88 -1.40 3.27
C THR B 165 26.68 -1.95 2.52
N GLY B 166 25.66 -2.35 3.27
CA GLY B 166 24.47 -2.95 2.70
C GLY B 166 24.74 -4.31 2.09
N LEU B 167 25.83 -4.92 2.53
CA LEU B 167 26.23 -6.21 1.99
C LEU B 167 26.09 -7.34 3.01
N TYR B 168 25.89 -8.54 2.50
CA TYR B 168 25.91 -9.73 3.32
C TYR B 168 27.33 -9.94 3.83
N PRO B 169 27.47 -10.46 5.07
CA PRO B 169 28.79 -10.72 5.66
C PRO B 169 29.66 -11.60 4.75
N GLU B 170 29.05 -12.49 3.99
CA GLU B 170 29.78 -13.37 3.09
C GLU B 170 30.41 -12.58 1.95
N SER B 171 30.00 -11.33 1.79
CA SER B 171 30.46 -10.51 0.67
C SER B 171 31.33 -9.33 1.08
N HIS B 172 31.16 -8.83 2.31
CA HIS B 172 31.95 -7.67 2.73
C HIS B 172 33.20 -8.06 3.50
N GLY B 173 33.40 -9.36 3.69
CA GLY B 173 34.64 -9.87 4.24
C GLY B 173 34.68 -10.10 5.74
N ILE B 174 33.92 -9.30 6.49
CA ILE B 174 33.92 -9.44 7.95
C ILE B 174 32.91 -10.49 8.38
N ILE B 175 33.35 -11.73 8.41
CA ILE B 175 32.49 -12.86 8.70
C ILE B 175 32.15 -12.91 10.19
N ASP B 176 33.17 -12.71 11.03
CA ASP B 176 32.98 -12.76 12.48
C ASP B 176 33.96 -11.81 13.14
N ASN B 177 33.80 -11.58 14.44
CA ASN B 177 34.77 -10.81 15.21
C ASN B 177 36.14 -11.48 15.19
N LYS B 178 36.12 -12.80 15.31
CA LYS B 178 37.32 -13.61 15.23
C LYS B 178 37.19 -14.60 14.09
N MET B 179 38.08 -14.49 13.12
CA MET B 179 38.02 -15.34 11.93
C MET B 179 39.42 -15.56 11.37
N TYR B 180 39.52 -16.41 10.36
CA TYR B 180 40.81 -16.78 9.80
C TYR B 180 40.74 -16.93 8.28
N ASP B 181 41.76 -16.42 7.61
CA ASP B 181 41.85 -16.51 6.16
C ASP B 181 42.90 -17.51 5.69
N PRO B 182 42.46 -18.57 4.99
CA PRO B 182 43.39 -19.59 4.50
C PRO B 182 44.34 -19.01 3.46
N LYS B 183 43.83 -18.18 2.56
CA LYS B 183 44.64 -17.62 1.49
C LYS B 183 45.68 -16.63 2.01
N MET B 184 45.29 -15.77 2.95
CA MET B 184 46.20 -14.76 3.49
C MET B 184 47.12 -15.33 4.56
N ASN B 185 46.74 -16.48 5.10
CA ASN B 185 47.43 -17.13 6.22
C ASN B 185 47.57 -16.17 7.40
N ALA B 186 46.46 -15.53 7.76
CA ALA B 186 46.46 -14.57 8.86
C ALA B 186 45.15 -14.62 9.63
N SER B 187 45.21 -14.43 10.93
CA SER B 187 44.00 -14.45 11.74
C SER B 187 43.48 -13.04 11.97
N PHE B 188 42.24 -12.94 12.40
CA PHE B 188 41.61 -11.65 12.66
C PHE B 188 41.02 -11.62 14.07
N SER B 189 41.18 -10.48 14.72
CA SER B 189 40.63 -10.28 16.06
C SER B 189 40.46 -8.79 16.31
N LEU B 190 39.57 -8.46 17.25
CA LEU B 190 39.33 -7.07 17.60
C LEU B 190 40.52 -6.47 18.31
N LYS B 191 41.12 -7.24 19.21
CA LYS B 191 42.33 -6.84 19.91
C LYS B 191 43.54 -7.44 19.19
N SER B 192 43.83 -6.92 18.00
CA SER B 192 44.92 -7.43 17.18
C SER B 192 45.39 -6.37 16.18
N LYS B 193 46.62 -6.52 15.70
CA LYS B 193 47.17 -5.58 14.73
C LYS B 193 46.60 -5.82 13.35
N GLU B 194 46.12 -7.04 13.13
CA GLU B 194 45.54 -7.42 11.84
C GLU B 194 44.20 -6.76 11.58
N LYS B 195 43.58 -6.25 12.64
CA LYS B 195 42.29 -5.55 12.52
C LYS B 195 42.35 -4.34 11.58
N PHE B 196 43.46 -3.61 11.63
CA PHE B 196 43.60 -2.39 10.84
C PHE B 196 44.11 -2.66 9.42
N ASN B 197 44.09 -3.94 9.03
CA ASN B 197 44.51 -4.35 7.70
C ASN B 197 43.35 -4.29 6.69
N PRO B 198 43.50 -3.42 5.67
CA PRO B 198 42.47 -3.16 4.65
C PRO B 198 42.17 -4.38 3.79
N LEU B 199 42.98 -5.44 3.93
CA LEU B 199 42.79 -6.65 3.13
C LEU B 199 41.63 -7.50 3.65
N TRP B 200 41.14 -7.14 4.83
CA TRP B 200 40.02 -7.84 5.46
C TRP B 200 38.69 -7.29 4.95
N TYR B 201 38.64 -5.97 4.84
CA TYR B 201 37.43 -5.23 4.50
C TYR B 201 37.10 -5.19 3.00
N LYS B 202 36.03 -5.86 2.60
CA LYS B 202 35.61 -5.81 1.21
C LYS B 202 34.45 -4.83 1.08
N GLY B 203 33.90 -4.71 -0.13
CA GLY B 203 32.77 -3.82 -0.38
C GLY B 203 33.13 -2.34 -0.33
N GLN B 204 32.12 -1.51 -0.08
CA GLN B 204 32.30 -0.05 -0.02
C GLN B 204 31.39 0.57 1.02
N PRO B 205 31.97 0.98 2.16
CA PRO B 205 31.20 1.62 3.22
C PRO B 205 30.67 3.00 2.81
N ILE B 206 29.70 3.50 3.57
CA ILE B 206 28.98 4.72 3.22
C ILE B 206 29.87 5.97 3.13
N TRP B 207 30.88 6.07 4.00
CA TRP B 207 31.77 7.23 4.02
C TRP B 207 32.67 7.30 2.79
N VAL B 208 32.97 6.12 2.23
CA VAL B 208 33.73 6.04 0.98
C VAL B 208 32.85 6.47 -0.18
N THR B 209 31.59 6.05 -0.15
CA THR B 209 30.62 6.44 -1.16
C THR B 209 30.42 7.95 -1.16
N ALA B 210 30.29 8.52 0.04
CA ALA B 210 30.11 9.95 0.19
C ALA B 210 31.34 10.72 -0.32
N ASN B 211 32.51 10.13 -0.09
CA ASN B 211 33.76 10.75 -0.50
C ASN B 211 33.91 10.84 -2.02
N HIS B 212 33.46 9.81 -2.72
CA HIS B 212 33.53 9.80 -4.18
C HIS B 212 32.58 10.82 -4.78
N GLN B 213 31.57 11.20 -4.01
CA GLN B 213 30.58 12.16 -4.47
C GLN B 213 30.65 13.49 -3.70
N GLU B 214 31.83 13.80 -3.19
CA GLU B 214 32.10 15.09 -2.55
C GLU B 214 31.21 15.42 -1.36
N VAL B 215 31.09 14.47 -0.43
CA VAL B 215 30.34 14.68 0.80
C VAL B 215 31.21 14.34 2.00
N LYS B 216 31.44 15.32 2.87
CA LYS B 216 32.31 15.12 4.02
C LYS B 216 31.63 14.20 5.02
N SER B 217 32.43 13.43 5.75
CA SER B 217 31.92 12.48 6.71
C SER B 217 32.80 12.44 7.95
N GLY B 218 32.13 12.49 9.10
CA GLY B 218 32.77 12.46 10.40
C GLY B 218 32.30 11.28 11.23
N THR B 219 33.17 10.30 11.40
CA THR B 219 32.79 9.08 12.07
C THR B 219 33.37 9.01 13.49
N TYR B 220 32.77 8.17 14.33
CA TYR B 220 33.25 8.00 15.69
C TYR B 220 33.09 6.56 16.20
N PHE B 221 34.20 5.82 16.19
CA PHE B 221 34.24 4.45 16.72
C PHE B 221 33.31 3.52 15.94
N TRP B 222 33.34 3.58 14.62
CA TRP B 222 32.56 2.62 13.86
C TRP B 222 33.50 1.61 13.25
N PRO B 223 33.14 0.32 13.35
CA PRO B 223 34.00 -0.74 12.80
C PRO B 223 34.28 -0.51 11.32
N GLY B 224 35.55 -0.26 11.02
CA GLY B 224 35.99 -0.03 9.65
C GLY B 224 36.27 1.43 9.35
N SER B 225 35.99 2.32 10.31
CA SER B 225 36.22 3.74 10.11
C SER B 225 37.68 4.13 10.38
N ASP B 226 38.32 3.45 11.33
CA ASP B 226 39.72 3.69 11.67
C ASP B 226 40.62 3.22 10.52
N VAL B 227 40.23 2.10 9.91
CA VAL B 227 40.96 1.48 8.82
C VAL B 227 40.64 2.16 7.48
N GLU B 228 41.63 2.21 6.59
CA GLU B 228 41.41 2.81 5.27
C GLU B 228 40.94 1.79 4.25
N ILE B 229 39.78 2.04 3.67
CA ILE B 229 39.22 1.19 2.63
C ILE B 229 39.37 1.94 1.30
N ASP B 230 39.93 1.27 0.30
CA ASP B 230 40.22 1.90 -1.00
C ASP B 230 41.08 3.15 -0.87
N GLY B 231 41.95 3.17 0.14
CA GLY B 231 42.84 4.28 0.37
C GLY B 231 42.09 5.53 0.81
N ILE B 232 40.88 5.33 1.31
CA ILE B 232 40.03 6.45 1.72
C ILE B 232 39.74 6.39 3.21
N LEU B 233 39.84 7.53 3.88
CA LEU B 233 39.50 7.58 5.29
C LEU B 233 38.50 8.73 5.45
N PRO B 234 37.56 8.58 6.38
CA PRO B 234 36.60 9.64 6.70
C PRO B 234 37.28 10.92 7.15
N ASP B 235 36.71 12.06 6.77
CA ASP B 235 37.30 13.38 7.01
C ASP B 235 37.58 13.62 8.50
N ILE B 236 36.75 13.02 9.34
CA ILE B 236 37.00 13.03 10.77
C ILE B 236 36.81 11.63 11.34
N TYR B 237 37.89 11.05 11.83
CA TYR B 237 37.83 9.70 12.38
C TYR B 237 38.54 9.61 13.71
N LYS B 238 38.36 8.48 14.40
CA LYS B 238 39.02 8.26 15.67
C LYS B 238 39.37 6.79 15.81
N VAL B 239 40.67 6.49 15.94
CA VAL B 239 41.08 5.11 16.17
C VAL B 239 40.43 4.63 17.46
N TYR B 240 39.86 3.43 17.46
CA TYR B 240 39.04 2.98 18.57
C TYR B 240 39.77 2.95 19.92
N ASN B 241 39.16 3.60 20.91
CA ASN B 241 39.70 3.60 22.26
C ASN B 241 38.52 3.50 23.22
N GLY B 242 38.26 2.29 23.70
CA GLY B 242 37.13 2.00 24.56
C GLY B 242 37.18 2.65 25.94
N SER B 243 38.32 3.25 26.27
CA SER B 243 38.50 3.88 27.57
C SER B 243 37.88 5.28 27.58
N VAL B 244 37.62 5.80 26.39
CA VAL B 244 37.03 7.14 26.25
C VAL B 244 35.61 7.17 26.81
N PRO B 245 35.35 8.07 27.77
CA PRO B 245 34.04 8.21 28.41
C PRO B 245 32.95 8.58 27.40
N PHE B 246 31.75 8.05 27.60
CA PHE B 246 30.66 8.24 26.66
C PHE B 246 30.28 9.70 26.44
N GLU B 247 30.22 10.46 27.53
CA GLU B 247 29.84 11.88 27.45
C GLU B 247 30.76 12.65 26.52
N GLU B 248 32.01 12.21 26.45
CA GLU B 248 33.02 12.86 25.62
C GLU B 248 32.81 12.52 24.15
N ARG B 249 32.22 11.34 23.90
CA ARG B 249 31.95 10.91 22.54
C ARG B 249 30.85 11.77 21.91
N ILE B 250 29.83 12.07 22.71
CA ILE B 250 28.71 12.87 22.28
C ILE B 250 29.18 14.30 22.01
N LEU B 251 29.95 14.84 22.96
CA LEU B 251 30.48 16.19 22.86
C LEU B 251 31.40 16.37 21.65
N ALA B 252 32.13 15.32 21.30
CA ALA B 252 33.01 15.37 20.15
C ALA B 252 32.22 15.64 18.86
N VAL B 253 31.09 14.97 18.71
CA VAL B 253 30.23 15.16 17.55
C VAL B 253 29.53 16.51 17.56
N LEU B 254 29.09 16.93 18.74
CA LEU B 254 28.45 18.24 18.89
C LEU B 254 29.38 19.39 18.54
N GLU B 255 30.67 19.21 18.80
CA GLU B 255 31.66 20.23 18.48
C GLU B 255 31.89 20.30 16.97
N TRP B 256 31.79 19.16 16.29
CA TRP B 256 31.99 19.10 14.85
C TRP B 256 30.85 19.79 14.09
N LEU B 257 29.65 19.74 14.66
CA LEU B 257 28.47 20.39 14.09
C LEU B 257 28.60 21.92 14.04
N GLN B 258 29.60 22.44 14.75
CA GLN B 258 29.80 23.88 14.85
C GLN B 258 30.92 24.34 13.91
N LEU B 259 31.52 23.38 13.22
CA LEU B 259 32.58 23.64 12.26
C LEU B 259 32.05 24.47 11.10
N PRO B 260 32.92 25.26 10.45
CA PRO B 260 32.55 26.07 9.28
C PRO B 260 31.87 25.26 8.19
N SER B 261 31.01 25.93 7.41
CA SER B 261 30.20 25.26 6.40
C SER B 261 31.03 24.46 5.40
N HIS B 262 32.29 24.84 5.24
CA HIS B 262 33.18 24.17 4.30
C HIS B 262 33.94 23.01 4.92
N GLU B 263 34.06 23.01 6.25
CA GLU B 263 34.82 21.98 6.96
C GLU B 263 33.96 21.12 7.87
N ARG B 264 32.65 21.22 7.71
CA ARG B 264 31.70 20.46 8.52
C ARG B 264 31.20 19.20 7.80
N PRO B 265 31.31 18.04 8.45
CA PRO B 265 30.83 16.77 7.87
C PRO B 265 29.32 16.79 7.72
N HIS B 266 28.80 16.01 6.77
CA HIS B 266 27.35 15.97 6.53
C HIS B 266 26.80 14.62 7.00
N PHE B 267 27.70 13.66 7.20
CA PHE B 267 27.34 12.35 7.69
C PHE B 267 28.10 12.04 8.98
N TYR B 268 27.41 11.52 9.98
CA TYR B 268 28.01 11.28 11.29
C TYR B 268 27.69 9.89 11.82
N THR B 269 28.60 9.32 12.61
CA THR B 269 28.36 8.04 13.27
C THR B 269 28.66 8.18 14.77
N LEU B 270 27.98 7.36 15.57
CA LEU B 270 28.22 7.32 17.02
C LEU B 270 28.11 5.89 17.54
N TYR B 271 29.05 5.50 18.40
CA TYR B 271 29.04 4.15 18.94
C TYR B 271 29.25 4.11 20.44
N LEU B 272 28.42 3.30 21.10
CA LEU B 272 28.52 3.07 22.53
C LEU B 272 28.58 1.56 22.78
N GLU B 273 29.42 1.11 23.71
CA GLU B 273 29.55 -0.32 23.98
C GLU B 273 28.40 -0.91 24.79
N GLU B 274 27.55 -0.05 25.33
CA GLU B 274 26.39 -0.47 26.11
C GLU B 274 25.15 -0.53 25.23
N PRO B 275 24.19 -1.42 25.56
CA PRO B 275 24.18 -2.38 26.67
C PRO B 275 24.75 -3.76 26.35
N ASP B 276 25.68 -3.86 25.42
CA ASP B 276 26.29 -5.16 25.12
C ASP B 276 27.13 -5.62 26.30
N SER B 277 27.91 -4.70 26.85
CA SER B 277 28.80 -4.98 27.97
C SER B 277 28.09 -5.48 29.23
N SER B 278 27.05 -4.76 29.64
CA SER B 278 26.29 -5.16 30.83
C SER B 278 25.51 -6.44 30.52
N GLY B 279 25.19 -6.62 29.25
CA GLY B 279 24.44 -7.78 28.80
C GLY B 279 25.26 -9.05 28.90
N HIS B 280 26.54 -8.96 28.56
CA HIS B 280 27.42 -10.11 28.64
C HIS B 280 27.69 -10.51 30.08
N SER B 281 28.08 -9.53 30.90
CA SER B 281 28.57 -9.82 32.23
C SER B 281 27.49 -10.17 33.26
N HIS B 282 26.25 -9.77 33.01
CA HIS B 282 25.20 -9.99 34.00
C HIS B 282 23.91 -10.59 33.43
N GLY B 283 23.80 -10.59 32.11
CA GLY B 283 22.65 -11.18 31.44
C GLY B 283 21.63 -10.15 30.98
N PRO B 284 20.81 -10.54 29.98
CA PRO B 284 19.78 -9.71 29.37
C PRO B 284 18.73 -9.22 30.36
N VAL B 285 18.40 -10.05 31.34
CA VAL B 285 17.41 -9.66 32.35
C VAL B 285 18.02 -9.31 33.70
N SER B 286 19.19 -8.68 33.68
CA SER B 286 19.89 -8.31 34.90
C SER B 286 19.46 -6.95 35.43
N SER B 287 19.94 -6.61 36.63
CA SER B 287 19.67 -5.32 37.23
C SER B 287 20.62 -4.30 36.62
N GLU B 288 21.75 -4.79 36.14
CA GLU B 288 22.80 -3.94 35.59
C GLU B 288 22.46 -3.41 34.20
N VAL B 289 21.70 -4.19 33.43
CA VAL B 289 21.30 -3.73 32.09
C VAL B 289 20.25 -2.62 32.15
N ILE B 290 19.37 -2.68 33.15
CA ILE B 290 18.40 -1.61 33.34
C ILE B 290 19.13 -0.31 33.67
N LYS B 291 20.12 -0.41 34.56
CA LYS B 291 20.96 0.74 34.90
C LYS B 291 21.77 1.19 33.69
N ALA B 292 22.14 0.23 32.86
CA ALA B 292 22.88 0.51 31.64
C ALA B 292 21.95 1.14 30.61
N LEU B 293 20.73 0.62 30.52
CA LEU B 293 19.74 1.17 29.61
C LEU B 293 19.41 2.60 29.98
N GLN B 294 19.26 2.86 31.27
CA GLN B 294 18.99 4.22 31.71
C GLN B 294 20.18 5.13 31.45
N LYS B 295 21.39 4.59 31.59
CA LYS B 295 22.60 5.36 31.32
C LYS B 295 22.71 5.70 29.85
N VAL B 296 22.46 4.71 28.99
CA VAL B 296 22.54 4.94 27.57
C VAL B 296 21.39 5.86 27.11
N ASP B 297 20.26 5.77 27.79
CA ASP B 297 19.11 6.60 27.47
C ASP B 297 19.35 8.09 27.74
N ARG B 298 20.00 8.40 28.87
CA ARG B 298 20.27 9.78 29.22
C ARG B 298 21.33 10.37 28.29
N LEU B 299 22.23 9.52 27.81
CA LEU B 299 23.30 9.94 26.91
C LEU B 299 22.74 10.40 25.58
N VAL B 300 21.67 9.74 25.13
CA VAL B 300 20.97 10.14 23.92
C VAL B 300 20.22 11.45 24.19
N GLY B 301 19.69 11.56 25.41
CA GLY B 301 19.01 12.76 25.86
C GLY B 301 19.97 13.94 25.88
N MET B 302 21.21 13.67 26.27
CA MET B 302 22.24 14.71 26.29
C MET B 302 22.57 15.15 24.86
N LEU B 303 22.49 14.23 23.91
CA LEU B 303 22.68 14.57 22.51
C LEU B 303 21.57 15.49 21.99
N MET B 304 20.32 15.11 22.26
CA MET B 304 19.18 15.89 21.79
C MET B 304 19.13 17.28 22.40
N ASP B 305 19.42 17.37 23.69
CA ASP B 305 19.45 18.66 24.38
C ASP B 305 20.56 19.53 23.80
N GLY B 306 21.66 18.90 23.42
CA GLY B 306 22.78 19.60 22.80
C GLY B 306 22.45 20.11 21.41
N LEU B 307 21.68 19.31 20.67
CA LEU B 307 21.21 19.69 19.34
C LEU B 307 20.22 20.84 19.44
N LYS B 308 19.45 20.86 20.51
CA LYS B 308 18.45 21.89 20.73
C LYS B 308 19.13 23.22 21.02
N ASP B 309 20.22 23.19 21.78
CA ASP B 309 20.95 24.40 22.11
C ASP B 309 21.70 24.92 20.89
N LEU B 310 21.86 24.06 19.88
CA LEU B 310 22.51 24.46 18.63
C LEU B 310 21.48 24.77 17.57
N GLY B 311 20.21 24.62 17.90
CA GLY B 311 19.13 24.88 16.96
C GLY B 311 19.08 23.90 15.80
N LEU B 312 19.35 22.63 16.09
CA LEU B 312 19.40 21.61 15.05
C LEU B 312 18.48 20.44 15.36
N ASP B 313 17.66 20.58 16.39
CA ASP B 313 16.75 19.51 16.79
C ASP B 313 15.70 19.25 15.71
N LYS B 314 15.49 20.24 14.85
CA LYS B 314 14.59 20.06 13.71
C LYS B 314 15.34 20.20 12.39
N CYS B 315 16.62 19.88 12.40
CA CYS B 315 17.45 19.99 11.21
C CYS B 315 18.42 18.82 11.12
N LEU B 316 18.13 17.76 11.86
CA LEU B 316 19.00 16.58 11.85
C LEU B 316 18.19 15.31 11.73
N ASN B 317 18.66 14.39 10.86
CA ASN B 317 18.07 13.06 10.77
C ASN B 317 18.83 12.08 11.66
N LEU B 318 18.14 11.59 12.67
CA LEU B 318 18.76 10.66 13.61
C LEU B 318 18.27 9.24 13.39
N ILE B 319 19.21 8.31 13.32
CA ILE B 319 18.90 6.89 13.23
C ILE B 319 19.48 6.12 14.41
N LEU B 320 18.64 5.84 15.40
CA LEU B 320 19.08 5.11 16.58
C LEU B 320 18.97 3.60 16.31
N ILE B 321 20.11 2.95 16.12
CA ILE B 321 20.17 1.56 15.65
C ILE B 321 21.05 0.71 16.57
N SER B 322 21.01 -0.61 16.40
CA SER B 322 21.92 -1.52 17.10
C SER B 322 22.37 -2.65 16.17
N ASP B 323 23.43 -3.35 16.57
CA ASP B 323 24.04 -4.39 15.72
C ASP B 323 23.37 -5.75 15.88
N HIS B 324 22.98 -6.09 17.10
CA HIS B 324 22.41 -7.40 17.38
C HIS B 324 21.65 -7.38 18.70
N GLY B 325 21.23 -8.57 19.14
CA GLY B 325 20.53 -8.70 20.38
C GLY B 325 21.39 -9.30 21.47
N MET B 326 20.75 -9.94 22.44
CA MET B 326 21.44 -10.54 23.57
C MET B 326 20.63 -11.72 24.13
N GLU B 327 21.32 -12.82 24.39
CA GLU B 327 20.65 -14.01 24.92
C GLU B 327 21.35 -14.50 26.18
N GLN B 328 20.57 -15.03 27.11
CA GLN B 328 21.12 -15.55 28.36
C GLN B 328 21.74 -16.93 28.17
N GLY B 329 23.04 -17.01 28.33
CA GLY B 329 23.77 -18.28 28.21
C GLY B 329 23.67 -19.07 29.50
N SER B 330 23.92 -20.37 29.43
CA SER B 330 23.83 -21.23 30.59
C SER B 330 24.94 -22.28 30.56
N CYS B 331 25.40 -22.69 31.74
CA CYS B 331 26.42 -23.74 31.85
C CYS B 331 25.83 -25.08 31.45
N LYS B 332 24.56 -25.28 31.75
CA LYS B 332 23.87 -26.52 31.44
C LYS B 332 23.60 -26.62 29.94
N LYS B 333 23.54 -25.48 29.28
CA LYS B 333 23.27 -25.43 27.84
C LYS B 333 24.51 -25.11 27.01
N TYR B 334 25.49 -26.01 27.03
CA TYR B 334 26.71 -25.83 26.26
C TYR B 334 27.15 -27.16 25.63
N VAL B 335 27.67 -27.09 24.40
CA VAL B 335 28.08 -28.28 23.66
C VAL B 335 29.59 -28.36 23.51
N TYR B 336 30.16 -29.49 23.93
CA TYR B 336 31.60 -29.71 23.81
C TYR B 336 31.92 -30.83 22.83
N LEU B 337 32.67 -30.49 21.79
CA LEU B 337 33.00 -31.41 20.72
C LEU B 337 33.86 -32.60 21.16
N ASN B 338 34.63 -32.42 22.23
CA ASN B 338 35.52 -33.47 22.71
C ASN B 338 34.78 -34.74 23.09
N LYS B 339 33.53 -34.59 23.52
CA LYS B 339 32.73 -35.74 23.92
C LYS B 339 32.42 -36.66 22.75
N TYR B 340 32.48 -36.13 21.54
CA TYR B 340 32.21 -36.90 20.33
C TYR B 340 33.46 -37.16 19.49
N LEU B 341 34.49 -36.35 19.69
CA LEU B 341 35.72 -36.43 18.90
C LEU B 341 36.89 -36.91 19.75
N GLY B 342 36.89 -36.53 21.02
CA GLY B 342 37.97 -36.85 21.95
C GLY B 342 38.87 -35.63 22.09
N ASP B 343 39.78 -35.64 23.05
CA ASP B 343 40.66 -34.50 23.22
C ASP B 343 41.65 -34.37 22.06
N VAL B 344 41.14 -34.08 20.87
CA VAL B 344 42.01 -33.95 19.71
C VAL B 344 42.47 -32.50 19.62
N ASN B 345 43.62 -32.30 18.98
CA ASN B 345 44.20 -30.98 18.85
C ASN B 345 44.44 -30.72 17.38
N ASN B 346 43.87 -31.60 16.57
CA ASN B 346 44.01 -31.50 15.13
C ASN B 346 42.95 -30.59 14.51
N VAL B 347 41.99 -30.15 15.31
CA VAL B 347 40.93 -29.30 14.81
C VAL B 347 40.86 -28.07 15.70
N LYS B 348 40.53 -26.95 15.11
CA LYS B 348 40.36 -25.71 15.85
C LYS B 348 38.90 -25.27 15.77
N VAL B 349 38.33 -24.90 16.91
CA VAL B 349 36.92 -24.55 16.95
C VAL B 349 36.74 -23.12 17.42
N VAL B 350 36.15 -22.29 16.56
CA VAL B 350 35.80 -20.94 16.92
C VAL B 350 34.51 -20.99 17.70
N TYR B 351 34.62 -20.92 19.02
CA TYR B 351 33.49 -21.14 19.91
C TYR B 351 32.39 -20.09 19.74
N GLY B 352 31.19 -20.43 20.21
CA GLY B 352 30.04 -19.56 20.10
C GLY B 352 28.85 -20.33 19.56
N PRO B 353 27.69 -19.66 19.43
CA PRO B 353 26.49 -20.26 18.87
C PRO B 353 26.60 -20.42 17.36
N ALA B 354 27.60 -19.77 16.77
CA ALA B 354 27.89 -19.88 15.35
C ALA B 354 29.31 -20.40 15.15
N ALA B 355 29.52 -21.65 15.51
CA ALA B 355 30.84 -22.27 15.51
C ALA B 355 31.31 -22.64 14.12
N ARG B 356 32.61 -22.53 13.88
CA ARG B 356 33.21 -22.94 12.62
C ARG B 356 34.42 -23.82 12.93
N LEU B 357 34.77 -24.69 11.99
CA LEU B 357 35.84 -25.65 12.21
C LEU B 357 36.86 -25.67 11.08
N ARG B 358 38.14 -25.57 11.45
CA ARG B 358 39.24 -25.65 10.51
C ARG B 358 40.31 -26.58 11.08
N PRO B 359 41.07 -27.24 10.19
CA PRO B 359 42.14 -28.13 10.62
C PRO B 359 43.27 -27.33 11.27
N THR B 360 44.07 -27.98 12.11
CA THR B 360 45.17 -27.30 12.76
C THR B 360 46.27 -26.97 11.76
N ASP B 361 46.57 -27.92 10.90
CA ASP B 361 47.57 -27.72 9.84
C ASP B 361 47.02 -26.89 8.70
N VAL B 362 47.19 -25.57 8.76
CA VAL B 362 46.56 -24.69 7.77
C VAL B 362 47.61 -23.71 7.21
N PRO B 363 47.61 -23.47 5.89
CA PRO B 363 46.72 -24.00 4.85
C PRO B 363 47.21 -25.29 4.21
N GLU B 364 48.02 -26.05 4.94
CA GLU B 364 48.53 -27.31 4.42
C GLU B 364 47.37 -28.28 4.20
N THR B 365 46.44 -28.31 5.15
CA THR B 365 45.31 -29.22 5.07
C THR B 365 43.94 -28.55 5.10
N TYR B 366 43.87 -27.30 4.66
CA TYR B 366 42.59 -26.57 4.68
C TYR B 366 41.56 -27.17 3.72
N TYR B 367 42.03 -27.67 2.58
CA TYR B 367 41.14 -28.27 1.58
C TYR B 367 41.30 -29.78 1.49
N SER B 368 42.50 -30.27 1.80
CA SER B 368 42.79 -31.70 1.74
C SER B 368 41.98 -32.45 2.79
N PHE B 369 41.73 -31.79 3.91
CA PHE B 369 40.95 -32.36 5.00
C PHE B 369 39.51 -32.56 4.51
N ASN B 370 38.99 -33.77 4.64
CA ASN B 370 37.61 -34.04 4.27
C ASN B 370 36.65 -33.77 5.43
N TYR B 371 35.88 -32.70 5.32
CA TYR B 371 34.96 -32.32 6.38
C TYR B 371 33.71 -33.19 6.38
N GLU B 372 33.39 -33.75 5.20
CA GLU B 372 32.19 -34.55 5.03
C GLU B 372 32.13 -35.74 6.00
N ALA B 373 33.28 -36.39 6.18
CA ALA B 373 33.39 -37.53 7.08
C ALA B 373 33.19 -37.13 8.54
N LEU B 374 33.82 -36.02 8.93
CA LEU B 374 33.71 -35.51 10.29
C LEU B 374 32.28 -35.07 10.57
N ALA B 375 31.67 -34.45 9.56
CA ALA B 375 30.30 -33.97 9.67
C ALA B 375 29.33 -35.14 9.85
N LYS B 376 29.54 -36.21 9.09
CA LYS B 376 28.69 -37.39 9.21
C LYS B 376 28.94 -38.08 10.55
N ASN B 377 30.15 -37.92 11.08
CA ASN B 377 30.54 -38.54 12.35
C ASN B 377 30.02 -37.73 13.55
N LEU B 378 29.55 -36.52 13.29
CA LEU B 378 29.07 -35.65 14.36
C LEU B 378 27.55 -35.46 14.33
N SER B 379 26.92 -35.94 13.27
CA SER B 379 25.47 -35.76 13.10
C SER B 379 24.66 -36.88 13.74
N CYS B 380 23.56 -36.50 14.39
CA CYS B 380 22.64 -37.44 15.00
C CYS B 380 23.30 -38.35 16.03
N ARG B 381 23.98 -37.73 16.99
CA ARG B 381 24.66 -38.46 18.04
C ARG B 381 23.84 -38.47 19.33
N GLU B 382 22.93 -37.52 19.43
CA GLU B 382 22.08 -37.38 20.61
C GLU B 382 20.61 -37.57 20.27
N PRO B 383 19.81 -38.00 21.27
CA PRO B 383 18.36 -38.19 21.07
C PRO B 383 17.68 -36.87 20.71
N ASN B 384 18.03 -35.81 21.43
CA ASN B 384 17.55 -34.48 21.12
C ASN B 384 18.72 -33.50 20.98
N GLN B 385 19.52 -33.71 19.95
CA GLN B 385 20.75 -32.94 19.74
C GLN B 385 20.47 -31.46 19.54
N HIS B 386 21.24 -30.61 20.22
CA HIS B 386 21.01 -29.15 20.17
C HIS B 386 21.96 -28.45 19.22
N PHE B 387 22.73 -29.22 18.46
CA PHE B 387 23.60 -28.66 17.43
C PHE B 387 23.53 -29.52 16.17
N ARG B 388 23.99 -28.98 15.05
CA ARG B 388 23.92 -29.72 13.81
C ARG B 388 25.09 -29.38 12.89
N PRO B 389 25.82 -30.42 12.44
CA PRO B 389 26.93 -30.24 11.51
C PRO B 389 26.44 -29.83 10.13
N TYR B 390 26.97 -28.72 9.62
CA TYR B 390 26.60 -28.24 8.29
C TYR B 390 27.80 -27.92 7.44
N LEU B 391 27.91 -28.53 6.27
CA LEU B 391 28.86 -28.02 5.30
C LEU B 391 28.27 -26.66 4.92
N LYS B 392 29.11 -25.67 4.67
CA LYS B 392 28.61 -24.31 4.47
C LYS B 392 27.58 -24.15 3.32
N PRO B 393 27.71 -24.92 2.22
CA PRO B 393 26.64 -24.73 1.23
C PRO B 393 25.34 -25.42 1.61
N PHE B 394 25.38 -26.33 2.58
CA PHE B 394 24.19 -27.07 2.99
C PHE B 394 23.42 -26.29 4.06
N LEU B 395 23.99 -25.15 4.45
CA LEU B 395 23.35 -24.22 5.37
C LEU B 395 22.13 -23.61 4.69
N PRO B 396 21.12 -23.23 5.48
CA PRO B 396 19.93 -22.53 4.96
C PRO B 396 20.32 -21.29 4.16
N LYS B 397 19.75 -21.15 2.97
CA LYS B 397 20.14 -20.08 2.05
C LYS B 397 19.82 -18.68 2.58
N ARG B 398 18.82 -18.61 3.46
CA ARG B 398 18.38 -17.34 4.02
C ARG B 398 19.47 -16.65 4.82
N LEU B 399 20.41 -17.44 5.33
CA LEU B 399 21.52 -16.93 6.13
C LEU B 399 22.59 -16.25 5.27
N HIS B 400 22.71 -16.69 4.02
CA HIS B 400 23.70 -16.14 3.08
C HIS B 400 25.12 -16.20 3.63
N PHE B 401 25.57 -17.41 3.99
CA PHE B 401 26.79 -17.56 4.76
C PHE B 401 27.65 -18.69 4.21
N ALA B 402 28.02 -18.60 2.93
CA ALA B 402 28.79 -19.64 2.28
C ALA B 402 29.91 -19.11 1.39
N LYS B 403 29.59 -18.13 0.55
CA LYS B 403 30.51 -17.68 -0.48
C LYS B 403 31.55 -16.71 0.04
N SER B 404 32.40 -17.18 0.95
CA SER B 404 33.57 -16.45 1.42
C SER B 404 34.68 -17.44 1.72
N ASP B 405 35.92 -17.01 1.52
CA ASP B 405 37.08 -17.83 1.83
C ASP B 405 37.20 -17.99 3.34
N ARG B 406 36.81 -16.93 4.06
CA ARG B 406 36.99 -16.89 5.50
C ARG B 406 36.02 -17.82 6.24
N ILE B 407 34.90 -18.13 5.60
CA ILE B 407 33.96 -19.07 6.22
C ILE B 407 34.50 -20.49 6.11
N GLU B 408 34.57 -21.19 7.25
CA GLU B 408 35.03 -22.57 7.27
C GLU B 408 34.05 -23.51 6.55
N PRO B 409 34.58 -24.50 5.82
CA PRO B 409 33.72 -25.47 5.11
C PRO B 409 32.82 -26.29 6.04
N LEU B 410 33.10 -26.25 7.34
CA LEU B 410 32.24 -26.91 8.32
C LEU B 410 31.74 -25.91 9.35
N THR B 411 30.42 -25.72 9.40
CA THR B 411 29.82 -24.81 10.37
C THR B 411 28.85 -25.57 11.28
N PHE B 412 28.36 -24.87 12.31
CA PHE B 412 27.42 -25.50 13.24
C PHE B 412 26.21 -24.61 13.50
N TYR B 413 25.03 -25.19 13.32
CA TYR B 413 23.79 -24.51 13.66
C TYR B 413 23.29 -25.00 15.01
N LEU B 414 23.05 -24.08 15.94
CA LEU B 414 22.64 -24.48 17.28
C LEU B 414 21.25 -23.98 17.63
N ASP B 415 20.57 -24.73 18.50
CA ASP B 415 19.26 -24.34 19.01
C ASP B 415 19.43 -23.06 19.84
N PRO B 416 18.34 -22.31 20.05
CA PRO B 416 18.44 -21.09 20.86
C PRO B 416 18.96 -21.37 22.27
N GLN B 417 19.73 -20.41 22.80
CA GLN B 417 20.33 -20.47 24.12
C GLN B 417 21.42 -21.54 24.27
N TRP B 418 21.98 -22.00 23.15
CA TRP B 418 23.01 -23.04 23.19
C TRP B 418 24.26 -22.59 22.44
N GLN B 419 25.42 -22.87 23.01
CA GLN B 419 26.70 -22.55 22.38
C GLN B 419 27.55 -23.80 22.22
N LEU B 420 28.54 -23.73 21.33
CA LEU B 420 29.41 -24.87 21.07
C LEU B 420 30.89 -24.48 21.17
N ALA B 421 31.69 -25.39 21.72
CA ALA B 421 33.13 -25.20 21.87
C ALA B 421 33.85 -26.54 21.85
N LEU B 422 35.17 -26.50 21.66
CA LEU B 422 35.97 -27.74 21.64
C LEU B 422 36.15 -28.30 23.05
N ASN B 423 36.76 -27.51 23.94
CA ASN B 423 36.94 -27.95 25.32
C ASN B 423 36.38 -26.94 26.32
N PRO B 424 35.90 -27.43 27.49
CA PRO B 424 35.33 -26.60 28.56
C PRO B 424 36.29 -25.57 29.14
N SER B 425 37.57 -25.64 28.77
CA SER B 425 38.56 -24.69 29.27
C SER B 425 38.62 -23.46 28.36
N TYR B 429 33.53 -17.82 29.51
CA TYR B 429 32.58 -18.24 30.54
C TYR B 429 31.30 -18.78 29.91
N CYS B 430 30.62 -19.67 30.63
CA CYS B 430 29.46 -20.38 30.09
C CYS B 430 28.12 -19.74 30.43
N GLY B 431 28.04 -19.10 31.59
CA GLY B 431 26.79 -18.53 32.06
C GLY B 431 26.68 -17.03 31.91
N SER B 432 27.26 -16.52 30.83
CA SER B 432 27.21 -15.10 30.53
C SER B 432 26.30 -14.82 29.35
N GLY B 433 25.90 -13.57 29.21
CA GLY B 433 25.09 -13.15 28.08
C GLY B 433 25.85 -13.25 26.78
N PHE B 434 25.25 -13.89 25.78
CA PHE B 434 25.91 -14.06 24.50
C PHE B 434 25.00 -13.68 23.32
N HIS B 435 25.59 -13.70 22.13
CA HIS B 435 24.87 -13.47 20.89
C HIS B 435 25.66 -14.09 19.74
N GLY B 436 25.05 -14.19 18.57
CA GLY B 436 25.68 -14.83 17.44
C GLY B 436 24.79 -15.92 16.88
N SER B 437 23.68 -16.14 17.57
CA SER B 437 22.69 -17.12 17.18
C SER B 437 22.01 -16.74 15.87
N ASP B 438 21.09 -17.61 15.43
CA ASP B 438 20.34 -17.41 14.21
C ASP B 438 19.66 -16.03 14.18
N ASN B 439 19.79 -15.33 13.05
CA ASN B 439 19.27 -13.95 12.95
C ASN B 439 17.75 -13.87 12.90
N LEU B 440 17.08 -15.02 12.93
CA LEU B 440 15.62 -15.07 12.98
C LEU B 440 15.13 -15.33 14.40
N PHE B 441 16.05 -15.49 15.34
CA PHE B 441 15.68 -15.71 16.74
C PHE B 441 15.13 -14.44 17.36
N SER B 442 14.19 -14.62 18.28
CA SER B 442 13.50 -13.50 18.90
C SER B 442 14.43 -12.54 19.62
N ASN B 443 15.37 -13.06 20.39
CA ASN B 443 16.26 -12.20 21.18
C ASN B 443 17.51 -11.71 20.44
N MET B 444 17.65 -12.12 19.18
CA MET B 444 18.76 -11.63 18.36
C MET B 444 18.36 -10.38 17.58
N GLN B 445 17.09 -10.01 17.69
CA GLN B 445 16.55 -8.86 16.97
C GLN B 445 17.10 -7.53 17.47
N ALA B 446 17.28 -6.59 16.55
CA ALA B 446 17.90 -5.32 16.88
C ALA B 446 16.92 -4.15 16.92
N LEU B 447 17.46 -2.96 17.22
CA LEU B 447 16.67 -1.76 17.39
C LEU B 447 16.80 -0.85 16.17
N PHE B 448 15.70 -0.16 15.84
CA PHE B 448 15.72 0.85 14.81
C PHE B 448 14.70 1.95 15.09
N ILE B 449 15.19 3.18 15.21
CA ILE B 449 14.33 4.35 15.33
C ILE B 449 14.85 5.46 14.43
N GLY B 450 14.02 5.90 13.49
CA GLY B 450 14.38 6.98 12.61
C GLY B 450 13.66 8.25 13.01
N TYR B 451 14.42 9.28 13.38
CA TYR B 451 13.83 10.54 13.79
C TYR B 451 14.44 11.72 13.04
N GLY B 452 13.61 12.72 12.75
CA GLY B 452 14.06 13.90 12.03
C GLY B 452 13.01 14.39 11.05
N PRO B 453 13.35 15.44 10.29
CA PRO B 453 12.44 16.02 9.29
C PRO B 453 12.14 15.05 8.15
N ALA B 454 13.08 14.15 7.86
CA ALA B 454 12.94 13.21 6.75
C ALA B 454 12.09 12.00 7.10
N PHE B 455 11.95 11.72 8.39
CA PHE B 455 11.19 10.56 8.85
C PHE B 455 9.78 10.92 9.32
N LYS B 456 8.84 10.01 9.09
CA LYS B 456 7.47 10.20 9.52
C LYS B 456 7.40 10.20 11.04
N HIS B 457 6.28 10.70 11.59
CA HIS B 457 6.15 10.85 13.03
C HIS B 457 5.14 9.88 13.67
N GLY B 458 5.66 8.98 14.49
CA GLY B 458 4.83 8.00 15.18
C GLY B 458 4.40 6.87 14.28
N ALA B 459 5.23 6.56 13.30
CA ALA B 459 4.95 5.49 12.36
C ALA B 459 5.71 4.22 12.73
N GLU B 460 4.97 3.13 12.92
CA GLU B 460 5.58 1.85 13.22
C GLU B 460 5.46 0.94 12.02
N VAL B 461 6.60 0.52 11.47
CA VAL B 461 6.60 -0.28 10.27
C VAL B 461 6.96 -1.73 10.57
N ASP B 462 6.81 -2.59 9.57
CA ASP B 462 7.11 -4.01 9.72
C ASP B 462 8.62 -4.22 9.72
N SER B 463 9.04 -5.43 10.10
CA SER B 463 10.46 -5.75 10.24
C SER B 463 11.20 -5.67 8.91
N PHE B 464 12.47 -5.30 8.98
CA PHE B 464 13.33 -5.26 7.79
C PHE B 464 14.78 -5.54 8.14
N GLU B 465 15.55 -5.98 7.15
CA GLU B 465 16.95 -6.31 7.38
C GLU B 465 17.80 -5.05 7.47
N ASN B 466 18.95 -5.15 8.12
CA ASN B 466 19.80 -3.98 8.31
C ASN B 466 20.57 -3.60 7.05
N ILE B 467 20.61 -4.52 6.09
CA ILE B 467 21.29 -4.24 4.83
C ILE B 467 20.46 -3.31 3.96
N GLU B 468 19.21 -3.11 4.35
CA GLU B 468 18.32 -2.24 3.59
C GLU B 468 18.57 -0.79 3.98
N VAL B 469 19.16 -0.62 5.16
CA VAL B 469 19.42 0.71 5.73
C VAL B 469 20.47 1.49 4.93
N TYR B 470 21.42 0.76 4.34
CA TYR B 470 22.48 1.39 3.54
C TYR B 470 21.91 2.28 2.44
N ASN B 471 20.96 1.76 1.68
CA ASN B 471 20.32 2.54 0.62
C ASN B 471 19.55 3.73 1.19
N LEU B 472 18.97 3.54 2.38
CA LEU B 472 18.24 4.60 3.04
C LEU B 472 19.16 5.77 3.34
N MET B 473 20.36 5.46 3.85
CA MET B 473 21.33 6.48 4.20
C MET B 473 21.91 7.17 2.97
N CYS B 474 21.96 6.46 1.84
CA CYS B 474 22.38 7.06 0.58
C CYS B 474 21.38 8.09 0.09
N ASP B 475 20.11 7.79 0.29
CA ASP B 475 19.02 8.68 -0.10
C ASP B 475 18.94 9.91 0.80
N LEU B 476 19.38 9.76 2.05
CA LEU B 476 19.36 10.86 3.00
C LEU B 476 20.54 11.81 2.78
N LEU B 477 21.58 11.32 2.12
CA LEU B 477 22.77 12.13 1.86
C LEU B 477 22.86 12.52 0.39
N GLY B 478 21.88 12.08 -0.40
CA GLY B 478 21.87 12.37 -1.82
C GLY B 478 23.02 11.70 -2.55
N LEU B 479 23.21 10.42 -2.28
CA LEU B 479 24.31 9.66 -2.85
C LEU B 479 23.80 8.54 -3.75
N ILE B 480 24.55 8.25 -4.81
CA ILE B 480 24.26 7.08 -5.62
C ILE B 480 24.85 5.86 -4.89
N PRO B 481 23.99 4.95 -4.44
CA PRO B 481 24.43 3.81 -3.63
C PRO B 481 25.30 2.85 -4.42
N ALA B 482 26.31 2.29 -3.77
CA ALA B 482 27.14 1.24 -4.37
C ALA B 482 26.31 -0.04 -4.49
N PRO B 483 26.69 -0.94 -5.41
CA PRO B 483 25.99 -2.21 -5.58
C PRO B 483 25.95 -3.02 -4.28
N ASN B 484 24.78 -3.09 -3.66
CA ASN B 484 24.63 -3.84 -2.42
C ASN B 484 23.58 -4.94 -2.53
N ASN B 485 23.26 -5.55 -1.40
CA ASN B 485 22.33 -6.67 -1.37
C ASN B 485 20.92 -6.23 -0.95
N GLY B 486 20.76 -4.96 -0.64
CA GLY B 486 19.48 -4.43 -0.24
C GLY B 486 18.63 -4.00 -1.42
N SER B 487 17.33 -4.28 -1.34
CA SER B 487 16.37 -3.88 -2.37
C SER B 487 16.12 -2.38 -2.31
N HIS B 488 16.71 -1.62 -3.23
CA HIS B 488 16.65 -0.16 -3.19
C HIS B 488 15.22 0.35 -3.35
N GLY B 489 14.74 1.06 -2.33
CA GLY B 489 13.42 1.65 -2.36
C GLY B 489 12.41 0.95 -1.45
N SER B 490 12.83 -0.16 -0.85
CA SER B 490 11.96 -0.96 0.00
C SER B 490 11.66 -0.32 1.34
N LEU B 491 12.45 0.68 1.72
CA LEU B 491 12.22 1.38 2.99
C LEU B 491 11.60 2.77 2.77
N ASN B 492 11.02 2.97 1.60
CA ASN B 492 10.40 4.25 1.25
C ASN B 492 9.25 4.66 2.16
N HIS B 493 8.62 3.68 2.80
CA HIS B 493 7.48 3.94 3.66
C HIS B 493 7.88 4.63 4.97
N LEU B 494 9.19 4.71 5.21
CA LEU B 494 9.72 5.36 6.40
C LEU B 494 9.83 6.88 6.20
N LEU B 495 10.03 7.28 4.94
CA LEU B 495 10.32 8.67 4.61
C LEU B 495 9.06 9.47 4.28
N LYS B 496 9.08 10.77 4.59
CA LYS B 496 8.00 11.68 4.20
C LYS B 496 7.97 11.83 2.69
N LYS B 497 9.10 12.23 2.11
CA LYS B 497 9.19 12.40 0.67
C LYS B 497 10.27 11.45 0.16
N PRO B 498 9.86 10.26 -0.32
CA PRO B 498 10.80 9.27 -0.87
C PRO B 498 11.61 9.84 -2.03
N ILE B 499 12.89 9.52 -2.06
CA ILE B 499 13.79 10.03 -3.10
C ILE B 499 13.83 9.12 -4.33
N TYR B 500 13.94 7.82 -4.09
CA TYR B 500 14.03 6.86 -5.19
C TYR B 500 12.73 6.07 -5.39
N ASN B 501 12.23 6.09 -6.62
CA ASN B 501 11.05 5.33 -6.97
C ASN B 501 11.40 4.11 -7.83
N PRO B 502 11.38 2.92 -7.20
CA PRO B 502 11.82 1.66 -7.80
C PRO B 502 10.92 1.18 -8.93
N SER B 503 11.45 0.32 -9.78
CA SER B 503 10.68 -0.26 -10.89
C SER B 503 10.93 -1.77 -10.91
N HIS B 504 10.05 -2.50 -11.56
CA HIS B 504 10.23 -3.94 -11.69
C HIS B 504 11.34 -4.26 -12.68
N PRO B 505 12.10 -5.33 -12.41
CA PRO B 505 13.19 -5.75 -13.31
C PRO B 505 12.65 -6.21 -14.66
N LYS B 506 13.21 -5.69 -15.74
CA LYS B 506 12.79 -6.06 -17.09
C LYS B 506 13.07 -7.54 -17.38
N GLU B 507 12.26 -8.12 -18.25
CA GLU B 507 12.41 -9.52 -18.59
C GLU B 507 13.49 -9.70 -19.65
N GLU B 508 14.58 -10.35 -19.26
CA GLU B 508 15.72 -10.56 -20.14
C GLU B 508 15.63 -11.87 -20.91
N GLY B 509 14.71 -12.73 -20.51
CA GLY B 509 14.55 -14.04 -21.14
C GLY B 509 14.00 -13.92 -22.55
N PHE B 510 14.50 -14.79 -23.43
CA PHE B 510 14.03 -14.83 -24.81
C PHE B 510 12.76 -15.68 -24.88
N LEU B 511 11.62 -15.02 -24.74
CA LEU B 511 10.34 -15.72 -24.66
C LEU B 511 9.85 -16.19 -26.02
N SER B 512 9.75 -17.50 -26.18
CA SER B 512 9.27 -18.10 -27.42
C SER B 512 8.08 -19.01 -27.12
N GLN B 513 7.47 -19.57 -28.16
CA GLN B 513 6.30 -20.43 -27.98
C GLN B 513 6.58 -21.86 -28.45
N CYS B 514 6.00 -22.83 -27.76
CA CYS B 514 6.24 -24.24 -28.07
C CYS B 514 4.96 -24.93 -28.52
N PRO B 515 4.77 -25.05 -29.84
CA PRO B 515 3.59 -25.75 -30.36
C PRO B 515 3.83 -27.25 -30.51
N ILE B 516 2.80 -27.97 -30.95
CA ILE B 516 2.91 -29.40 -31.20
C ILE B 516 3.74 -29.56 -32.46
N LYS B 517 4.90 -30.19 -32.32
CA LYS B 517 5.84 -30.26 -33.44
C LYS B 517 6.39 -31.66 -33.74
N SER B 518 6.28 -32.56 -32.77
CA SER B 518 6.87 -33.89 -32.93
C SER B 518 5.82 -35.00 -32.85
N THR B 519 6.29 -36.24 -32.96
CA THR B 519 5.43 -37.41 -32.93
C THR B 519 5.79 -38.30 -31.74
N SER B 520 4.77 -38.77 -31.03
CA SER B 520 4.93 -39.52 -29.79
C SER B 520 5.58 -40.89 -29.97
N ASN B 521 6.66 -41.11 -29.23
CA ASN B 521 7.35 -42.39 -29.17
C ASN B 521 7.01 -43.11 -27.87
N ASP B 522 7.43 -44.37 -27.75
CA ASP B 522 7.08 -45.17 -26.59
C ASP B 522 7.91 -44.80 -25.36
N LEU B 523 7.22 -44.44 -24.28
CA LEU B 523 7.86 -44.06 -23.03
C LEU B 523 8.09 -45.29 -22.15
N GLY B 524 7.38 -46.37 -22.45
CA GLY B 524 7.51 -47.60 -21.71
C GLY B 524 6.99 -47.51 -20.29
N CYS B 525 5.75 -47.06 -20.15
CA CYS B 525 5.14 -46.90 -18.83
C CYS B 525 3.81 -47.66 -18.70
N THR B 526 3.57 -48.21 -17.51
CA THR B 526 2.33 -48.92 -17.20
C THR B 526 1.34 -48.01 -16.48
N CYS B 527 0.17 -47.81 -17.06
CA CYS B 527 -0.82 -46.92 -16.43
C CYS B 527 -2.11 -47.64 -16.04
N ASP B 528 -2.39 -47.67 -14.74
CA ASP B 528 -3.62 -48.31 -14.23
C ASP B 528 -4.81 -47.38 -14.41
N PRO B 529 -5.95 -47.91 -14.88
CA PRO B 529 -7.16 -47.12 -15.08
C PRO B 529 -7.66 -46.48 -13.77
N ASP B 547 -10.19 -19.70 -22.27
CA ASP B 547 -8.73 -19.87 -22.40
C ASP B 547 -8.03 -18.71 -21.71
N ASP B 548 -8.60 -17.51 -21.84
CA ASP B 548 -8.04 -16.32 -21.20
C ASP B 548 -8.32 -16.39 -19.71
N ASP B 549 -9.39 -17.10 -19.39
CA ASP B 549 -9.84 -17.31 -18.02
C ASP B 549 -8.96 -18.28 -17.25
N ILE B 550 -8.46 -19.31 -17.93
CA ILE B 550 -7.65 -20.33 -17.28
C ILE B 550 -6.22 -19.86 -17.02
N TYR B 551 -5.79 -18.83 -17.75
CA TYR B 551 -4.47 -18.25 -17.53
C TYR B 551 -4.48 -17.49 -16.20
N HIS B 552 -5.38 -16.52 -16.10
CA HIS B 552 -5.50 -15.69 -14.91
C HIS B 552 -5.82 -16.50 -13.65
N MET B 553 -6.41 -17.67 -13.85
CA MET B 553 -6.78 -18.52 -12.72
C MET B 553 -5.55 -19.20 -12.12
N THR B 554 -4.54 -19.44 -12.95
CA THR B 554 -3.32 -20.12 -12.51
C THR B 554 -2.26 -19.13 -12.03
N VAL B 555 -2.21 -17.95 -12.67
CA VAL B 555 -1.31 -16.88 -12.25
C VAL B 555 -2.09 -15.59 -12.00
N PRO B 556 -2.84 -15.53 -10.89
CA PRO B 556 -3.74 -14.40 -10.59
C PRO B 556 -3.00 -13.12 -10.23
N TYR B 557 -1.71 -13.21 -9.96
CA TYR B 557 -0.93 -12.04 -9.59
C TYR B 557 0.01 -11.67 -10.73
N GLY B 558 -0.10 -12.41 -11.84
CA GLY B 558 0.79 -12.21 -12.96
C GLY B 558 1.83 -13.32 -13.01
N ARG B 559 2.18 -13.74 -14.22
CA ARG B 559 3.20 -14.77 -14.40
C ARG B 559 4.57 -14.30 -13.92
N PRO B 560 5.38 -15.23 -13.41
CA PRO B 560 6.77 -14.93 -13.03
C PRO B 560 7.56 -14.47 -14.25
N ARG B 561 8.32 -13.38 -14.10
CA ARG B 561 9.12 -12.88 -15.21
C ARG B 561 10.51 -13.54 -15.21
N ILE B 562 11.02 -13.81 -16.40
CA ILE B 562 12.31 -14.48 -16.56
C ILE B 562 13.43 -13.44 -16.61
N LEU B 563 14.21 -13.37 -15.54
CA LEU B 563 15.30 -12.40 -15.45
C LEU B 563 16.59 -12.95 -16.02
N LEU B 564 16.55 -14.21 -16.49
CA LEU B 564 17.72 -14.85 -17.08
C LEU B 564 18.04 -14.28 -18.46
N LYS B 565 19.32 -14.00 -18.70
CA LYS B 565 19.76 -13.43 -19.97
C LYS B 565 20.87 -14.29 -20.59
N GLN B 566 20.58 -14.89 -21.73
CA GLN B 566 19.27 -14.79 -22.36
C GLN B 566 18.67 -16.18 -22.53
N HIS B 567 18.10 -16.71 -21.46
CA HIS B 567 17.58 -18.07 -21.45
C HIS B 567 16.38 -18.21 -22.39
N ARG B 568 16.24 -19.37 -23.03
CA ARG B 568 15.10 -19.61 -23.89
C ARG B 568 13.98 -20.31 -23.14
N VAL B 569 12.85 -19.63 -22.98
CA VAL B 569 11.74 -20.17 -22.19
C VAL B 569 10.42 -20.18 -22.97
N CYS B 570 9.71 -21.30 -22.90
CA CYS B 570 8.37 -21.40 -23.50
C CYS B 570 7.31 -21.46 -22.42
N LEU B 571 6.13 -20.89 -22.72
CA LEU B 571 5.01 -20.90 -21.80
C LEU B 571 3.98 -21.97 -22.20
N LEU B 572 3.93 -23.04 -21.40
CA LEU B 572 3.03 -24.16 -21.65
C LEU B 572 1.78 -24.08 -20.78
N GLN B 573 0.63 -23.84 -21.42
CA GLN B 573 -0.62 -23.65 -20.69
C GLN B 573 -1.41 -24.95 -20.52
N GLN B 574 -1.86 -25.20 -19.29
CA GLN B 574 -2.72 -26.34 -18.99
C GLN B 574 -4.00 -25.85 -18.31
N GLN B 575 -4.86 -26.79 -17.93
CA GLN B 575 -6.16 -26.44 -17.33
C GLN B 575 -6.11 -26.27 -15.82
N GLN B 576 -5.03 -26.73 -15.18
CA GLN B 576 -4.93 -26.63 -13.72
C GLN B 576 -3.70 -25.82 -13.32
N PHE B 577 -2.73 -25.74 -14.22
CA PHE B 577 -1.48 -25.04 -13.92
C PHE B 577 -0.85 -24.40 -15.15
N LEU B 578 0.03 -23.43 -14.91
CA LEU B 578 0.82 -22.81 -15.96
C LEU B 578 2.29 -23.05 -15.64
N THR B 579 3.04 -23.55 -16.62
CA THR B 579 4.45 -23.89 -16.39
C THR B 579 5.40 -23.18 -17.35
N GLY B 580 6.47 -22.62 -16.80
CA GLY B 580 7.52 -22.01 -17.60
C GLY B 580 8.61 -23.02 -17.93
N TYR B 581 8.65 -23.46 -19.17
CA TYR B 581 9.58 -24.52 -19.58
C TYR B 581 10.87 -23.96 -20.20
N SER B 582 11.98 -24.60 -19.86
CA SER B 582 13.29 -24.21 -20.37
C SER B 582 13.76 -25.07 -21.54
N LEU B 583 14.21 -24.43 -22.61
CA LEU B 583 14.72 -25.15 -23.77
C LEU B 583 16.19 -25.51 -23.58
N ASP B 584 16.87 -24.72 -22.77
CA ASP B 584 18.30 -24.93 -22.51
C ASP B 584 18.51 -26.04 -21.50
N LEU B 585 17.52 -26.27 -20.64
CA LEU B 585 17.64 -27.29 -19.61
C LEU B 585 16.72 -28.47 -19.88
N LEU B 586 15.79 -28.28 -20.82
CA LEU B 586 14.79 -29.30 -21.16
C LEU B 586 14.00 -29.75 -19.93
N MET B 587 13.74 -28.81 -19.02
CA MET B 587 12.97 -29.08 -17.82
C MET B 587 12.29 -27.79 -17.35
N PRO B 588 11.13 -27.91 -16.68
CA PRO B 588 10.37 -26.71 -16.26
C PRO B 588 11.13 -25.88 -15.24
N LEU B 589 11.13 -24.56 -15.45
CA LEU B 589 11.75 -23.63 -14.52
C LEU B 589 10.82 -23.34 -13.35
N TRP B 590 9.53 -23.18 -13.65
CA TRP B 590 8.52 -22.93 -12.63
C TRP B 590 7.15 -23.44 -13.05
N ALA B 591 6.30 -23.72 -12.06
CA ALA B 591 4.94 -24.16 -12.32
C ALA B 591 3.98 -23.51 -11.31
N SER B 592 3.04 -22.74 -11.81
CA SER B 592 2.10 -22.03 -10.93
C SER B 592 0.70 -22.63 -11.03
N TYR B 593 0.06 -22.82 -9.88
CA TYR B 593 -1.30 -23.35 -9.83
C TYR B 593 -2.02 -22.89 -8.59
N THR B 594 -3.36 -22.94 -8.63
CA THR B 594 -4.16 -22.51 -7.49
C THR B 594 -4.90 -23.66 -6.81
N PHE B 595 -4.72 -23.79 -5.50
CA PHE B 595 -5.36 -24.85 -4.74
C PHE B 595 -6.39 -24.19 -3.81
N LEU B 596 -7.66 -24.48 -4.06
CA LEU B 596 -8.76 -23.83 -3.34
C LEU B 596 -9.01 -24.46 -1.97
N SER B 597 -10.02 -23.96 -1.26
CA SER B 597 -10.26 -24.39 0.12
C SER B 597 -10.53 -25.88 0.25
N ASN B 598 -11.37 -26.44 -0.60
CA ASN B 598 -11.61 -27.88 -0.54
C ASN B 598 -11.86 -28.47 -1.92
N ASP B 599 -10.81 -28.99 -2.54
CA ASP B 599 -10.92 -29.62 -3.84
C ASP B 599 -9.74 -30.54 -4.13
N ASN B 608 4.48 -44.59 -12.04
CA ASN B 608 5.34 -45.15 -13.09
C ASN B 608 4.78 -44.76 -14.47
N CYS B 609 3.77 -43.90 -14.47
CA CYS B 609 3.15 -43.44 -15.72
C CYS B 609 3.44 -41.98 -16.05
N LEU B 610 3.59 -41.70 -17.34
CA LEU B 610 3.86 -40.34 -17.83
C LEU B 610 3.33 -40.20 -19.25
N TYR B 611 3.03 -38.96 -19.64
CA TYR B 611 2.55 -38.68 -20.99
C TYR B 611 3.52 -37.77 -21.71
N GLN B 612 3.82 -38.07 -22.97
CA GLN B 612 4.78 -37.28 -23.72
C GLN B 612 4.18 -35.95 -24.14
N ASP B 613 4.83 -34.86 -23.73
CA ASP B 613 4.39 -33.53 -24.13
C ASP B 613 4.93 -33.21 -25.51
N LEU B 614 4.04 -33.21 -26.51
CA LEU B 614 4.44 -33.03 -27.90
C LEU B 614 4.89 -31.61 -28.21
N ARG B 615 4.76 -30.71 -27.24
CA ARG B 615 5.14 -29.31 -27.42
C ARG B 615 6.63 -29.09 -27.14
N ILE B 616 7.23 -30.01 -26.40
CA ILE B 616 8.65 -29.92 -26.05
C ILE B 616 9.44 -31.04 -26.73
N PRO B 617 10.71 -30.79 -27.06
CA PRO B 617 11.53 -31.85 -27.66
C PRO B 617 11.76 -33.02 -26.70
N LEU B 618 11.75 -34.23 -27.24
CA LEU B 618 11.90 -35.44 -26.44
C LEU B 618 13.35 -35.68 -26.01
N SER B 619 13.53 -36.04 -24.75
CA SER B 619 14.84 -36.36 -24.19
C SER B 619 14.79 -37.78 -23.62
N PRO B 620 15.91 -38.52 -23.69
CA PRO B 620 15.99 -39.88 -23.15
C PRO B 620 15.62 -39.94 -21.67
N VAL B 621 15.73 -38.80 -20.99
CA VAL B 621 15.40 -38.72 -19.58
C VAL B 621 13.91 -38.45 -19.34
N HIS B 622 13.13 -38.36 -20.41
CA HIS B 622 11.68 -38.16 -20.30
C HIS B 622 10.94 -39.49 -20.25
N LYS B 623 11.59 -40.54 -20.75
CA LYS B 623 11.00 -41.88 -20.78
C LYS B 623 11.05 -42.54 -19.41
N CYS B 624 9.98 -43.25 -19.04
CA CYS B 624 9.91 -43.90 -17.74
C CYS B 624 10.86 -45.09 -17.67
N SER B 625 11.23 -45.62 -18.83
CA SER B 625 12.16 -46.74 -18.92
C SER B 625 13.55 -46.34 -18.42
N TYR B 626 13.81 -45.04 -18.43
CA TYR B 626 15.08 -44.49 -17.97
C TYR B 626 15.25 -44.64 -16.45
N TYR B 627 14.12 -44.64 -15.74
CA TYR B 627 14.14 -44.71 -14.28
C TYR B 627 13.80 -46.11 -13.75
N LYS B 628 14.74 -46.68 -13.00
CA LYS B 628 14.54 -47.99 -12.39
C LYS B 628 14.20 -47.87 -10.91
N LEU B 633 17.76 -41.88 -7.23
CA LEU B 633 17.43 -40.82 -8.19
C LEU B 633 16.16 -41.18 -8.96
N SER B 634 15.17 -40.28 -8.95
CA SER B 634 13.93 -40.46 -9.69
C SER B 634 13.44 -39.16 -10.29
N TYR B 635 12.17 -39.12 -10.65
CA TYR B 635 11.56 -37.89 -11.15
C TYR B 635 10.47 -37.47 -10.18
N GLY B 636 10.31 -36.16 -9.99
CA GLY B 636 9.24 -35.66 -9.16
C GLY B 636 8.37 -34.68 -9.93
N PHE B 637 7.17 -34.41 -9.42
CA PHE B 637 6.29 -33.46 -10.08
C PHE B 637 6.31 -32.10 -9.40
N LEU B 638 6.30 -31.04 -10.20
CA LEU B 638 6.19 -29.68 -9.67
C LEU B 638 4.76 -29.39 -9.26
N THR B 639 3.83 -29.88 -10.08
CA THR B 639 2.40 -29.76 -9.79
C THR B 639 1.86 -31.12 -9.37
N PRO B 640 1.24 -31.18 -8.18
CA PRO B 640 0.70 -32.45 -7.69
C PRO B 640 -0.35 -33.05 -8.62
N PRO B 641 -0.20 -34.34 -8.96
CA PRO B 641 -1.13 -35.01 -9.87
C PRO B 641 -2.44 -35.35 -9.18
N ARG B 642 -2.41 -35.29 -7.84
CA ARG B 642 -3.57 -35.64 -7.02
C ARG B 642 -4.57 -34.48 -6.91
N LEU B 643 -4.40 -33.49 -7.77
CA LEU B 643 -5.26 -32.31 -7.80
C LEU B 643 -6.64 -32.61 -8.42
N ASN B 644 -7.68 -32.02 -7.84
CA ASN B 644 -9.07 -32.21 -8.26
C ASN B 644 -9.46 -33.67 -8.47
N HIS B 649 -11.57 -39.06 -9.46
CA HIS B 649 -10.90 -38.56 -10.65
C HIS B 649 -9.46 -38.15 -10.35
N ILE B 650 -8.66 -37.94 -11.40
CA ILE B 650 -7.29 -37.50 -11.25
C ILE B 650 -6.80 -36.74 -12.48
N TYR B 651 -6.18 -35.58 -12.24
CA TYR B 651 -5.66 -34.73 -13.30
C TYR B 651 -4.53 -35.43 -14.06
N SER B 652 -4.71 -35.62 -15.36
CA SER B 652 -3.75 -36.39 -16.16
C SER B 652 -2.64 -35.52 -16.75
N GLU B 653 -2.92 -34.24 -16.96
CA GLU B 653 -1.95 -33.32 -17.54
C GLU B 653 -0.80 -33.01 -16.57
N ALA B 654 -0.98 -33.37 -15.30
CA ALA B 654 0.07 -33.22 -14.30
C ALA B 654 1.10 -34.34 -14.42
N LEU B 655 0.74 -35.37 -15.19
CA LEU B 655 1.64 -36.49 -15.45
C LEU B 655 2.39 -36.29 -16.77
N LEU B 656 2.37 -35.06 -17.27
CA LEU B 656 3.11 -34.70 -18.48
C LEU B 656 4.61 -34.69 -18.25
N THR B 657 5.36 -34.98 -19.30
CA THR B 657 6.82 -34.99 -19.23
C THR B 657 7.35 -33.61 -18.87
N SER B 658 6.58 -32.57 -19.22
CA SER B 658 7.03 -31.21 -18.99
C SER B 658 6.74 -30.78 -17.56
N ASN B 659 6.28 -31.72 -16.74
CA ASN B 659 5.96 -31.44 -15.35
C ASN B 659 6.83 -32.26 -14.38
N ILE B 660 7.88 -32.88 -14.92
CA ILE B 660 8.77 -33.69 -14.09
C ILE B 660 10.17 -33.07 -13.97
N VAL B 661 10.78 -33.29 -12.81
CA VAL B 661 12.14 -32.81 -12.53
C VAL B 661 12.91 -33.92 -11.83
N PRO B 662 14.24 -34.01 -12.08
CA PRO B 662 15.06 -35.02 -11.42
C PRO B 662 15.03 -34.84 -9.90
N MET B 663 14.81 -35.95 -9.18
CA MET B 663 14.62 -35.89 -7.73
C MET B 663 15.15 -37.14 -7.02
N TYR B 664 15.76 -36.95 -5.86
CA TYR B 664 16.24 -38.07 -5.05
C TYR B 664 15.05 -38.75 -4.38
N GLN B 665 15.17 -40.05 -4.11
CA GLN B 665 14.09 -40.80 -3.46
C GLN B 665 13.88 -40.33 -2.03
N SER B 666 14.96 -39.90 -1.38
CA SER B 666 14.89 -39.43 -0.01
C SER B 666 14.16 -38.09 0.05
N PHE B 667 14.31 -37.29 -1.00
CA PHE B 667 13.64 -36.00 -1.08
C PHE B 667 12.18 -36.14 -1.47
N GLN B 668 11.85 -37.20 -2.18
CA GLN B 668 10.47 -37.49 -2.59
C GLN B 668 9.60 -37.71 -1.36
N VAL B 669 10.23 -38.12 -0.27
CA VAL B 669 9.56 -38.32 1.01
C VAL B 669 9.06 -36.99 1.55
N ILE B 670 9.86 -35.95 1.33
CA ILE B 670 9.54 -34.60 1.81
C ILE B 670 8.55 -33.92 0.86
N TRP B 671 8.73 -34.17 -0.43
CA TRP B 671 7.96 -33.49 -1.45
C TRP B 671 6.49 -33.92 -1.48
N HIS B 672 6.25 -35.20 -1.20
CA HIS B 672 4.89 -35.73 -1.18
C HIS B 672 4.12 -35.29 0.06
N TYR B 673 4.77 -35.32 1.22
CA TYR B 673 4.14 -34.90 2.45
C TYR B 673 3.83 -33.41 2.40
N LEU B 674 4.62 -32.66 1.63
CA LEU B 674 4.41 -31.24 1.48
C LEU B 674 3.10 -30.96 0.74
N HIS B 675 2.75 -31.85 -0.18
CA HIS B 675 1.57 -31.67 -1.02
C HIS B 675 0.37 -32.49 -0.57
N ASP B 676 0.63 -33.68 -0.03
CA ASP B 676 -0.46 -34.57 0.39
C ASP B 676 -1.04 -34.18 1.74
N THR B 677 -0.22 -33.58 2.59
CA THR B 677 -0.65 -33.24 3.94
C THR B 677 -0.64 -31.74 4.22
N LEU B 678 0.52 -31.12 4.10
CA LEU B 678 0.69 -29.71 4.45
C LEU B 678 -0.11 -28.77 3.54
N LEU B 679 -0.02 -28.99 2.24
CA LEU B 679 -0.65 -28.10 1.27
C LEU B 679 -2.17 -28.08 1.44
N GLN B 680 -2.73 -29.24 1.76
CA GLN B 680 -4.18 -29.35 1.95
C GLN B 680 -4.62 -28.69 3.26
N ARG B 681 -3.78 -28.80 4.29
CA ARG B 681 -4.09 -28.19 5.57
C ARG B 681 -4.04 -26.67 5.47
N TYR B 682 -3.07 -26.19 4.70
CA TYR B 682 -2.87 -24.74 4.51
C TYR B 682 -4.00 -24.10 3.71
N ALA B 683 -4.67 -24.88 2.86
CA ALA B 683 -5.79 -24.37 2.08
C ALA B 683 -7.01 -24.11 2.97
N HIS B 684 -7.11 -24.83 4.08
CA HIS B 684 -8.21 -24.62 5.01
C HIS B 684 -7.89 -23.45 5.93
N GLU B 685 -6.64 -23.38 6.36
CA GLU B 685 -6.19 -22.33 7.27
C GLU B 685 -6.12 -20.97 6.58
N ARG B 686 -5.72 -20.96 5.31
CA ARG B 686 -5.53 -19.71 4.58
C ARG B 686 -6.60 -19.48 3.50
N ASN B 687 -7.68 -20.26 3.56
CA ASN B 687 -8.78 -20.17 2.59
C ASN B 687 -8.32 -20.27 1.14
N GLY B 688 -7.53 -21.30 0.84
CA GLY B 688 -6.98 -21.52 -0.48
C GLY B 688 -5.59 -20.93 -0.56
N ILE B 689 -4.72 -21.51 -1.39
CA ILE B 689 -3.37 -21.00 -1.56
C ILE B 689 -2.93 -21.03 -3.02
N ASN B 690 -2.18 -20.02 -3.45
CA ASN B 690 -1.54 -20.08 -4.76
C ASN B 690 -0.10 -20.57 -4.64
N VAL B 691 0.24 -21.62 -5.39
CA VAL B 691 1.55 -22.24 -5.27
C VAL B 691 2.39 -22.09 -6.54
N VAL B 692 3.65 -21.70 -6.38
CA VAL B 692 4.60 -21.69 -7.48
C VAL B 692 5.83 -22.51 -7.07
N SER B 693 6.15 -23.53 -7.85
CA SER B 693 7.27 -24.42 -7.51
C SER B 693 8.21 -24.58 -8.69
N GLY B 694 9.44 -24.99 -8.39
CA GLY B 694 10.43 -25.23 -9.42
C GLY B 694 11.79 -25.64 -8.86
N PRO B 695 12.68 -26.11 -9.75
CA PRO B 695 14.02 -26.56 -9.38
C PRO B 695 14.98 -25.39 -9.18
N VAL B 696 16.01 -25.59 -8.36
CA VAL B 696 17.00 -24.55 -8.11
C VAL B 696 18.40 -25.09 -8.39
N PHE B 697 19.17 -24.34 -9.17
CA PHE B 697 20.52 -24.76 -9.50
C PHE B 697 21.53 -23.69 -9.06
N ASP B 698 22.12 -23.89 -7.89
CA ASP B 698 23.15 -22.99 -7.39
C ASP B 698 24.32 -23.79 -6.84
N PHE B 699 25.19 -24.26 -7.72
CA PHE B 699 26.31 -25.10 -7.33
C PHE B 699 27.48 -24.33 -6.71
N ASP B 700 27.59 -23.06 -7.02
CA ASP B 700 28.67 -22.22 -6.49
C ASP B 700 28.30 -21.55 -5.16
N TYR B 701 27.15 -21.94 -4.62
CA TYR B 701 26.64 -21.47 -3.33
C TYR B 701 26.86 -19.96 -3.06
N ASP B 702 26.55 -19.14 -4.05
CA ASP B 702 26.69 -17.70 -3.93
C ASP B 702 25.32 -17.05 -3.69
N GLY B 703 24.27 -17.86 -3.78
CA GLY B 703 22.92 -17.40 -3.55
C GLY B 703 22.20 -16.88 -4.79
N ARG B 704 22.88 -16.93 -5.92
CA ARG B 704 22.32 -16.47 -7.19
C ARG B 704 22.31 -17.60 -8.20
N TYR B 705 21.48 -17.46 -9.24
CA TYR B 705 21.36 -18.50 -10.24
C TYR B 705 22.65 -18.66 -11.02
N ASP B 706 22.95 -19.90 -11.42
CA ASP B 706 24.19 -20.22 -12.10
C ASP B 706 24.15 -19.92 -13.59
N SER B 707 25.31 -19.58 -14.14
CA SER B 707 25.40 -19.34 -15.58
C SER B 707 25.45 -20.67 -16.33
N LEU B 708 25.29 -20.58 -17.65
CA LEU B 708 25.28 -21.78 -18.50
C LEU B 708 26.60 -22.52 -18.49
N GLU B 709 27.69 -21.77 -18.30
CA GLU B 709 29.02 -22.37 -18.32
C GLU B 709 29.24 -23.33 -17.15
N ILE B 710 28.94 -22.87 -15.94
CA ILE B 710 29.11 -23.70 -14.76
C ILE B 710 27.98 -24.72 -14.61
N LEU B 711 26.83 -24.45 -15.21
CA LEU B 711 25.74 -25.41 -15.19
C LEU B 711 26.10 -26.68 -15.96
N LYS B 712 26.79 -26.50 -17.09
CA LYS B 712 27.21 -27.62 -17.92
C LYS B 712 28.38 -28.39 -17.28
N GLN B 713 29.14 -27.70 -16.43
CA GLN B 713 30.29 -28.29 -15.76
C GLN B 713 29.91 -29.19 -14.59
N ASN B 714 28.75 -28.93 -14.00
CA ASN B 714 28.28 -29.68 -12.84
C ASN B 714 27.22 -30.70 -13.21
N SER B 715 27.10 -30.95 -14.50
CA SER B 715 26.13 -31.91 -15.01
C SER B 715 26.68 -33.33 -14.91
N ARG B 716 26.24 -34.05 -13.90
CA ARG B 716 26.67 -35.43 -13.68
C ARG B 716 26.12 -36.36 -14.75
N VAL B 717 26.71 -37.55 -14.86
CA VAL B 717 26.25 -38.57 -15.81
C VAL B 717 25.77 -39.85 -15.12
N ILE B 718 24.54 -40.25 -15.45
CA ILE B 718 23.94 -41.45 -14.89
C ILE B 718 23.15 -42.21 -15.97
N ARG B 719 23.31 -43.53 -16.00
CA ARG B 719 22.63 -44.40 -16.95
C ARG B 719 22.93 -44.04 -18.40
N SER B 720 24.17 -43.64 -18.66
CA SER B 720 24.69 -43.32 -20.00
C SER B 720 24.11 -42.05 -20.61
N GLN B 721 23.48 -41.23 -19.78
CA GLN B 721 22.90 -39.97 -20.23
C GLN B 721 23.26 -38.82 -19.28
N GLU B 722 23.38 -37.62 -19.83
CA GLU B 722 23.73 -36.45 -19.03
C GLU B 722 22.54 -35.83 -18.31
N ILE B 723 22.67 -35.64 -17.00
CA ILE B 723 21.58 -35.11 -16.18
C ILE B 723 22.04 -34.01 -15.22
N LEU B 724 21.32 -32.88 -15.22
CA LEU B 724 21.54 -31.80 -14.26
C LEU B 724 20.56 -31.89 -13.09
N ILE B 725 21.05 -32.26 -11.91
CA ILE B 725 20.19 -32.44 -10.74
C ILE B 725 20.17 -31.17 -9.89
N PRO B 726 18.96 -30.74 -9.48
CA PRO B 726 18.77 -29.49 -8.73
C PRO B 726 19.42 -29.54 -7.35
N THR B 727 20.04 -28.42 -6.96
CA THR B 727 20.63 -28.30 -5.63
C THR B 727 19.54 -28.04 -4.60
N HIS B 728 18.51 -27.31 -5.02
CA HIS B 728 17.38 -27.02 -4.15
C HIS B 728 16.08 -27.06 -4.93
N PHE B 729 14.96 -26.96 -4.21
CA PHE B 729 13.65 -26.79 -4.81
C PHE B 729 12.91 -25.67 -4.11
N PHE B 730 12.43 -24.69 -4.87
CA PHE B 730 11.70 -23.58 -4.25
C PHE B 730 10.19 -23.78 -4.34
N ILE B 731 9.49 -23.21 -3.35
CA ILE B 731 8.03 -23.21 -3.33
C ILE B 731 7.51 -21.96 -2.63
N VAL B 732 6.68 -21.19 -3.31
CA VAL B 732 6.15 -19.96 -2.74
C VAL B 732 4.64 -20.07 -2.50
N LEU B 733 4.22 -19.92 -1.25
CA LEU B 733 2.81 -20.00 -0.92
C LEU B 733 2.24 -18.59 -0.72
N THR B 734 1.23 -18.25 -1.50
CA THR B 734 0.59 -16.94 -1.44
C THR B 734 -0.90 -17.04 -1.11
N SER B 735 -1.34 -16.24 -0.16
CA SER B 735 -2.76 -16.20 0.22
C SER B 735 -3.20 -14.77 0.48
N CYS B 736 -4.47 -14.63 0.88
CA CYS B 736 -5.02 -13.32 1.17
C CYS B 736 -4.84 -12.98 2.64
N LYS B 737 -4.64 -11.69 2.91
CA LYS B 737 -4.49 -11.20 4.27
C LYS B 737 -5.87 -11.22 4.93
N GLN B 738 -6.91 -11.21 4.10
CA GLN B 738 -8.28 -11.32 4.59
C GLN B 738 -8.79 -12.73 4.28
N LEU B 739 -9.09 -13.50 5.33
CA LEU B 739 -9.47 -14.90 5.15
C LEU B 739 -10.80 -15.06 4.42
N SER B 740 -11.52 -13.95 4.25
CA SER B 740 -12.80 -13.95 3.55
C SER B 740 -12.60 -14.06 2.04
N GLU B 741 -11.38 -13.84 1.58
CA GLU B 741 -11.08 -13.83 0.16
C GLU B 741 -10.32 -15.06 -0.27
N THR B 742 -10.60 -15.53 -1.48
CA THR B 742 -9.85 -16.62 -2.09
C THR B 742 -8.65 -16.02 -2.81
N PRO B 743 -7.60 -16.83 -3.05
CA PRO B 743 -6.39 -16.36 -3.75
C PRO B 743 -6.65 -15.66 -5.10
N LEU B 744 -7.87 -15.74 -5.60
CA LEU B 744 -8.22 -15.12 -6.88
C LEU B 744 -8.81 -13.72 -6.68
N GLU B 745 -8.96 -13.31 -5.42
CA GLU B 745 -9.60 -12.04 -5.11
C GLU B 745 -8.96 -11.33 -3.92
N CYS B 746 -7.64 -11.47 -3.79
CA CYS B 746 -6.91 -10.86 -2.68
C CYS B 746 -6.87 -9.34 -2.76
N SER B 747 -7.11 -8.67 -1.63
CA SER B 747 -6.92 -7.23 -1.54
C SER B 747 -5.47 -6.96 -1.18
N ALA B 748 -4.94 -7.79 -0.29
CA ALA B 748 -3.52 -7.77 0.07
C ALA B 748 -3.00 -9.19 0.10
N LEU B 749 -1.68 -9.35 -0.10
CA LEU B 749 -1.09 -10.68 -0.21
C LEU B 749 -0.50 -11.19 1.10
N GLU B 750 -0.33 -12.51 1.17
CA GLU B 750 0.30 -13.15 2.31
C GLU B 750 1.28 -14.20 1.80
N SER B 751 2.53 -13.80 1.63
CA SER B 751 3.54 -14.68 1.04
C SER B 751 4.41 -15.40 2.06
N SER B 752 4.87 -16.58 1.68
CA SER B 752 5.83 -17.34 2.47
C SER B 752 6.57 -18.29 1.52
N ALA B 753 7.88 -18.09 1.40
CA ALA B 753 8.68 -18.87 0.47
C ALA B 753 9.59 -19.85 1.21
N TYR B 754 9.98 -20.91 0.51
CA TYR B 754 10.88 -21.91 1.05
C TYR B 754 11.91 -22.34 0.00
N ILE B 755 13.15 -22.53 0.44
CA ILE B 755 14.19 -23.09 -0.42
C ILE B 755 14.72 -24.37 0.21
N LEU B 756 14.17 -25.49 -0.22
CA LEU B 756 14.48 -26.78 0.38
C LEU B 756 15.72 -27.42 -0.25
N PRO B 757 16.67 -27.83 0.59
CA PRO B 757 17.90 -28.48 0.12
C PRO B 757 17.60 -29.86 -0.49
N HIS B 758 18.15 -30.10 -1.68
CA HIS B 758 17.94 -31.37 -2.35
C HIS B 758 19.06 -32.35 -2.01
N ARG B 759 18.81 -33.19 -1.00
CA ARG B 759 19.82 -34.11 -0.50
C ARG B 759 19.50 -35.55 -0.86
N PRO B 760 20.55 -36.33 -1.16
CA PRO B 760 20.45 -37.77 -1.47
C PRO B 760 20.04 -38.56 -0.23
N ASP B 761 20.24 -37.98 0.94
CA ASP B 761 19.88 -38.63 2.19
C ASP B 761 19.25 -37.68 3.20
N ASN B 762 18.77 -38.23 4.31
CA ASN B 762 18.17 -37.40 5.34
C ASN B 762 19.00 -37.41 6.62
N ILE B 763 20.31 -37.22 6.48
CA ILE B 763 21.19 -37.20 7.63
C ILE B 763 20.94 -35.92 8.41
N GLU B 764 20.59 -34.87 7.67
CA GLU B 764 20.31 -33.56 8.26
C GLU B 764 19.11 -33.60 9.20
N SER B 765 18.15 -34.46 8.90
CA SER B 765 16.90 -34.46 9.64
C SER B 765 16.91 -35.38 10.85
N CYS B 766 17.82 -36.34 10.88
CA CYS B 766 17.86 -37.37 11.92
C CYS B 766 16.51 -38.06 12.06
N THR B 767 16.07 -38.71 10.99
CA THR B 767 14.74 -39.30 10.96
C THR B 767 14.56 -40.43 11.99
N HIS B 768 15.61 -41.20 12.23
CA HIS B 768 15.54 -42.30 13.19
C HIS B 768 15.16 -41.87 14.60
N GLY B 769 13.95 -42.19 15.05
CA GLY B 769 13.53 -41.76 16.37
C GLY B 769 12.34 -40.83 16.48
N LYS B 770 12.00 -40.18 15.38
CA LYS B 770 10.87 -39.24 15.37
C LYS B 770 9.74 -39.62 14.43
N ARG B 771 8.70 -38.78 14.47
CA ARG B 771 7.53 -38.92 13.61
C ARG B 771 7.65 -38.06 12.36
N GLU B 772 7.11 -38.57 11.26
CA GLU B 772 7.25 -37.93 9.95
C GLU B 772 6.65 -36.53 9.93
N SER B 773 5.52 -36.36 10.62
CA SER B 773 4.84 -35.07 10.62
C SER B 773 5.62 -34.00 11.37
N SER B 774 6.63 -34.41 12.13
CA SER B 774 7.42 -33.49 12.92
C SER B 774 8.65 -32.99 12.18
N TRP B 775 9.50 -33.91 11.74
CA TRP B 775 10.79 -33.51 11.16
C TRP B 775 10.66 -32.84 9.80
N VAL B 776 9.62 -33.17 9.05
CA VAL B 776 9.42 -32.56 7.74
C VAL B 776 9.07 -31.08 7.93
N GLU B 777 8.09 -30.82 8.77
CA GLU B 777 7.68 -29.45 9.06
C GLU B 777 8.82 -28.62 9.67
N GLU B 778 9.67 -29.28 10.46
CA GLU B 778 10.81 -28.62 11.07
C GLU B 778 11.88 -28.27 10.04
N LEU B 779 11.93 -29.05 8.97
CA LEU B 779 12.88 -28.80 7.89
C LEU B 779 12.36 -27.66 7.04
N LEU B 780 11.04 -27.65 6.83
CA LEU B 780 10.38 -26.59 6.09
C LEU B 780 10.59 -25.25 6.78
N THR B 781 10.33 -25.21 8.08
CA THR B 781 10.44 -23.98 8.86
C THR B 781 11.86 -23.44 8.88
N LEU B 782 12.83 -24.36 8.93
CA LEU B 782 14.23 -23.98 8.98
C LEU B 782 14.72 -23.37 7.66
N HIS B 783 14.18 -23.88 6.55
CA HIS B 783 14.61 -23.41 5.24
C HIS B 783 13.61 -22.44 4.60
N ARG B 784 12.88 -21.72 5.43
CA ARG B 784 12.03 -20.63 4.98
C ARG B 784 12.95 -19.55 4.42
N ALA B 785 12.46 -18.79 3.44
CA ALA B 785 13.31 -17.78 2.81
C ALA B 785 12.48 -16.59 2.34
N ARG B 786 13.15 -15.46 2.09
CA ARG B 786 12.48 -14.31 1.50
C ARG B 786 12.08 -14.65 0.09
N VAL B 787 11.03 -14.00 -0.40
CA VAL B 787 10.62 -14.17 -1.79
C VAL B 787 11.72 -13.61 -2.68
N THR B 788 12.40 -12.59 -2.19
CA THR B 788 13.54 -12.01 -2.89
C THR B 788 14.66 -13.03 -3.02
N ASP B 789 14.86 -13.81 -1.97
CA ASP B 789 15.87 -14.87 -1.97
C ASP B 789 15.63 -15.91 -3.06
N VAL B 790 14.37 -16.30 -3.22
CA VAL B 790 13.97 -17.24 -4.27
C VAL B 790 14.19 -16.59 -5.63
N GLU B 791 13.84 -15.31 -5.72
CA GLU B 791 14.02 -14.54 -6.93
C GLU B 791 15.48 -14.47 -7.34
N LEU B 792 16.34 -14.19 -6.37
CA LEU B 792 17.76 -14.02 -6.62
C LEU B 792 18.41 -15.32 -7.09
N ILE B 793 17.91 -16.43 -6.58
CA ILE B 793 18.51 -17.74 -6.83
C ILE B 793 17.92 -18.48 -8.03
N THR B 794 16.78 -17.99 -8.53
CA THR B 794 16.13 -18.62 -9.67
C THR B 794 16.08 -17.70 -10.89
N GLY B 795 16.30 -16.41 -10.65
CA GLY B 795 16.25 -15.43 -11.72
C GLY B 795 14.83 -15.22 -12.19
N LEU B 796 13.89 -15.25 -11.25
CA LEU B 796 12.48 -15.05 -11.58
C LEU B 796 11.97 -13.84 -10.81
N SER B 797 10.91 -13.22 -11.31
CA SER B 797 10.32 -12.07 -10.65
C SER B 797 8.83 -12.29 -10.45
N PHE B 798 8.36 -12.23 -9.22
CA PHE B 798 6.97 -12.53 -8.91
C PHE B 798 6.14 -11.27 -8.69
N TYR B 799 4.82 -11.42 -8.81
CA TYR B 799 3.87 -10.37 -8.46
C TYR B 799 3.99 -9.07 -9.24
N GLN B 800 4.45 -9.15 -10.49
CA GLN B 800 4.66 -7.93 -11.27
C GLN B 800 3.34 -7.28 -11.74
N ASP B 801 2.30 -8.08 -11.89
CA ASP B 801 1.00 -7.58 -12.32
C ASP B 801 0.09 -7.27 -11.14
N ARG B 802 0.66 -7.40 -9.94
CA ARG B 802 -0.07 -7.15 -8.70
C ARG B 802 -0.38 -5.66 -8.54
N GLN B 803 -1.51 -5.35 -7.92
CA GLN B 803 -2.01 -3.98 -7.82
C GLN B 803 -1.13 -3.06 -6.97
N GLU B 804 -0.46 -3.62 -5.97
CA GLU B 804 0.40 -2.83 -5.09
C GLU B 804 1.58 -2.24 -5.86
N SER B 805 2.14 -1.15 -5.35
CA SER B 805 3.26 -0.50 -6.01
C SER B 805 4.53 -1.32 -5.87
N VAL B 806 5.56 -0.97 -6.64
CA VAL B 806 6.83 -1.70 -6.59
C VAL B 806 7.41 -1.66 -5.17
N SER B 807 7.39 -0.47 -4.56
CA SER B 807 7.90 -0.27 -3.22
C SER B 807 7.16 -1.13 -2.19
N GLU B 808 5.85 -1.25 -2.35
CA GLU B 808 5.03 -2.09 -1.47
C GLU B 808 5.40 -3.55 -1.67
N LEU B 809 5.58 -3.95 -2.92
CA LEU B 809 5.91 -5.32 -3.27
C LEU B 809 7.31 -5.73 -2.81
N LEU B 810 8.22 -4.77 -2.78
CA LEU B 810 9.56 -5.04 -2.25
C LEU B 810 9.47 -5.34 -0.76
N ARG B 811 8.62 -4.59 -0.05
CA ARG B 811 8.40 -4.81 1.37
C ARG B 811 7.88 -6.23 1.59
N LEU B 812 7.00 -6.69 0.70
CA LEU B 812 6.39 -8.00 0.82
C LEU B 812 7.40 -9.12 0.60
N LYS B 813 8.28 -8.92 -0.38
CA LYS B 813 9.21 -9.97 -0.78
C LYS B 813 10.43 -10.13 0.13
N THR B 814 10.72 -9.10 0.93
CA THR B 814 11.87 -9.16 1.83
C THR B 814 11.49 -9.61 3.24
N HIS B 815 10.27 -10.13 3.41
CA HIS B 815 9.79 -10.47 4.74
C HIS B 815 10.15 -11.91 5.17
N LEU B 816 10.49 -12.06 6.45
CA LEU B 816 10.70 -13.37 7.07
C LEU B 816 10.11 -13.35 8.48
N PRO B 817 9.47 -14.45 8.89
CA PRO B 817 8.91 -14.56 10.24
C PRO B 817 9.96 -14.77 11.32
N ILE B 818 9.74 -14.19 12.48
CA ILE B 818 10.66 -14.34 13.60
C ILE B 818 10.30 -15.55 14.46
N PHE B 819 11.29 -16.40 14.72
CA PHE B 819 11.10 -17.57 15.58
C PHE B 819 10.91 -17.15 17.04
N SER B 820 9.89 -17.70 17.68
CA SER B 820 9.58 -17.42 19.08
C SER B 820 9.35 -15.93 19.34
C1 NAG C . -13.30 21.31 -8.51
C2 NAG C . -13.51 22.23 -7.32
C3 NAG C . -13.66 23.70 -7.73
C4 NAG C . -12.74 24.12 -8.88
C5 NAG C . -12.51 23.01 -9.92
C6 NAG C . -11.34 23.37 -10.84
C7 NAG C . -14.56 21.37 -5.33
C8 NAG C . -15.83 20.99 -4.64
N2 NAG C . -14.68 21.85 -6.57
O3 NAG C . -13.41 24.49 -6.60
O4 NAG C . -13.35 25.20 -9.54
O5 NAG C . -12.24 21.77 -9.31
O6 NAG C . -10.12 23.16 -10.15
O7 NAG C . -13.47 21.24 -4.76
C1 NAG C . -12.64 26.44 -9.31
C2 NAG C . -12.89 27.36 -10.50
C3 NAG C . -12.30 28.75 -10.30
C4 NAG C . -12.62 29.30 -8.91
C5 NAG C . -12.34 28.26 -7.82
C6 NAG C . -12.74 28.75 -6.44
C7 NAG C . -13.16 26.23 -12.64
C8 NAG C . -12.55 25.98 -13.99
N2 NAG C . -12.36 26.76 -11.71
O3 NAG C . -12.80 29.61 -11.27
O4 NAG C . -11.85 30.47 -8.70
O5 NAG C . -13.04 27.08 -8.11
O6 NAG C . -14.12 28.55 -6.25
O7 NAG C . -14.35 25.94 -12.43
C1 BMA C . -12.72 31.62 -8.60
C2 BMA C . -12.01 32.73 -7.83
C3 BMA C . -12.99 33.85 -7.55
C4 BMA C . -13.70 34.29 -8.83
C5 BMA C . -14.21 33.08 -9.63
C6 BMA C . -14.79 33.48 -10.99
O2 BMA C . -10.94 33.20 -8.60
O3 BMA C . -12.33 34.93 -6.95
O4 BMA C . -14.80 35.10 -8.46
O5 BMA C . -13.16 32.15 -9.82
O6 BMA C . -13.84 34.12 -11.82
C1 MAN C . -14.40 35.33 -12.35
C2 MAN C . -13.29 36.19 -12.96
C3 MAN C . -13.02 37.48 -12.16
C4 MAN C . -14.31 38.24 -11.89
C5 MAN C . -15.53 37.35 -11.67
C6 MAN C . -16.51 37.35 -12.84
O2 MAN C . -13.63 36.51 -14.29
O3 MAN C . -12.15 38.34 -12.87
O4 MAN C . -14.14 39.05 -10.74
O5 MAN C . -15.12 36.03 -11.35
O6 MAN C . -17.61 38.18 -12.55
C1 MAN C . -10.76 38.28 -12.45
C2 MAN C . -9.99 37.15 -13.14
C3 MAN C . -8.96 36.52 -12.20
C4 MAN C . -8.27 37.60 -11.36
C5 MAN C . -9.31 38.39 -10.56
C6 MAN C . -9.01 39.89 -10.61
O2 MAN C . -9.37 37.66 -14.30
O3 MAN C . -7.99 35.80 -12.92
O4 MAN C . -7.35 37.00 -10.48
O5 MAN C . -10.62 38.15 -11.05
O6 MAN C . -7.66 40.09 -10.26
C1 MAN C . -12.14 34.66 -5.55
C2 MAN C . -12.67 35.83 -4.73
C3 MAN C . -11.81 37.07 -4.99
C4 MAN C . -10.33 36.76 -4.80
C5 MAN C . -9.93 35.50 -5.58
C6 MAN C . -8.49 35.11 -5.30
O2 MAN C . -12.68 35.50 -3.36
O3 MAN C . -12.21 38.10 -4.11
O4 MAN C . -9.55 37.83 -5.24
O5 MAN C . -10.78 34.43 -5.22
O6 MAN C . -8.12 34.05 -6.15
C1 NAG D . 25.29 -9.16 -2.73
C2 NAG D . 25.16 -10.33 -3.69
C3 NAG D . 26.44 -10.57 -4.48
C4 NAG D . 27.13 -9.29 -4.96
C5 NAG D . 26.95 -8.10 -4.02
C6 NAG D . 27.22 -6.79 -4.75
C7 NAG D . 23.70 -12.20 -3.20
C8 NAG D . 23.25 -13.19 -2.16
N2 NAG D . 24.81 -11.52 -2.94
O3 NAG D . 26.14 -11.37 -5.60
O4 NAG D . 28.50 -9.60 -5.05
O5 NAG D . 25.66 -8.01 -3.46
O6 NAG D . 26.61 -6.81 -6.03
O7 NAG D . 23.06 -12.05 -4.24
C1 NAG D . 29.01 -9.38 -6.38
C2 NAG D . 30.48 -8.96 -6.28
C3 NAG D . 31.15 -8.84 -7.64
C4 NAG D . 30.80 -10.00 -8.56
C5 NAG D . 29.28 -10.24 -8.56
C6 NAG D . 28.90 -11.40 -9.46
C7 NAG D . 31.06 -7.66 -4.29
C8 NAG D . 31.46 -6.30 -3.78
N2 NAG D . 30.60 -7.71 -5.55
O3 NAG D . 32.55 -8.79 -7.47
O4 NAG D . 31.25 -9.72 -9.86
O5 NAG D . 28.85 -10.50 -7.24
O6 NAG D . 29.50 -12.60 -9.00
O7 NAG D . 31.15 -8.64 -3.56
C1 NAG E . -36.65 34.48 -22.12
C2 NAG E . -37.10 35.87 -22.55
C3 NAG E . -38.54 35.89 -23.09
C4 NAG E . -38.76 34.74 -24.07
C5 NAG E . -38.33 33.42 -23.44
C6 NAG E . -38.58 32.26 -24.39
C7 NAG E . -36.01 37.72 -21.41
C8 NAG E . -35.89 38.52 -20.14
N2 NAG E . -36.98 36.81 -21.45
O3 NAG E . -38.77 37.11 -23.75
O4 NAG E . -40.11 34.69 -24.44
O5 NAG E . -36.97 33.49 -23.09
O6 NAG E . -37.95 32.52 -25.63
O7 NAG E . -35.24 37.92 -22.35
C1 NAG F . -26.70 10.20 -40.33
C2 NAG F . -26.98 11.06 -41.57
C3 NAG F . -27.54 10.23 -42.71
C4 NAG F . -26.74 8.97 -42.94
C5 NAG F . -26.53 8.22 -41.63
C6 NAG F . -25.64 6.98 -41.84
C7 NAG F . -27.51 13.39 -41.20
C8 NAG F . -28.52 14.39 -40.70
N2 NAG F . -27.90 12.12 -41.23
O3 NAG F . -27.52 11.01 -43.89
O4 NAG F . -27.40 8.13 -43.87
O5 NAG F . -25.94 9.05 -40.66
O6 NAG F . -24.39 7.38 -42.35
O7 NAG F . -26.40 13.76 -41.57
O3P C5P G . -28.64 10.28 -20.79
P C5P G . -29.02 9.29 -21.84
O1P C5P G . -30.54 9.21 -21.73
O2P C5P G . -28.20 8.08 -21.55
O5' C5P G . -28.59 9.95 -23.22
C5' C5P G . -27.95 9.18 -24.24
C4' C5P G . -28.25 9.71 -25.63
O4' C5P G . -27.48 10.89 -25.86
C3' C5P G . -27.88 8.77 -26.75
O3' C5P G . -29.01 7.96 -27.08
C2' C5P G . -27.59 9.73 -27.93
O2' C5P G . -28.59 9.75 -28.92
C1' C5P G . -27.40 11.10 -27.26
N1 C5P G . -26.14 11.75 -27.57
C2 C5P G . -26.14 13.02 -28.26
N3 C5P G . -24.87 13.65 -28.58
C4 C5P G . -23.65 13.02 -28.21
C5 C5P G . -23.66 11.72 -27.51
C6 C5P G . -24.94 11.08 -27.19
O2 C5P G . -27.14 13.57 -28.57
N4 C5P G . -22.49 13.62 -28.51
ZN ZN H . -25.95 7.49 -20.89
ZN ZN I . -29.89 6.64 -21.16
CA CA J . -16.66 27.85 0.63
C1 NAG K . 51.18 -19.37 8.02
C2 NAG K . 52.56 -19.94 7.65
C3 NAG K . 53.28 -20.58 8.83
C4 NAG K . 53.14 -19.74 10.10
C5 NAG K . 51.68 -19.41 10.34
C6 NAG K . 51.44 -18.63 11.64
C7 NAG K . 52.51 -20.62 5.31
C8 NAG K . 52.28 -21.75 4.33
N2 NAG K . 52.40 -20.94 6.60
O3 NAG K . 54.65 -20.71 8.52
O4 NAG K . 53.69 -20.44 11.19
O5 NAG K . 51.21 -18.65 9.24
O6 NAG K . 51.79 -17.28 11.47
O7 NAG K . 52.77 -19.49 4.91
C1 NAG L . 42.06 6.01 25.65
C2 NAG L . 43.57 6.22 25.80
C3 NAG L . 43.97 6.63 27.22
C4 NAG L . 43.10 7.79 27.69
C5 NAG L . 41.63 7.40 27.57
C6 NAG L . 40.71 8.53 28.05
C7 NAG L . 44.93 4.94 24.25
C8 NAG L . 46.06 3.95 24.17
N2 NAG L . 44.29 5.01 25.41
O3 NAG L . 45.33 7.02 27.24
O4 NAG L . 43.43 8.13 29.02
O5 NAG L . 41.32 7.07 26.22
O6 NAG L . 40.88 9.68 27.26
O7 NAG L . 44.63 5.63 23.27
O3P C5P M . 30.49 -9.48 21.33
P C5P M . 30.49 -8.27 20.45
O1P C5P M . 30.96 -8.78 19.09
O2P C5P M . 29.17 -7.64 20.58
O5' C5P M . 31.61 -7.34 21.10
C5' C5P M . 32.51 -6.62 20.27
C4' C5P M . 33.49 -5.81 21.08
O4' C5P M . 34.27 -5.00 20.19
C3' C5P M . 32.87 -4.84 22.07
O3' C5P M . 32.82 -5.45 23.36
C2' C5P M . 33.86 -3.66 22.11
O2' C5P M . 34.59 -3.54 23.29
C1' C5P M . 34.77 -3.88 20.88
N1 C5P M . 34.81 -2.78 19.96
C2 C5P M . 35.69 -2.84 18.81
N3 C5P M . 35.71 -1.71 17.89
C4 C5P M . 34.87 -0.59 18.14
C5 C5P M . 33.98 -0.56 19.31
C6 C5P M . 33.95 -1.69 20.24
O2 C5P M . 36.40 -3.77 18.60
N4 C5P M . 34.88 0.45 17.30
ZN ZN N . 27.89 -6.12 19.37
ZN ZN O . 28.77 -8.44 22.57
CA CA P . 25.24 -19.06 -8.61
#